data_7Q9Y
#
_entry.id   7Q9Y
#
_cell.length_a   1.00
_cell.length_b   1.00
_cell.length_c   1.00
_cell.angle_alpha   90.00
_cell.angle_beta   90.00
_cell.angle_gamma   90.00
#
_symmetry.space_group_name_H-M   'P 1'
#
_entity_poly.entity_id   1
_entity_poly.type   'polypeptide(L)'
_entity_poly.pdbx_seq_one_letter_code
;NDIGKTTTITRNKTSDGYTIITQNDKQIISYQSVDSSSKNEDGFTASIDARFIDDKYSSEMTTLINLTGFMSSKKEDVIK
KYNLHDVTNSTAINFPVRYSISILNESINENVKIVDSIPKNTISQKTVSNTMGYKIGGSIEIEENKPKASIESEYAESST
IEYVQPDFSTIQTDHSTSKASWDTKFTETTRGNYNLKSNNPVYGNEMFMYGRYTNVPATENIIPDYQMSKLITGGLNPNM
SVVLTAPNGTEESIIKVKMERERNCYYLNWNGANWVGQVYSRLAFDTPNVDSHIFTFKINWLTHKVTAI
;
_entity_poly.pdbx_strand_id   A,B,C,D,E,F,G,H
#
# COMPACT_ATOMS: atom_id res chain seq x y z
N THR A 8 -10.03 -43.11 2.76
CA THR A 8 -11.44 -42.84 2.52
C THR A 8 -11.80 -43.19 1.09
N ILE A 9 -11.21 -44.27 0.58
CA ILE A 9 -11.43 -44.74 -0.78
C ILE A 9 -12.00 -46.15 -0.75
N THR A 10 -12.91 -46.43 -1.67
CA THR A 10 -13.50 -47.75 -1.84
C THR A 10 -13.10 -48.24 -3.23
N ARG A 11 -12.46 -49.41 -3.29
CA ARG A 11 -11.96 -49.93 -4.55
C ARG A 11 -12.54 -51.31 -4.83
N ASN A 12 -12.63 -51.64 -6.11
CA ASN A 12 -13.16 -52.93 -6.53
C ASN A 12 -12.47 -53.38 -7.81
N LYS A 13 -12.19 -54.68 -7.87
CA LYS A 13 -11.58 -55.31 -9.03
C LYS A 13 -12.63 -56.18 -9.73
N THR A 14 -12.36 -56.49 -10.99
CA THR A 14 -13.25 -57.33 -11.79
C THR A 14 -12.44 -58.38 -12.54
N SER A 15 -13.11 -59.48 -12.88
CA SER A 15 -12.45 -60.57 -13.60
C SER A 15 -12.18 -60.21 -15.05
N ASP A 16 -13.12 -59.53 -15.71
CA ASP A 16 -13.06 -59.31 -17.15
C ASP A 16 -12.14 -58.13 -17.45
N GLY A 17 -10.93 -58.43 -17.91
CA GLY A 17 -9.98 -57.39 -18.22
C GLY A 17 -9.31 -56.78 -17.01
N TYR A 18 -9.54 -57.33 -15.82
CA TYR A 18 -9.00 -56.80 -14.58
C TYR A 18 -9.37 -55.33 -14.40
N THR A 19 -10.62 -55.00 -14.71
CA THR A 19 -11.11 -53.63 -14.59
C THR A 19 -11.16 -53.23 -13.12
N ILE A 20 -10.63 -52.05 -12.81
CA ILE A 20 -10.61 -51.53 -11.44
C ILE A 20 -11.43 -50.25 -11.38
N ILE A 21 -12.33 -50.16 -10.42
CA ILE A 21 -13.22 -49.00 -10.27
C ILE A 21 -13.06 -48.45 -8.85
N THR A 22 -12.29 -47.37 -8.72
CA THR A 22 -12.09 -46.71 -7.43
C THR A 22 -13.04 -45.52 -7.26
N GLN A 23 -13.56 -45.35 -6.05
CA GLN A 23 -14.41 -44.22 -5.70
C GLN A 23 -13.92 -43.56 -4.42
N ASN A 24 -14.12 -42.25 -4.32
CA ASN A 24 -13.70 -41.45 -3.16
C ASN A 24 -14.90 -41.10 -2.30
N ASP A 25 -14.75 -41.29 -0.99
CA ASP A 25 -15.78 -40.93 -0.01
C ASP A 25 -15.45 -39.56 0.57
N LYS A 26 -16.26 -38.56 0.23
CA LYS A 26 -16.05 -37.17 0.62
C LYS A 26 -16.98 -36.78 1.77
N GLN A 27 -16.59 -35.73 2.50
CA GLN A 27 -17.36 -35.31 3.67
C GLN A 27 -18.53 -34.39 3.31
N ILE A 28 -18.30 -33.38 2.47
CA ILE A 28 -19.29 -32.35 2.20
C ILE A 28 -19.69 -32.46 0.73
N ILE A 29 -20.98 -32.63 0.47
CA ILE A 29 -21.49 -32.67 -0.90
C ILE A 29 -22.59 -31.62 -1.06
N SER A 30 -22.49 -30.79 -2.09
CA SER A 30 -23.51 -29.78 -2.32
C SER A 30 -24.22 -30.01 -3.65
N TYR A 31 -25.47 -29.57 -3.72
CA TYR A 31 -26.27 -29.63 -4.93
C TYR A 31 -26.83 -28.24 -5.20
N GLN A 32 -26.96 -27.86 -6.48
CA GLN A 32 -27.41 -26.53 -6.83
C GLN A 32 -28.52 -26.58 -7.88
N SER A 33 -29.57 -25.80 -7.65
CA SER A 33 -30.67 -25.66 -8.59
C SER A 33 -31.10 -24.20 -8.62
N VAL A 34 -31.54 -23.71 -9.78
CA VAL A 34 -31.99 -22.34 -9.90
C VAL A 34 -33.34 -22.24 -10.59
N ASP A 35 -34.08 -21.18 -10.24
CA ASP A 35 -35.40 -20.94 -10.79
C ASP A 35 -35.65 -19.44 -10.90
N SER A 36 -36.38 -19.05 -11.93
CA SER A 36 -36.65 -17.63 -12.19
C SER A 36 -38.11 -17.41 -12.54
N SER A 37 -38.57 -16.18 -12.35
CA SER A 37 -39.93 -15.80 -12.69
C SER A 37 -39.99 -14.29 -12.86
N SER A 38 -40.99 -13.83 -13.61
CA SER A 38 -41.11 -12.41 -13.89
C SER A 38 -42.57 -11.99 -14.07
N LYS A 39 -42.80 -10.69 -13.88
CA LYS A 39 -44.07 -10.00 -14.12
C LYS A 39 -43.74 -8.77 -14.97
N ASN A 40 -43.85 -8.94 -16.29
CA ASN A 40 -43.42 -7.93 -17.25
C ASN A 40 -44.21 -6.63 -17.12
N GLU A 41 -45.49 -6.71 -16.72
CA GLU A 41 -46.30 -5.50 -16.62
C GLU A 41 -45.75 -4.53 -15.59
N ASP A 42 -45.13 -5.03 -14.53
CA ASP A 42 -44.58 -4.19 -13.49
C ASP A 42 -43.06 -4.08 -13.58
N GLY A 43 -42.45 -4.77 -14.53
CA GLY A 43 -41.00 -4.79 -14.60
C GLY A 43 -40.37 -5.43 -13.39
N PHE A 44 -40.95 -6.52 -12.89
CA PHE A 44 -40.42 -7.19 -11.71
C PHE A 44 -39.88 -8.56 -12.10
N THR A 45 -38.63 -8.85 -11.75
CA THR A 45 -38.10 -10.17 -12.03
C THR A 45 -37.38 -10.67 -10.80
N ALA A 46 -37.50 -11.97 -10.53
CA ALA A 46 -36.88 -12.55 -9.35
C ALA A 46 -36.32 -13.93 -9.69
N SER A 47 -35.17 -14.23 -9.09
CA SER A 47 -34.52 -15.52 -9.27
C SER A 47 -34.09 -16.01 -7.90
N ILE A 48 -34.22 -17.32 -7.71
CA ILE A 48 -33.79 -18.00 -6.50
C ILE A 48 -32.77 -19.07 -6.86
N ASP A 49 -31.62 -19.02 -6.21
CA ASP A 49 -30.60 -20.04 -6.36
C ASP A 49 -30.55 -20.82 -5.05
N ALA A 50 -30.76 -22.12 -5.11
CA ALA A 50 -30.80 -22.94 -3.92
C ALA A 50 -29.66 -23.93 -3.92
N ARG A 51 -28.99 -24.05 -2.78
CA ARG A 51 -27.92 -25.01 -2.59
C ARG A 51 -28.25 -25.90 -1.41
N PHE A 52 -28.13 -27.21 -1.58
CA PHE A 52 -28.44 -28.21 -0.57
C PHE A 52 -27.15 -28.81 -0.09
N ILE A 53 -26.93 -28.85 1.23
CA ILE A 53 -25.65 -29.34 1.74
C ILE A 53 -25.83 -30.64 2.53
N ASP A 54 -25.13 -31.68 2.10
CA ASP A 54 -25.08 -32.99 2.76
C ASP A 54 -23.74 -33.10 3.50
N ASP A 55 -23.80 -33.03 4.84
CA ASP A 55 -22.62 -33.12 5.68
C ASP A 55 -22.75 -34.30 6.62
N LYS A 56 -21.72 -35.14 6.69
CA LYS A 56 -21.77 -36.34 7.51
C LYS A 56 -21.72 -36.04 9.01
N TYR A 57 -21.23 -34.87 9.41
CA TYR A 57 -21.09 -34.54 10.82
C TYR A 57 -22.15 -33.57 11.32
N SER A 58 -23.12 -33.21 10.49
CA SER A 58 -24.16 -32.27 10.91
C SER A 58 -25.41 -33.01 11.34
N SER A 59 -26.11 -32.45 12.31
CA SER A 59 -27.30 -33.10 12.86
C SER A 59 -28.57 -32.84 12.06
N GLU A 60 -28.58 -31.87 11.14
CA GLU A 60 -29.81 -31.51 10.45
C GLU A 60 -29.49 -31.01 9.05
N MET A 61 -30.52 -30.99 8.20
CA MET A 61 -30.31 -30.56 6.83
C MET A 61 -30.24 -29.05 6.73
N THR A 62 -29.39 -28.57 5.81
CA THR A 62 -29.21 -27.15 5.55
C THR A 62 -29.40 -26.82 4.07
N THR A 63 -30.15 -25.76 3.81
CA THR A 63 -30.35 -25.21 2.47
C THR A 63 -30.04 -23.73 2.47
N LEU A 64 -29.27 -23.28 1.49
CA LEU A 64 -28.93 -21.87 1.33
C LEU A 64 -29.78 -21.33 0.19
N ILE A 65 -30.45 -20.20 0.44
CA ILE A 65 -31.39 -19.64 -0.53
C ILE A 65 -30.90 -18.24 -0.91
N ASN A 66 -30.11 -18.15 -1.98
CA ASN A 66 -29.73 -16.85 -2.48
C ASN A 66 -30.87 -16.28 -3.32
N LEU A 67 -30.97 -14.95 -3.34
CA LEU A 67 -31.98 -14.25 -4.11
C LEU A 67 -31.33 -13.15 -4.95
N THR A 68 -31.83 -13.01 -6.17
CA THR A 68 -31.39 -11.99 -7.11
C THR A 68 -32.61 -11.54 -7.91
N GLY A 69 -32.46 -10.50 -8.68
CA GLY A 69 -33.56 -10.07 -9.53
C GLY A 69 -33.37 -8.66 -10.04
N PHE A 70 -34.38 -8.18 -10.76
CA PHE A 70 -34.38 -6.81 -11.26
C PHE A 70 -35.70 -6.08 -10.99
N MET A 71 -35.61 -4.90 -10.37
CA MET A 71 -36.75 -4.02 -10.17
C MET A 71 -36.54 -2.76 -10.99
N SER A 72 -37.24 -2.64 -12.11
CA SER A 72 -37.00 -1.49 -12.97
C SER A 72 -37.57 -0.23 -12.33
N SER A 73 -36.95 0.90 -12.65
CA SER A 73 -37.37 2.20 -12.15
C SER A 73 -38.01 2.98 -13.28
N LYS A 74 -39.22 3.49 -13.04
CA LYS A 74 -39.96 4.19 -14.08
C LYS A 74 -39.59 5.66 -14.10
N LYS A 75 -39.78 6.27 -15.26
CA LYS A 75 -39.38 7.66 -15.46
C LYS A 75 -40.27 8.37 -16.48
N THR A 91 -43.21 21.39 -15.89
CA THR A 91 -43.52 19.98 -16.11
C THR A 91 -43.50 19.21 -14.82
N ALA A 92 -43.64 17.88 -14.92
CA ALA A 92 -43.53 17.02 -13.76
C ALA A 92 -42.91 15.71 -14.19
N ILE A 93 -42.01 15.18 -13.36
CA ILE A 93 -41.32 13.94 -13.63
C ILE A 93 -41.51 12.99 -12.46
N ASN A 94 -41.94 11.77 -12.75
CA ASN A 94 -42.03 10.73 -11.74
C ASN A 94 -40.68 10.06 -11.53
N PHE A 95 -40.30 9.87 -10.26
CA PHE A 95 -39.01 9.35 -9.92
C PHE A 95 -39.08 8.55 -8.64
N PRO A 96 -38.57 7.31 -8.62
CA PRO A 96 -38.70 6.46 -7.43
C PRO A 96 -38.02 7.07 -6.22
N VAL A 97 -38.41 6.57 -5.04
CA VAL A 97 -37.90 7.10 -3.79
C VAL A 97 -37.62 5.99 -2.78
N ARG A 98 -38.25 4.83 -2.95
CA ARG A 98 -37.98 3.74 -2.03
C ARG A 98 -38.24 2.37 -2.62
N TYR A 99 -37.39 1.41 -2.27
CA TYR A 99 -37.58 0.02 -2.65
C TYR A 99 -37.68 -0.81 -1.39
N SER A 100 -38.38 -1.95 -1.47
CA SER A 100 -38.46 -2.82 -0.30
C SER A 100 -38.61 -4.28 -0.73
N ILE A 101 -37.86 -5.17 -0.06
CA ILE A 101 -37.85 -6.60 -0.33
C ILE A 101 -38.09 -7.38 0.95
N SER A 102 -38.95 -8.40 0.88
CA SER A 102 -39.21 -9.22 2.05
C SER A 102 -39.28 -10.70 1.69
N ILE A 103 -38.65 -11.54 2.51
CA ILE A 103 -38.65 -12.99 2.30
C ILE A 103 -39.45 -13.62 3.44
N LEU A 104 -40.45 -14.43 3.09
CA LEU A 104 -41.34 -15.07 4.04
C LEU A 104 -41.25 -16.59 3.98
N ASN A 105 -41.07 -17.20 5.16
CA ASN A 105 -41.04 -18.64 5.35
C ASN A 105 -42.46 -19.07 5.73
N GLU A 106 -43.10 -19.88 4.90
CA GLU A 106 -44.49 -20.24 5.11
C GLU A 106 -44.72 -21.65 5.62
N SER A 107 -43.68 -22.35 6.06
CA SER A 107 -43.84 -23.71 6.56
C SER A 107 -43.38 -23.80 8.01
N ILE A 108 -43.81 -22.84 8.83
CA ILE A 108 -43.37 -22.76 10.21
C ILE A 108 -43.84 -23.98 11.00
N ASN A 109 -45.05 -24.47 10.71
CA ASN A 109 -45.58 -25.58 11.48
C ASN A 109 -44.89 -26.90 11.16
N GLU A 110 -43.97 -26.91 10.20
CA GLU A 110 -43.22 -28.11 9.85
C GLU A 110 -41.81 -28.09 10.42
N ASN A 111 -41.51 -27.10 11.26
CA ASN A 111 -40.18 -26.92 11.88
C ASN A 111 -39.11 -26.58 10.84
N VAL A 112 -39.45 -25.77 9.86
CA VAL A 112 -38.47 -25.18 8.95
C VAL A 112 -38.21 -23.75 9.41
N LYS A 113 -36.95 -23.40 9.62
CA LYS A 113 -36.60 -22.20 10.36
C LYS A 113 -35.54 -21.37 9.62
N ILE A 114 -35.59 -20.06 9.79
CA ILE A 114 -34.63 -19.13 9.21
C ILE A 114 -33.57 -18.83 10.27
N VAL A 115 -32.40 -19.42 10.14
CA VAL A 115 -31.37 -19.19 11.15
C VAL A 115 -30.48 -17.98 10.86
N ASP A 116 -30.30 -17.61 9.58
CA ASP A 116 -29.39 -16.49 9.31
C ASP A 116 -29.76 -15.74 8.03
N SER A 117 -29.35 -14.46 8.00
CA SER A 117 -29.53 -13.56 6.87
C SER A 117 -28.26 -12.76 6.67
N ILE A 118 -27.79 -12.64 5.43
CA ILE A 118 -26.43 -12.16 5.19
C ILE A 118 -26.24 -10.66 5.38
N PRO A 119 -27.00 -9.78 4.73
CA PRO A 119 -26.75 -8.35 4.95
C PRO A 119 -27.10 -7.94 6.38
N LYS A 120 -26.26 -7.09 6.96
CA LYS A 120 -26.40 -6.73 8.37
C LYS A 120 -26.13 -5.25 8.56
N ASN A 121 -26.38 -4.79 9.79
CA ASN A 121 -26.16 -3.40 10.17
C ASN A 121 -24.74 -3.22 10.67
N THR A 122 -24.14 -2.09 10.30
CA THR A 122 -22.74 -1.79 10.61
C THR A 122 -22.64 -0.43 11.26
N ILE A 123 -21.48 -0.16 11.85
CA ILE A 123 -21.21 1.08 12.59
C ILE A 123 -20.19 1.90 11.83
N SER A 124 -20.51 3.18 11.59
CA SER A 124 -19.66 4.06 10.79
C SER A 124 -18.51 4.62 11.63
N GLN A 125 -17.58 5.30 10.94
CA GLN A 125 -16.42 5.92 11.56
C GLN A 125 -16.30 7.37 11.12
N LYS A 126 -15.86 8.22 12.03
CA LYS A 126 -15.66 9.65 11.81
C LYS A 126 -14.21 10.00 12.10
N THR A 127 -13.66 10.97 11.38
CA THR A 127 -12.31 11.46 11.67
C THR A 127 -12.39 12.86 12.25
N VAL A 128 -11.74 13.08 13.41
CA VAL A 128 -11.83 14.32 14.17
C VAL A 128 -10.44 14.88 14.38
N SER A 129 -10.28 16.19 14.15
CA SER A 129 -9.02 16.86 14.45
C SER A 129 -9.28 18.19 15.15
N ASN A 130 -8.36 18.57 16.02
CA ASN A 130 -8.41 19.83 16.75
C ASN A 130 -7.04 20.46 16.76
N THR A 131 -6.99 21.79 16.61
CA THR A 131 -5.75 22.53 16.68
C THR A 131 -5.94 23.84 17.45
N MET A 132 -4.90 24.24 18.17
CA MET A 132 -4.87 25.48 18.92
C MET A 132 -3.51 26.13 18.71
N GLY A 133 -3.50 27.44 18.49
CA GLY A 133 -2.26 28.14 18.22
C GLY A 133 -2.21 29.52 18.85
N TYR A 134 -0.99 29.98 19.08
CA TYR A 134 -0.68 31.27 19.65
C TYR A 134 0.34 32.03 18.80
N LYS A 135 0.11 33.33 18.61
CA LYS A 135 1.07 34.17 17.89
C LYS A 135 1.33 35.43 18.68
N ILE A 136 2.55 35.95 18.56
CA ILE A 136 2.94 37.18 19.24
C ILE A 136 3.87 37.96 18.32
N GLY A 137 3.70 39.28 18.28
CA GLY A 137 4.51 40.08 17.38
C GLY A 137 4.89 41.43 17.93
N GLY A 138 6.17 41.80 17.81
CA GLY A 138 6.61 43.10 18.26
C GLY A 138 7.21 43.92 17.13
N SER A 139 6.75 45.15 16.95
CA SER A 139 7.25 45.99 15.86
C SER A 139 7.81 47.29 16.41
N ILE A 140 9.02 47.64 15.96
CA ILE A 140 9.68 48.89 16.30
C ILE A 140 9.79 49.70 15.02
N GLU A 141 9.33 50.96 15.06
CA GLU A 141 9.29 51.81 13.87
C GLU A 141 9.99 53.13 14.19
N ILE A 142 11.22 53.29 13.71
CA ILE A 142 11.98 54.51 13.91
C ILE A 142 11.80 55.39 12.68
N GLU A 143 11.07 56.48 12.86
CA GLU A 143 10.91 57.48 11.81
C GLU A 143 12.01 58.53 12.00
N GLU A 144 11.87 59.69 11.37
CA GLU A 144 12.84 60.75 11.60
C GLU A 144 12.64 61.27 13.02
N ASN A 145 13.44 60.75 13.95
CA ASN A 145 13.39 61.15 15.37
C ASN A 145 12.00 60.94 15.97
N LYS A 146 11.31 59.88 15.54
CA LYS A 146 9.99 59.58 16.06
C LYS A 146 9.83 58.08 16.28
N PRO A 147 9.53 57.66 17.51
CA PRO A 147 9.32 56.22 17.76
C PRO A 147 7.85 55.82 17.77
N LYS A 148 7.55 54.64 17.23
CA LYS A 148 6.18 54.11 17.23
C LYS A 148 6.26 52.61 17.55
N ALA A 149 6.21 52.29 18.83
CA ALA A 149 6.29 50.90 19.27
C ALA A 149 4.90 50.27 19.31
N SER A 150 4.73 49.14 18.64
CA SER A 150 3.46 48.43 18.58
C SER A 150 3.69 46.97 18.91
N ILE A 151 2.84 46.40 19.77
CA ILE A 151 2.86 44.97 20.07
C ILE A 151 1.49 44.36 19.84
N GLU A 152 1.46 43.21 19.17
CA GLU A 152 0.24 42.55 18.77
C GLU A 152 0.27 41.11 19.27
N SER A 153 -0.93 40.54 19.50
CA SER A 153 -1.06 39.20 20.04
C SER A 153 -2.28 38.53 19.43
N GLU A 154 -2.15 37.25 19.08
CA GLU A 154 -3.25 36.50 18.48
C GLU A 154 -3.37 35.12 19.10
N TYR A 155 -4.58 34.59 19.08
CA TYR A 155 -4.90 33.26 19.60
C TYR A 155 -5.98 32.63 18.74
N ALA A 156 -5.82 31.37 18.37
CA ALA A 156 -6.82 30.76 17.50
C ALA A 156 -7.01 29.29 17.83
N GLU A 157 -8.20 28.79 17.51
CA GLU A 157 -8.58 27.40 17.71
C GLU A 157 -9.45 26.97 16.54
N SER A 158 -9.34 25.70 16.12
CA SER A 158 -10.22 25.20 15.07
C SER A 158 -10.30 23.67 15.16
N SER A 159 -11.27 23.10 14.43
CA SER A 159 -11.43 21.65 14.36
C SER A 159 -12.02 21.25 13.02
N THR A 160 -11.76 20.00 12.63
CA THR A 160 -12.24 19.42 11.36
C THR A 160 -12.86 18.05 11.55
N ILE A 161 -13.97 17.80 10.87
CA ILE A 161 -14.68 16.53 10.87
C ILE A 161 -14.75 15.97 9.46
N GLU A 162 -14.41 14.69 9.29
CA GLU A 162 -14.50 14.02 7.98
C GLU A 162 -15.30 12.73 8.07
N TYR A 163 -16.08 12.46 7.01
CA TYR A 163 -16.82 11.20 6.88
C TYR A 163 -17.18 10.99 5.41
N VAL A 164 -17.73 9.81 5.11
CA VAL A 164 -18.04 9.39 3.74
C VAL A 164 -19.53 9.12 3.60
N GLN A 165 -20.10 9.54 2.46
CA GLN A 165 -21.55 9.51 2.24
C GLN A 165 -21.99 8.73 1.00
N PRO A 166 -22.67 7.59 1.14
CA PRO A 166 -23.24 6.91 -0.03
C PRO A 166 -24.37 7.70 -0.66
N ASP A 167 -24.76 7.29 -1.87
CA ASP A 167 -25.91 7.88 -2.56
C ASP A 167 -27.23 7.19 -2.23
N PHE A 168 -27.19 5.92 -1.82
CA PHE A 168 -28.36 5.18 -1.37
C PHE A 168 -27.96 4.42 -0.11
N SER A 169 -28.94 4.10 0.71
CA SER A 169 -28.69 3.46 1.98
C SER A 169 -29.61 2.27 2.18
N THR A 170 -29.06 1.16 2.62
CA THR A 170 -29.79 -0.09 2.79
C THR A 170 -29.75 -0.47 4.27
N ILE A 171 -30.94 -0.65 4.86
CA ILE A 171 -31.06 -0.93 6.28
C ILE A 171 -31.85 -2.21 6.45
N GLN A 172 -31.35 -3.14 7.25
CA GLN A 172 -32.14 -4.31 7.55
C GLN A 172 -33.14 -3.90 8.61
N THR A 173 -34.41 -4.22 8.39
CA THR A 173 -35.46 -3.77 9.30
C THR A 173 -36.09 -4.90 10.08
N ASP A 174 -36.05 -6.13 9.58
CA ASP A 174 -36.62 -7.17 10.40
C ASP A 174 -35.94 -8.49 10.11
N HIS A 175 -35.87 -9.32 11.15
CA HIS A 175 -35.32 -10.67 11.11
C HIS A 175 -36.01 -11.47 12.18
N SER A 176 -36.59 -12.59 11.80
CA SER A 176 -37.28 -13.44 12.75
C SER A 176 -37.29 -14.87 12.20
N THR A 177 -38.00 -15.75 12.91
CA THR A 177 -38.06 -17.14 12.48
C THR A 177 -38.75 -17.29 11.13
N SER A 178 -39.63 -16.35 10.76
CA SER A 178 -40.39 -16.47 9.54
C SER A 178 -40.12 -15.39 8.50
N LYS A 179 -39.76 -14.18 8.89
CA LYS A 179 -39.72 -13.05 7.97
C LYS A 179 -38.42 -12.27 8.07
N ALA A 180 -37.82 -11.99 6.92
CA ALA A 180 -36.65 -11.11 6.88
C ALA A 180 -36.99 -10.00 5.89
N SER A 181 -36.88 -8.75 6.33
CA SER A 181 -37.29 -7.63 5.50
C SER A 181 -36.23 -6.53 5.46
N TRP A 182 -35.90 -6.11 4.23
CA TRP A 182 -34.89 -5.12 3.90
C TRP A 182 -35.53 -4.01 3.07
N ASP A 183 -34.88 -2.84 3.02
CA ASP A 183 -35.37 -1.78 2.15
C ASP A 183 -34.29 -0.74 1.93
N THR A 184 -34.51 0.10 0.93
CA THR A 184 -33.55 1.13 0.49
C THR A 184 -34.32 2.40 0.23
N LYS A 185 -33.65 3.55 0.39
CA LYS A 185 -34.33 4.83 0.28
C LYS A 185 -33.41 5.86 -0.35
N PHE A 186 -34.01 6.90 -0.93
CA PHE A 186 -33.26 7.99 -1.53
C PHE A 186 -32.54 8.80 -0.47
N THR A 187 -31.32 9.26 -0.76
CA THR A 187 -30.51 9.95 0.24
C THR A 187 -30.24 11.41 -0.09
N GLU A 188 -29.52 11.71 -1.17
CA GLU A 188 -29.12 13.09 -1.46
C GLU A 188 -28.47 13.13 -2.83
N THR A 189 -28.34 14.34 -3.37
CA THR A 189 -27.69 14.52 -4.64
C THR A 189 -26.19 14.72 -4.48
N THR A 190 -25.43 14.26 -5.47
CA THR A 190 -23.98 14.40 -5.43
C THR A 190 -23.55 15.85 -5.61
N ARG A 191 -24.27 16.61 -6.43
CA ARG A 191 -23.98 18.02 -6.65
C ARG A 191 -25.09 18.84 -6.01
N GLY A 192 -24.73 19.71 -5.08
CA GLY A 192 -25.67 20.58 -4.42
C GLY A 192 -26.18 20.10 -3.07
N ASN A 193 -26.03 18.81 -2.77
CA ASN A 193 -26.39 18.26 -1.46
C ASN A 193 -27.83 18.60 -1.06
N TYR A 194 -28.75 18.49 -2.01
CA TYR A 194 -30.15 18.69 -1.68
C TYR A 194 -30.79 17.36 -1.25
N ASN A 195 -31.95 17.47 -0.61
CA ASN A 195 -32.69 16.30 -0.14
C ASN A 195 -34.18 16.60 -0.24
N LEU A 196 -34.99 15.64 0.18
CA LEU A 196 -36.43 15.74 -0.01
C LEU A 196 -37.10 16.78 0.88
N LYS A 197 -36.41 17.31 1.89
CA LYS A 197 -37.02 18.24 2.83
C LYS A 197 -36.49 19.66 2.71
N SER A 198 -35.62 19.94 1.74
CA SER A 198 -35.05 21.27 1.62
C SER A 198 -36.12 22.25 1.17
N ASN A 199 -35.94 23.53 1.52
CA ASN A 199 -36.92 24.55 1.17
C ASN A 199 -36.25 25.92 1.16
N ASN A 200 -35.96 26.43 -0.03
CA ASN A 200 -35.45 27.78 -0.19
C ASN A 200 -36.63 28.75 -0.29
N PRO A 201 -36.64 29.85 0.45
CA PRO A 201 -37.81 30.74 0.49
C PRO A 201 -38.35 31.19 -0.86
N VAL A 202 -37.47 31.48 -1.83
CA VAL A 202 -37.91 32.04 -3.10
C VAL A 202 -37.71 31.09 -4.28
N TYR A 203 -36.94 30.03 -4.12
CA TYR A 203 -36.74 29.07 -5.21
C TYR A 203 -37.34 27.72 -4.91
N GLY A 204 -37.93 27.52 -3.74
CA GLY A 204 -38.47 26.22 -3.40
C GLY A 204 -37.38 25.17 -3.37
N ASN A 205 -37.67 24.02 -3.98
CA ASN A 205 -36.72 22.92 -4.02
C ASN A 205 -35.95 22.96 -5.34
N GLU A 206 -34.63 22.98 -5.25
CA GLU A 206 -33.79 23.14 -6.42
C GLU A 206 -33.21 21.81 -6.89
N MET A 207 -33.76 20.70 -6.42
CA MET A 207 -33.38 19.39 -6.93
C MET A 207 -33.80 19.28 -8.40
N PHE A 208 -32.93 18.66 -9.21
CA PHE A 208 -33.19 18.47 -10.64
C PHE A 208 -33.59 19.78 -11.34
N MET A 209 -32.85 20.85 -11.07
CA MET A 209 -33.07 22.11 -11.78
C MET A 209 -31.74 22.60 -12.34
N TYR A 210 -31.70 22.81 -13.66
CA TYR A 210 -30.46 23.26 -14.29
C TYR A 210 -30.17 24.73 -14.04
N GLY A 211 -31.02 25.61 -14.56
CA GLY A 211 -30.77 27.03 -14.45
C GLY A 211 -31.97 27.80 -13.98
N ARG A 212 -31.76 28.75 -13.07
CA ARG A 212 -32.88 29.52 -12.54
C ARG A 212 -33.48 30.45 -13.59
N TYR A 213 -32.67 30.96 -14.52
CA TYR A 213 -33.14 31.99 -15.45
C TYR A 213 -32.91 31.61 -16.92
N THR A 214 -32.77 30.32 -17.24
CA THR A 214 -32.40 29.93 -18.59
C THR A 214 -33.40 30.38 -19.65
N ASN A 215 -34.66 30.61 -19.28
CA ASN A 215 -35.70 31.06 -20.21
C ASN A 215 -35.83 30.15 -21.43
N VAL A 216 -36.00 28.86 -21.17
CA VAL A 216 -36.26 27.87 -22.20
C VAL A 216 -37.48 27.08 -21.76
N PRO A 217 -38.10 26.30 -22.66
CA PRO A 217 -39.27 25.52 -22.27
C PRO A 217 -38.98 24.56 -21.12
N ALA A 218 -39.98 24.39 -20.25
CA ALA A 218 -39.86 23.57 -19.05
C ALA A 218 -39.11 22.26 -19.29
N THR A 219 -39.48 21.54 -20.36
CA THR A 219 -38.83 20.27 -20.65
C THR A 219 -37.33 20.42 -20.77
N GLU A 220 -36.89 21.53 -21.37
CA GLU A 220 -35.47 21.79 -21.58
C GLU A 220 -34.73 22.20 -20.32
N ASN A 221 -35.41 22.69 -19.28
CA ASN A 221 -34.72 23.10 -18.06
C ASN A 221 -34.37 21.96 -17.13
N ILE A 222 -34.77 20.72 -17.42
CA ILE A 222 -34.41 19.63 -16.51
C ILE A 222 -32.91 19.39 -16.53
N ILE A 223 -32.43 18.67 -15.54
CA ILE A 223 -31.00 18.45 -15.31
C ILE A 223 -30.52 17.30 -16.20
N PRO A 224 -29.28 17.33 -16.69
CA PRO A 224 -28.78 16.22 -17.51
C PRO A 224 -28.83 14.91 -16.74
N ASP A 225 -29.14 13.84 -17.45
CA ASP A 225 -29.42 12.56 -16.80
C ASP A 225 -28.21 12.01 -16.06
N TYR A 226 -26.99 12.23 -16.56
CA TYR A 226 -25.84 11.54 -16.00
C TYR A 226 -25.61 11.93 -14.54
N GLN A 227 -25.95 13.17 -14.18
CA GLN A 227 -25.77 13.59 -12.79
C GLN A 227 -26.69 12.82 -11.84
N MET A 228 -27.83 12.34 -12.33
CA MET A 228 -28.69 11.53 -11.49
C MET A 228 -28.06 10.17 -11.20
N SER A 229 -28.43 9.60 -10.06
CA SER A 229 -27.89 8.31 -9.67
C SER A 229 -28.33 7.22 -10.63
N LYS A 230 -27.49 6.20 -10.77
CA LYS A 230 -27.81 5.06 -11.63
C LYS A 230 -29.09 4.36 -11.15
N LEU A 231 -29.30 4.29 -9.85
CA LEU A 231 -30.48 3.61 -9.34
C LEU A 231 -31.78 4.34 -9.62
N ILE A 232 -31.75 5.60 -10.02
CA ILE A 232 -33.00 6.25 -10.36
C ILE A 232 -33.29 6.11 -11.84
N THR A 233 -32.25 6.23 -12.68
CA THR A 233 -32.42 6.01 -14.10
C THR A 233 -32.68 4.54 -14.39
N GLY A 234 -31.93 3.65 -13.74
CA GLY A 234 -32.07 2.23 -13.96
C GLY A 234 -32.37 1.51 -12.67
N GLY A 235 -32.84 0.28 -12.81
CA GLY A 235 -33.37 -0.43 -11.67
C GLY A 235 -32.31 -0.91 -10.69
N LEU A 236 -32.77 -1.21 -9.47
CA LEU A 236 -31.93 -1.82 -8.46
C LEU A 236 -31.72 -3.30 -8.75
N ASN A 237 -30.54 -3.82 -8.38
CA ASN A 237 -30.20 -5.22 -8.53
C ASN A 237 -29.99 -5.88 -7.17
N PRO A 238 -31.01 -6.52 -6.60
CA PRO A 238 -30.89 -7.04 -5.23
C PRO A 238 -29.92 -8.20 -5.13
N ASN A 239 -29.31 -8.34 -3.96
CA ASN A 239 -28.57 -9.55 -3.59
C ASN A 239 -28.89 -9.83 -2.14
N MET A 240 -29.60 -10.93 -1.87
CA MET A 240 -29.97 -11.26 -0.48
C MET A 240 -29.80 -12.75 -0.26
N SER A 241 -29.36 -13.16 0.92
CA SER A 241 -29.23 -14.59 1.19
C SER A 241 -29.85 -14.98 2.51
N VAL A 242 -30.51 -16.14 2.54
CA VAL A 242 -31.14 -16.66 3.76
C VAL A 242 -30.80 -18.13 3.95
N VAL A 243 -30.49 -18.52 5.18
CA VAL A 243 -30.15 -19.90 5.52
C VAL A 243 -31.32 -20.59 6.20
N LEU A 244 -31.70 -21.76 5.70
CA LEU A 244 -32.80 -22.55 6.27
C LEU A 244 -32.25 -23.87 6.76
N THR A 245 -32.81 -24.38 7.86
CA THR A 245 -32.47 -25.73 8.33
C THR A 245 -33.74 -26.51 8.62
N ALA A 246 -33.60 -27.83 8.67
CA ALA A 246 -34.76 -28.68 8.91
C ALA A 246 -34.31 -30.00 9.50
N PRO A 247 -35.18 -30.67 10.27
CA PRO A 247 -34.84 -32.02 10.76
C PRO A 247 -34.89 -33.05 9.65
N ASN A 248 -34.34 -34.22 9.96
CA ASN A 248 -34.22 -35.28 8.98
C ASN A 248 -35.59 -35.70 8.43
N GLY A 249 -35.66 -35.92 7.12
CA GLY A 249 -36.85 -36.43 6.48
C GLY A 249 -37.74 -35.40 5.81
N THR A 250 -37.51 -34.12 6.04
CA THR A 250 -38.35 -33.08 5.44
C THR A 250 -38.32 -33.15 3.92
N GLU A 251 -39.50 -33.00 3.30
CA GLU A 251 -39.61 -33.16 1.86
C GLU A 251 -40.06 -31.93 1.07
N GLU A 252 -40.74 -30.97 1.68
CA GLU A 252 -41.31 -29.87 0.91
C GLU A 252 -41.29 -28.56 1.70
N SER A 253 -41.27 -27.45 0.97
CA SER A 253 -41.25 -26.13 1.62
C SER A 253 -41.74 -25.06 0.65
N ILE A 254 -42.50 -24.09 1.14
CA ILE A 254 -42.97 -22.96 0.34
C ILE A 254 -42.24 -21.67 0.74
N ILE A 255 -41.72 -20.94 -0.25
CA ILE A 255 -41.05 -19.66 -0.04
C ILE A 255 -41.82 -18.54 -0.73
N LYS A 256 -42.18 -17.49 0.01
CA LYS A 256 -42.85 -16.32 -0.58
C LYS A 256 -41.93 -15.11 -0.61
N VAL A 257 -41.85 -14.43 -1.75
CA VAL A 257 -41.02 -13.23 -1.90
C VAL A 257 -41.90 -12.05 -2.26
N LYS A 258 -41.87 -11.00 -1.44
CA LYS A 258 -42.69 -9.82 -1.63
C LYS A 258 -41.83 -8.64 -2.06
N MET A 259 -42.25 -7.91 -3.09
CA MET A 259 -41.48 -6.78 -3.61
C MET A 259 -42.37 -5.56 -3.72
N GLU A 260 -41.93 -4.42 -3.15
CA GLU A 260 -42.66 -3.17 -3.21
C GLU A 260 -41.76 -2.05 -3.72
N ARG A 261 -42.36 -1.09 -4.43
CA ARG A 261 -41.69 0.11 -4.92
C ARG A 261 -42.54 1.35 -4.72
N GLU A 262 -41.94 2.42 -4.16
CA GLU A 262 -42.61 3.70 -3.96
C GLU A 262 -41.93 4.79 -4.77
N ARG A 263 -42.74 5.67 -5.39
CA ARG A 263 -42.32 6.77 -6.24
C ARG A 263 -43.07 8.07 -5.91
N ASN A 264 -42.47 9.21 -6.31
CA ASN A 264 -43.08 10.54 -6.12
C ASN A 264 -42.81 11.40 -7.36
N CYS A 265 -43.32 12.65 -7.34
CA CYS A 265 -43.20 13.56 -8.48
C CYS A 265 -42.62 14.92 -8.10
N TYR A 266 -41.80 15.47 -9.01
CA TYR A 266 -41.21 16.80 -8.92
C TYR A 266 -41.90 17.76 -9.89
N TYR A 267 -42.19 18.99 -9.45
CA TYR A 267 -42.93 19.93 -10.30
C TYR A 267 -42.23 21.29 -10.35
N LEU A 268 -42.18 21.89 -11.56
CA LEU A 268 -41.48 23.15 -11.80
C LEU A 268 -42.34 24.13 -12.60
N ASN A 269 -42.34 25.41 -12.21
CA ASN A 269 -43.18 26.42 -12.87
C ASN A 269 -42.58 27.81 -12.69
N TRP A 270 -43.16 28.78 -13.40
CA TRP A 270 -42.79 30.19 -13.24
C TRP A 270 -43.51 30.87 -12.09
N ASN A 271 -42.78 31.76 -11.43
CA ASN A 271 -43.29 32.67 -10.40
C ASN A 271 -42.71 34.01 -10.83
N GLY A 272 -43.43 34.74 -11.67
CA GLY A 272 -42.86 35.94 -12.26
C GLY A 272 -41.66 35.57 -13.11
N ALA A 273 -40.51 36.15 -12.78
CA ALA A 273 -39.28 35.84 -13.49
C ALA A 273 -38.51 34.67 -12.88
N ASN A 274 -38.98 34.11 -11.76
CA ASN A 274 -38.23 33.07 -11.07
C ASN A 274 -38.74 31.68 -11.48
N TRP A 275 -37.81 30.74 -11.56
CA TRP A 275 -38.11 29.35 -11.85
C TRP A 275 -38.18 28.62 -10.51
N VAL A 276 -39.35 28.12 -10.13
CA VAL A 276 -39.49 27.55 -8.80
C VAL A 276 -39.99 26.11 -8.93
N GLY A 277 -39.75 25.31 -7.89
CA GLY A 277 -40.21 23.94 -7.89
C GLY A 277 -40.72 23.49 -6.52
N GLN A 278 -41.28 22.27 -6.53
CA GLN A 278 -41.86 21.68 -5.34
C GLN A 278 -41.85 20.17 -5.51
N VAL A 279 -41.87 19.47 -4.37
CA VAL A 279 -41.98 18.02 -4.34
C VAL A 279 -43.20 17.64 -3.51
N TYR A 280 -44.04 16.77 -4.07
CA TYR A 280 -45.23 16.30 -3.35
C TYR A 280 -45.06 14.85 -2.92
N ASN A 289 -48.14 6.48 -6.24
CA ASN A 289 -48.72 5.20 -5.86
C ASN A 289 -47.64 4.27 -5.35
N VAL A 290 -48.02 3.02 -5.06
CA VAL A 290 -47.11 1.99 -4.58
C VAL A 290 -47.37 0.72 -5.38
N ASP A 291 -46.32 0.17 -6.00
CA ASP A 291 -46.46 -1.08 -6.73
C ASP A 291 -45.94 -2.23 -5.89
N SER A 292 -46.58 -3.39 -5.99
CA SER A 292 -46.12 -4.54 -5.24
C SER A 292 -46.53 -5.83 -5.92
N HIS A 293 -45.81 -6.91 -5.59
CA HIS A 293 -46.18 -8.22 -6.10
C HIS A 293 -45.56 -9.29 -5.21
N ILE A 294 -46.26 -10.43 -5.09
CA ILE A 294 -45.79 -11.59 -4.34
C ILE A 294 -45.53 -12.77 -5.27
N PHE A 295 -44.32 -13.33 -5.19
CA PHE A 295 -43.86 -14.49 -5.93
C PHE A 295 -43.82 -15.71 -5.02
N THR A 296 -44.08 -16.89 -5.57
CA THR A 296 -44.09 -18.12 -4.80
C THR A 296 -43.17 -19.15 -5.42
N PHE A 297 -42.42 -19.87 -4.58
CA PHE A 297 -41.55 -20.94 -5.03
C PHE A 297 -41.77 -22.17 -4.15
N LYS A 298 -41.56 -23.35 -4.75
CA LYS A 298 -41.68 -24.61 -4.03
C LYS A 298 -40.34 -25.33 -4.03
N ILE A 299 -39.98 -25.87 -2.86
CA ILE A 299 -38.71 -26.56 -2.65
C ILE A 299 -39.01 -28.01 -2.38
N ASN A 300 -38.20 -28.89 -2.96
CA ASN A 300 -38.21 -30.33 -2.70
C ASN A 300 -36.85 -30.73 -2.16
N TRP A 301 -36.83 -31.09 -0.87
CA TRP A 301 -35.58 -31.42 -0.21
C TRP A 301 -35.06 -32.78 -0.63
N LEU A 302 -35.94 -33.77 -0.74
CA LEU A 302 -35.50 -35.13 -1.03
C LEU A 302 -34.94 -35.25 -2.44
N THR A 303 -35.58 -34.62 -3.42
CA THR A 303 -35.12 -34.70 -4.79
C THR A 303 -34.17 -33.56 -5.18
N HIS A 304 -33.87 -32.65 -4.24
CA HIS A 304 -32.97 -31.53 -4.51
C HIS A 304 -33.46 -30.68 -5.68
N LYS A 305 -34.72 -30.23 -5.62
CA LYS A 305 -35.30 -29.50 -6.72
C LYS A 305 -35.97 -28.21 -6.24
N VAL A 306 -35.91 -27.18 -7.08
CA VAL A 306 -36.60 -25.92 -6.84
C VAL A 306 -37.45 -25.63 -8.07
N THR A 307 -38.71 -25.27 -7.87
CA THR A 307 -39.54 -24.92 -9.01
C THR A 307 -40.40 -23.72 -8.69
N ALA A 308 -40.87 -23.08 -9.77
CA ALA A 308 -41.87 -22.04 -9.64
C ALA A 308 -43.22 -22.68 -9.30
N ILE A 309 -44.12 -21.85 -8.79
CA ILE A 309 -45.46 -22.33 -8.45
C ILE A 309 -46.47 -21.23 -8.64
N THR B 8 -11.71 -42.00 -8.01
CA THR B 8 -12.52 -41.59 -9.15
C THR B 8 -11.78 -41.91 -10.45
N ILE B 9 -11.08 -43.04 -10.47
CA ILE B 9 -10.29 -43.47 -11.61
C ILE B 9 -10.81 -44.82 -12.09
N THR B 10 -10.82 -45.00 -13.40
CA THR B 10 -11.18 -46.27 -14.03
C THR B 10 -9.95 -46.79 -14.75
N ARG B 11 -9.53 -48.01 -14.44
CA ARG B 11 -8.31 -48.56 -15.00
C ARG B 11 -8.62 -49.88 -15.72
N ASN B 12 -7.79 -50.20 -16.71
CA ASN B 12 -7.94 -51.42 -17.47
C ASN B 12 -6.59 -51.93 -17.91
N LYS B 13 -6.42 -53.24 -17.85
CA LYS B 13 -5.22 -53.93 -18.29
C LYS B 13 -5.51 -54.69 -19.58
N THR B 14 -4.45 -55.02 -20.31
CA THR B 14 -4.57 -55.77 -21.55
C THR B 14 -3.54 -56.89 -21.60
N SER B 15 -3.83 -57.92 -22.38
CA SER B 15 -2.92 -59.05 -22.50
C SER B 15 -1.68 -58.71 -23.31
N ASP B 16 -1.84 -57.94 -24.40
CA ASP B 16 -0.77 -57.72 -25.36
C ASP B 16 0.16 -56.63 -24.84
N GLY B 17 1.32 -57.05 -24.33
CA GLY B 17 2.28 -56.10 -23.81
C GLY B 17 1.94 -55.55 -22.44
N TYR B 18 0.89 -56.09 -21.81
CA TYR B 18 0.44 -55.61 -20.51
C TYR B 18 0.13 -54.12 -20.53
N THR B 19 -0.50 -53.67 -21.61
CA THR B 19 -0.84 -52.26 -21.77
C THR B 19 -1.90 -51.87 -20.74
N ILE B 20 -1.68 -50.75 -20.07
CA ILE B 20 -2.59 -50.24 -19.05
C ILE B 20 -3.14 -48.88 -19.49
N ILE B 21 -4.45 -48.72 -19.44
CA ILE B 21 -5.11 -47.49 -19.88
C ILE B 21 -5.96 -46.96 -18.73
N THR B 22 -5.45 -45.95 -18.01
CA THR B 22 -6.18 -45.32 -16.92
C THR B 22 -6.89 -44.06 -17.39
N GLN B 23 -8.11 -43.84 -16.87
CA GLN B 23 -8.89 -42.64 -17.16
C GLN B 23 -9.41 -42.04 -15.85
N ASN B 24 -9.53 -40.71 -15.84
CA ASN B 24 -10.01 -39.98 -14.67
C ASN B 24 -11.45 -39.52 -14.86
N ASP B 25 -12.27 -39.72 -13.85
CA ASP B 25 -13.67 -39.27 -13.86
C ASP B 25 -13.76 -37.95 -13.12
N LYS B 26 -14.04 -36.88 -13.86
CA LYS B 26 -14.09 -35.51 -13.34
C LYS B 26 -15.53 -35.05 -13.16
N GLN B 27 -15.71 -34.04 -12.30
CA GLN B 27 -17.05 -33.55 -11.97
C GLN B 27 -17.56 -32.53 -12.99
N ILE B 28 -16.75 -31.55 -13.35
CA ILE B 28 -17.18 -30.43 -14.18
C ILE B 28 -16.43 -30.49 -15.50
N ILE B 29 -17.17 -30.52 -16.60
CA ILE B 29 -16.57 -30.51 -17.93
C ILE B 29 -17.16 -29.38 -18.74
N SER B 30 -16.32 -28.55 -19.35
CA SER B 30 -16.80 -27.44 -20.16
C SER B 30 -16.38 -27.60 -21.60
N TYR B 31 -17.19 -27.05 -22.51
CA TYR B 31 -16.89 -27.02 -23.94
C TYR B 31 -17.01 -25.58 -24.43
N GLN B 32 -16.18 -25.20 -25.39
CA GLN B 32 -16.18 -23.82 -25.86
C GLN B 32 -16.22 -23.77 -27.38
N SER B 33 -17.07 -22.89 -27.92
CA SER B 33 -17.18 -22.64 -29.35
C SER B 33 -17.37 -21.15 -29.57
N VAL B 34 -16.82 -20.62 -30.66
CA VAL B 34 -16.97 -19.21 -30.96
C VAL B 34 -17.44 -18.98 -32.39
N ASP B 35 -18.14 -17.86 -32.59
CA ASP B 35 -18.66 -17.50 -33.90
C ASP B 35 -18.67 -15.98 -34.04
N SER B 36 -18.43 -15.51 -35.26
CA SER B 36 -18.36 -14.08 -35.53
C SER B 36 -19.12 -13.72 -36.80
N SER B 37 -19.51 -12.45 -36.90
CA SER B 37 -20.21 -11.94 -38.07
C SER B 37 -20.03 -10.44 -38.13
N SER B 38 -20.18 -9.88 -39.33
CA SER B 38 -19.98 -8.45 -39.51
C SER B 38 -20.85 -7.91 -40.64
N LYS B 39 -21.08 -6.58 -40.57
CA LYS B 39 -21.75 -5.79 -41.59
C LYS B 39 -20.85 -4.58 -41.87
N ASN B 40 -19.99 -4.74 -42.89
CA ASN B 40 -18.96 -3.76 -43.20
C ASN B 40 -19.53 -2.40 -43.57
N GLU B 41 -20.72 -2.36 -44.19
CA GLU B 41 -21.29 -1.08 -44.61
C GLU B 41 -21.57 -0.17 -43.43
N ASP B 42 -21.92 -0.73 -42.28
CA ASP B 42 -22.21 0.05 -41.09
C ASP B 42 -21.07 0.02 -40.08
N GLY B 43 -20.01 -0.72 -40.37
CA GLY B 43 -18.93 -0.88 -39.40
C GLY B 43 -19.38 -1.58 -38.14
N PHE B 44 -20.22 -2.62 -38.27
CA PHE B 44 -20.71 -3.33 -37.12
C PHE B 44 -20.15 -4.74 -37.11
N THR B 45 -19.54 -5.15 -36.01
CA THR B 45 -19.04 -6.51 -35.92
C THR B 45 -19.43 -7.09 -34.57
N ALA B 46 -19.78 -8.37 -34.56
CA ALA B 46 -20.21 -9.02 -33.33
C ALA B 46 -19.66 -10.43 -33.26
N SER B 47 -19.29 -10.85 -32.07
CA SER B 47 -18.79 -12.19 -31.82
C SER B 47 -19.48 -12.73 -30.58
N ILE B 48 -19.80 -14.02 -30.63
CA ILE B 48 -20.38 -14.75 -29.52
C ILE B 48 -19.48 -15.90 -29.13
N ASP B 49 -19.12 -15.96 -27.86
CA ASP B 49 -18.35 -17.07 -27.31
C ASP B 49 -19.29 -17.85 -26.42
N ALA B 50 -19.48 -19.13 -26.69
CA ALA B 50 -20.41 -19.95 -25.93
C ALA B 50 -19.65 -21.05 -25.21
N ARG B 51 -20.00 -21.23 -23.93
CA ARG B 51 -19.43 -22.30 -23.12
C ARG B 51 -20.56 -23.15 -22.58
N PHE B 52 -20.43 -24.47 -22.71
CA PHE B 52 -21.43 -25.43 -22.29
C PHE B 52 -20.89 -26.16 -21.07
N ILE B 53 -21.67 -26.24 -19.98
CA ILE B 53 -21.16 -26.85 -18.75
C ILE B 53 -21.94 -28.11 -18.41
N ASP B 54 -21.19 -29.22 -18.30
CA ASP B 54 -21.70 -30.52 -17.89
C ASP B 54 -21.30 -30.76 -16.44
N ASP B 55 -22.27 -30.71 -15.52
CA ASP B 55 -22.04 -30.91 -14.10
C ASP B 55 -22.89 -32.08 -13.61
N LYS B 56 -22.24 -33.01 -12.90
CA LYS B 56 -22.94 -34.20 -12.43
C LYS B 56 -23.94 -33.92 -11.32
N TYR B 57 -23.80 -32.80 -10.61
CA TYR B 57 -24.67 -32.50 -9.49
C TYR B 57 -25.73 -31.43 -9.81
N SER B 58 -25.81 -30.97 -11.05
CA SER B 58 -26.76 -29.94 -11.42
C SER B 58 -28.00 -30.57 -12.06
N SER B 59 -29.15 -29.95 -11.82
CA SER B 59 -30.41 -30.49 -12.31
C SER B 59 -30.72 -30.11 -13.75
N GLU B 60 -30.02 -29.14 -14.34
CA GLU B 60 -30.38 -28.67 -15.67
C GLU B 60 -29.14 -28.20 -16.40
N MET B 61 -29.26 -28.07 -17.72
CA MET B 61 -28.11 -27.67 -18.52
C MET B 61 -27.90 -26.15 -18.43
N THR B 62 -26.63 -25.75 -18.45
CA THR B 62 -26.23 -24.34 -18.41
C THR B 62 -25.30 -24.00 -19.57
N THR B 63 -25.58 -22.87 -20.21
CA THR B 63 -24.75 -22.30 -21.26
C THR B 63 -24.44 -20.84 -20.94
N LEU B 64 -23.17 -20.47 -21.05
CA LEU B 64 -22.72 -19.10 -20.83
C LEU B 64 -22.49 -18.47 -22.19
N ILE B 65 -23.06 -17.30 -22.43
CA ILE B 65 -23.01 -16.63 -23.73
C ILE B 65 -22.31 -15.28 -23.55
N ASN B 66 -21.00 -15.26 -23.75
CA ASN B 66 -20.29 -14.00 -23.74
C ASN B 66 -20.48 -13.32 -25.10
N LEU B 67 -20.43 -11.98 -25.09
CA LEU B 67 -20.56 -11.19 -26.30
C LEU B 67 -19.45 -10.15 -26.35
N THR B 68 -18.94 -9.96 -27.57
CA THR B 68 -17.89 -8.97 -27.84
C THR B 68 -18.16 -8.42 -29.23
N GLY B 69 -17.44 -7.38 -29.62
CA GLY B 69 -17.60 -6.84 -30.95
C GLY B 69 -17.02 -5.46 -31.07
N PHE B 70 -17.18 -4.88 -32.26
CA PHE B 70 -16.76 -3.51 -32.52
C PHE B 70 -17.83 -2.67 -33.20
N MET B 71 -18.13 -1.51 -32.63
CA MET B 71 -19.03 -0.53 -33.23
C MET B 71 -18.22 0.71 -33.57
N SER B 72 -17.92 0.91 -34.84
CA SER B 72 -17.07 2.04 -35.21
C SER B 72 -17.84 3.34 -35.07
N SER B 73 -17.11 4.40 -34.77
CA SER B 73 -17.69 5.74 -34.63
C SER B 73 -17.29 6.58 -35.83
N LYS B 74 -18.28 7.19 -36.46
CA LYS B 74 -18.03 7.96 -37.67
C LYS B 74 -17.66 9.40 -37.34
N LYS B 75 -16.93 10.04 -38.25
CA LYS B 75 -16.42 11.38 -38.01
C LYS B 75 -16.29 12.18 -39.31
N THR B 91 -17.98 25.40 -40.05
CA THR B 91 -18.13 24.04 -40.53
C THR B 91 -19.09 23.25 -39.64
N ALA B 92 -19.19 21.95 -39.92
CA ALA B 92 -19.98 21.07 -39.08
C ALA B 92 -19.32 19.71 -39.03
N ILE B 93 -19.31 19.10 -37.84
CA ILE B 93 -18.70 17.79 -37.64
C ILE B 93 -19.72 16.86 -37.01
N ASN B 94 -19.90 15.69 -37.60
CA ASN B 94 -20.74 14.66 -37.02
C ASN B 94 -19.98 13.87 -35.96
N PHE B 95 -20.62 13.64 -34.83
CA PHE B 95 -19.97 12.99 -33.71
C PHE B 95 -20.98 12.18 -32.91
N PRO B 96 -20.71 10.91 -32.62
CA PRO B 96 -21.70 10.08 -31.94
C PRO B 96 -22.04 10.61 -30.55
N VAL B 97 -23.16 10.14 -30.03
CA VAL B 97 -23.66 10.61 -28.75
C VAL B 97 -24.24 9.47 -27.91
N ARG B 98 -24.65 8.38 -28.56
CA ARG B 98 -25.17 7.27 -27.79
C ARG B 98 -25.02 5.92 -28.49
N TYR B 99 -24.72 4.89 -27.70
CA TYR B 99 -24.67 3.52 -28.21
C TYR B 99 -25.69 2.69 -27.44
N SER B 100 -26.19 1.63 -28.07
CA SER B 100 -27.13 0.76 -27.37
C SER B 100 -27.03 -0.68 -27.87
N ILE B 101 -27.03 -1.62 -26.94
CA ILE B 101 -26.92 -3.06 -27.23
C ILE B 101 -28.03 -3.81 -26.55
N SER B 102 -28.65 -4.75 -27.27
CA SER B 102 -29.71 -5.55 -26.67
C SER B 102 -29.59 -7.01 -27.08
N ILE B 103 -29.78 -7.92 -26.12
CA ILE B 103 -29.73 -9.36 -26.36
C ILE B 103 -31.13 -9.91 -26.17
N LEU B 104 -31.64 -10.63 -27.17
CA LEU B 104 -32.97 -11.19 -27.17
C LEU B 104 -32.96 -12.71 -27.26
N ASN B 105 -33.70 -13.34 -26.34
CA ASN B 105 -33.91 -14.79 -26.29
C ASN B 105 -35.20 -15.09 -27.03
N GLU B 106 -35.12 -15.83 -28.13
CA GLU B 106 -36.27 -16.06 -28.99
C GLU B 106 -36.88 -17.45 -28.89
N SER B 107 -36.50 -18.24 -27.90
CA SER B 107 -37.05 -19.58 -27.75
C SER B 107 -37.76 -19.73 -26.41
N ILE B 108 -38.57 -18.73 -26.07
CA ILE B 108 -39.24 -18.71 -24.77
C ILE B 108 -40.20 -19.88 -24.64
N ASN B 109 -40.88 -20.25 -25.72
CA ASN B 109 -41.86 -21.32 -25.62
C ASN B 109 -41.23 -22.69 -25.46
N GLU B 110 -39.89 -22.78 -25.49
CA GLU B 110 -39.20 -24.04 -25.30
C GLU B 110 -38.60 -24.15 -23.90
N ASN B 111 -38.93 -23.21 -23.02
CA ASN B 111 -38.42 -23.16 -21.64
C ASN B 111 -36.91 -22.91 -21.59
N VAL B 112 -36.40 -22.06 -22.48
CA VAL B 112 -35.04 -21.55 -22.39
C VAL B 112 -35.09 -20.15 -21.78
N LYS B 113 -34.34 -19.94 -20.71
CA LYS B 113 -34.54 -18.76 -19.87
C LYS B 113 -33.22 -18.04 -19.58
N ILE B 114 -33.30 -16.73 -19.41
CA ILE B 114 -32.15 -15.89 -19.08
C ILE B 114 -32.14 -15.70 -17.57
N VAL B 115 -31.25 -16.39 -16.86
CA VAL B 115 -31.22 -16.26 -15.43
C VAL B 115 -30.31 -15.14 -14.92
N ASP B 116 -29.27 -14.77 -15.67
CA ASP B 116 -28.37 -13.74 -15.14
C ASP B 116 -27.68 -12.95 -16.25
N SER B 117 -27.29 -11.72 -15.90
CA SER B 117 -26.57 -10.79 -16.77
C SER B 117 -25.48 -10.13 -15.95
N ILE B 118 -24.25 -10.03 -16.50
CA ILE B 118 -23.10 -9.69 -15.67
C ILE B 118 -23.00 -8.21 -15.30
N PRO B 119 -23.02 -7.25 -16.23
CA PRO B 119 -22.93 -5.85 -15.79
C PRO B 119 -24.15 -5.42 -15.01
N LYS B 120 -23.93 -4.66 -13.94
CA LYS B 120 -24.99 -4.30 -13.02
C LYS B 120 -24.86 -2.85 -12.60
N ASN B 121 -25.87 -2.38 -11.88
CA ASN B 121 -25.90 -1.02 -11.34
C ASN B 121 -25.23 -0.96 -9.98
N THR B 122 -24.48 0.12 -9.74
CA THR B 122 -23.70 0.27 -8.52
C THR B 122 -24.00 1.62 -7.89
N ILE B 123 -23.59 1.77 -6.63
CA ILE B 123 -23.85 2.96 -5.84
C ILE B 123 -22.54 3.70 -5.61
N SER B 124 -22.51 4.99 -5.91
CA SER B 124 -21.31 5.81 -5.81
C SER B 124 -21.05 6.26 -4.38
N GLN B 125 -19.86 6.84 -4.16
CA GLN B 125 -19.44 7.36 -2.85
C GLN B 125 -18.97 8.80 -2.99
N LYS B 126 -19.25 9.60 -1.97
CA LYS B 126 -18.86 10.99 -1.90
C LYS B 126 -18.03 11.22 -0.64
N THR B 127 -17.05 12.13 -0.70
CA THR B 127 -16.29 12.49 0.48
C THR B 127 -16.67 13.89 0.95
N VAL B 128 -17.02 14.04 2.22
CA VAL B 128 -17.54 15.28 2.79
C VAL B 128 -16.67 15.71 3.96
N SER B 129 -16.32 17.00 4.00
CA SER B 129 -15.60 17.55 5.14
C SER B 129 -16.19 18.88 5.55
N ASN B 130 -16.14 19.18 6.85
CA ASN B 130 -16.62 20.43 7.40
C ASN B 130 -15.62 20.94 8.42
N THR B 131 -15.40 22.25 8.44
CA THR B 131 -14.53 22.88 9.43
C THR B 131 -15.13 24.19 9.91
N MET B 132 -14.87 24.49 11.19
CA MET B 132 -15.32 25.73 11.83
C MET B 132 -14.17 26.25 12.68
N GLY B 133 -13.92 27.55 12.63
CA GLY B 133 -12.81 28.13 13.36
C GLY B 133 -13.14 29.49 13.93
N TYR B 134 -12.42 29.84 14.99
CA TYR B 134 -12.52 31.10 15.70
C TYR B 134 -11.16 31.77 15.86
N LYS B 135 -11.10 33.08 15.67
CA LYS B 135 -9.87 33.83 15.88
C LYS B 135 -10.16 35.06 16.71
N ILE B 136 -9.19 35.47 17.53
CA ILE B 136 -9.32 36.65 18.37
C ILE B 136 -7.97 37.35 18.43
N GLY B 137 -7.97 38.68 18.37
CA GLY B 137 -6.72 39.40 18.35
C GLY B 137 -6.76 40.72 19.10
N GLY B 138 -5.76 40.96 19.94
CA GLY B 138 -5.68 42.21 20.67
C GLY B 138 -4.42 42.98 20.34
N SER B 139 -4.53 44.25 19.97
CA SER B 139 -3.36 45.04 19.62
C SER B 139 -3.26 46.28 20.49
N ILE B 140 -2.08 46.52 21.05
CA ILE B 140 -1.77 47.71 21.84
C ILE B 140 -0.75 48.51 21.06
N GLU B 141 -1.02 49.80 20.86
CA GLU B 141 -0.16 50.66 20.06
C GLU B 141 0.18 51.91 20.86
N ILE B 142 1.40 51.95 21.40
CA ILE B 142 1.88 53.11 22.16
C ILE B 142 2.67 54.01 21.22
N GLU B 143 2.09 55.16 20.90
CA GLU B 143 2.79 56.17 20.13
C GLU B 143 3.49 57.11 21.10
N GLU B 144 3.91 58.28 20.64
CA GLU B 144 4.50 59.25 21.56
C GLU B 144 3.38 59.77 22.46
N ASN B 145 3.25 59.18 23.65
CA ASN B 145 2.24 59.58 24.64
C ASN B 145 0.82 59.49 24.07
N LYS B 146 0.59 58.50 23.21
CA LYS B 146 -0.74 58.33 22.62
C LYS B 146 -1.11 56.84 22.57
N PRO B 147 -2.20 56.44 23.20
CA PRO B 147 -2.62 55.04 23.13
C PRO B 147 -3.69 54.77 22.07
N LYS B 148 -3.59 53.62 21.40
CA LYS B 148 -4.58 53.21 20.40
C LYS B 148 -4.84 51.72 20.57
N ALA B 149 -5.81 51.39 21.43
CA ALA B 149 -6.15 50.00 21.69
C ALA B 149 -7.20 49.51 20.70
N SER B 150 -6.90 48.40 20.03
CA SER B 150 -7.80 47.80 19.05
C SER B 150 -7.97 46.32 19.34
N ILE B 151 -9.21 45.83 19.30
CA ILE B 151 -9.49 44.40 19.45
C ILE B 151 -10.33 43.93 18.27
N GLU B 152 -9.94 42.79 17.70
CA GLU B 152 -10.57 42.25 16.50
C GLU B 152 -10.99 40.80 16.77
N SER B 153 -12.02 40.35 16.07
CA SER B 153 -12.58 39.02 16.26
C SER B 153 -13.05 38.48 14.92
N GLU B 154 -12.80 37.19 14.68
CA GLU B 154 -13.19 36.56 13.42
C GLU B 154 -13.80 35.18 13.69
N TYR B 155 -14.68 34.76 12.78
CA TYR B 155 -15.35 33.47 12.83
C TYR B 155 -15.54 32.95 11.42
N ALA B 156 -15.23 31.67 11.18
CA ALA B 156 -15.36 31.18 9.82
C ALA B 156 -15.82 29.72 9.81
N GLU B 157 -16.46 29.33 8.71
CA GLU B 157 -16.96 27.98 8.50
C GLU B 157 -16.77 27.64 7.02
N SER B 158 -16.47 26.38 6.72
CA SER B 158 -16.37 25.96 5.33
C SER B 158 -16.60 24.45 5.23
N SER B 159 -16.79 23.97 3.99
CA SER B 159 -16.95 22.54 3.72
C SER B 159 -16.44 22.21 2.32
N THR B 160 -16.06 20.94 2.14
CA THR B 160 -15.53 20.42 0.88
C THR B 160 -16.19 19.11 0.49
N ILE B 161 -16.51 18.97 -0.81
CA ILE B 161 -17.09 17.76 -1.39
C ILE B 161 -16.17 17.22 -2.48
N GLU B 162 -15.89 15.91 -2.45
CA GLU B 162 -15.07 15.27 -3.47
C GLU B 162 -15.78 14.06 -4.08
N TYR B 163 -15.59 13.86 -5.39
CA TYR B 163 -16.10 12.69 -6.09
C TYR B 163 -15.33 12.52 -7.39
N VAL B 164 -15.57 11.40 -8.09
CA VAL B 164 -14.85 11.01 -9.29
C VAL B 164 -15.82 10.89 -10.47
N GLN B 165 -15.39 11.36 -11.64
CA GLN B 165 -16.26 11.46 -12.82
C GLN B 165 -15.73 10.74 -14.05
N PRO B 166 -16.39 9.66 -14.52
CA PRO B 166 -16.00 9.05 -15.80
C PRO B 166 -16.31 9.94 -16.98
N ASP B 167 -15.75 9.57 -18.14
CA ASP B 167 -16.04 10.27 -19.39
C ASP B 167 -17.24 9.70 -20.13
N PHE B 168 -17.58 8.44 -19.90
CA PHE B 168 -18.77 7.81 -20.45
C PHE B 168 -19.41 7.00 -19.35
N SER B 169 -20.71 6.77 -19.47
CA SER B 169 -21.48 6.10 -18.44
C SER B 169 -22.35 5.01 -19.04
N THR B 170 -22.32 3.83 -18.40
CA THR B 170 -23.04 2.66 -18.88
C THR B 170 -24.09 2.28 -17.85
N ILE B 171 -25.34 2.20 -18.27
CA ILE B 171 -26.45 1.92 -17.38
C ILE B 171 -27.20 0.72 -17.90
N GLN B 172 -27.48 -0.25 -17.04
CA GLN B 172 -28.32 -1.35 -17.47
C GLN B 172 -29.74 -0.86 -17.40
N THR B 173 -30.50 -1.06 -18.48
CA THR B 173 -31.86 -0.52 -18.54
C THR B 173 -32.92 -1.59 -18.50
N ASP B 174 -32.61 -2.82 -18.91
CA ASP B 174 -33.67 -3.80 -18.80
C ASP B 174 -33.06 -5.18 -18.62
N HIS B 175 -33.80 -6.02 -17.90
CA HIS B 175 -33.46 -7.40 -17.63
C HIS B 175 -34.76 -8.15 -17.41
N SER B 176 -34.97 -9.21 -18.17
CA SER B 176 -36.17 -10.01 -18.05
C SER B 176 -35.88 -11.41 -18.54
N THR B 177 -36.92 -12.23 -18.59
CA THR B 177 -36.76 -13.61 -19.05
C THR B 177 -36.30 -13.68 -20.50
N SER B 178 -36.60 -12.66 -21.29
CA SER B 178 -36.28 -12.70 -22.71
C SER B 178 -35.29 -11.65 -23.18
N LYS B 179 -35.24 -10.48 -22.56
CA LYS B 179 -34.50 -9.35 -23.11
C LYS B 179 -33.60 -8.70 -22.08
N ALA B 180 -32.34 -8.47 -22.44
CA ALA B 180 -31.45 -7.70 -21.59
C ALA B 180 -30.91 -6.56 -22.45
N SER B 181 -31.07 -5.32 -21.98
CA SER B 181 -30.70 -4.16 -22.77
C SER B 181 -29.86 -3.17 -21.98
N TRP B 182 -28.73 -2.78 -22.59
CA TRP B 182 -27.73 -1.88 -22.04
C TRP B 182 -27.53 -0.71 -23.00
N ASP B 183 -26.96 0.39 -22.50
CA ASP B 183 -26.63 1.50 -23.39
C ASP B 183 -25.64 2.44 -22.70
N THR B 184 -25.04 3.30 -23.51
CA THR B 184 -24.00 4.24 -23.07
C THR B 184 -24.27 5.58 -23.72
N LYS B 185 -23.84 6.66 -23.05
CA LYS B 185 -24.16 7.99 -23.52
C LYS B 185 -23.01 8.94 -23.24
N PHE B 186 -22.97 10.03 -24.00
CA PHE B 186 -21.94 11.05 -23.83
C PHE B 186 -22.13 11.79 -22.50
N THR B 187 -21.03 12.14 -21.83
CA THR B 187 -21.12 12.74 -20.50
C THR B 187 -20.62 14.18 -20.44
N GLU B 188 -19.33 14.42 -20.67
CA GLU B 188 -18.77 15.75 -20.51
C GLU B 188 -17.33 15.74 -21.01
N THR B 189 -16.79 16.93 -21.22
CA THR B 189 -15.41 17.07 -21.65
C THR B 189 -14.46 17.11 -20.46
N THR B 190 -13.25 16.61 -20.68
CA THR B 190 -12.25 16.61 -19.62
C THR B 190 -11.74 18.01 -19.34
N ARG B 191 -11.61 18.84 -20.36
CA ARG B 191 -11.17 20.21 -20.22
C ARG B 191 -12.35 21.14 -20.50
N GLY B 192 -12.69 21.96 -19.52
CA GLY B 192 -13.78 22.91 -19.66
C GLY B 192 -15.12 22.46 -19.09
N ASN B 193 -15.31 21.17 -18.86
CA ASN B 193 -16.52 20.65 -18.23
C ASN B 193 -17.79 21.11 -18.93
N TYR B 194 -17.78 21.10 -20.26
CA TYR B 194 -18.99 21.41 -21.00
C TYR B 194 -19.82 20.16 -21.24
N ASN B 195 -21.09 20.36 -21.60
CA ASN B 195 -22.01 19.27 -21.86
C ASN B 195 -22.97 19.71 -22.96
N LEU B 196 -23.90 18.82 -23.30
CA LEU B 196 -24.77 19.06 -24.45
C LEU B 196 -25.81 20.14 -24.20
N LYS B 197 -26.00 20.61 -22.97
CA LYS B 197 -27.04 21.58 -22.67
C LYS B 197 -26.50 22.94 -22.28
N SER B 198 -25.19 23.15 -22.34
CA SER B 198 -24.62 24.43 -21.93
C SER B 198 -25.00 25.50 -22.94
N ASN B 199 -25.03 26.76 -22.46
CA ASN B 199 -25.41 27.87 -23.33
C ASN B 199 -24.86 29.18 -22.77
N ASN B 200 -23.78 29.65 -23.37
CA ASN B 200 -23.22 30.97 -23.05
C ASN B 200 -23.93 32.03 -23.88
N PRO B 201 -24.39 33.12 -23.28
CA PRO B 201 -25.19 34.12 -24.01
C PRO B 201 -24.58 34.62 -25.32
N VAL B 202 -23.26 34.83 -25.36
CA VAL B 202 -22.63 35.44 -26.54
C VAL B 202 -21.72 34.48 -27.30
N TYR B 203 -21.35 33.35 -26.71
CA TYR B 203 -20.51 32.40 -27.41
C TYR B 203 -21.22 31.09 -27.71
N GLY B 204 -22.48 30.95 -27.31
CA GLY B 204 -23.18 29.70 -27.55
C GLY B 204 -22.49 28.55 -26.83
N ASN B 205 -22.33 27.45 -27.54
CA ASN B 205 -21.70 26.25 -26.99
C ASN B 205 -20.23 26.23 -27.37
N GLU B 206 -19.37 26.13 -26.37
CA GLU B 206 -17.93 26.21 -26.60
C GLU B 206 -17.27 24.85 -26.62
N MET B 207 -18.06 23.78 -26.75
CA MET B 207 -17.51 22.45 -26.94
C MET B 207 -16.77 22.39 -28.28
N PHE B 208 -15.63 21.70 -28.28
CA PHE B 208 -14.81 21.54 -29.49
C PHE B 208 -14.51 22.88 -30.17
N MET B 209 -14.12 23.89 -29.40
CA MET B 209 -13.69 25.16 -29.96
C MET B 209 -12.34 25.53 -29.39
N TYR B 210 -11.36 25.75 -30.26
CA TYR B 210 -10.02 26.08 -29.83
C TYR B 210 -9.89 27.51 -29.34
N GLY B 211 -10.07 28.47 -30.24
CA GLY B 211 -9.89 29.87 -29.89
C GLY B 211 -11.03 30.74 -30.35
N ARG B 212 -11.46 31.65 -29.49
CA ARG B 212 -12.57 32.53 -29.84
C ARG B 212 -12.20 33.51 -30.95
N TYR B 213 -10.94 33.96 -30.99
CA TYR B 213 -10.55 35.02 -31.93
C TYR B 213 -9.38 34.64 -32.82
N THR B 214 -9.13 33.35 -33.04
CA THR B 214 -7.94 32.93 -33.77
C THR B 214 -7.86 33.47 -35.19
N ASN B 215 -9.01 33.81 -35.79
CA ASN B 215 -9.05 34.38 -37.14
C ASN B 215 -8.33 33.48 -38.16
N VAL B 216 -8.72 32.22 -38.20
CA VAL B 216 -8.23 31.26 -39.18
C VAL B 216 -9.45 30.57 -39.78
N PRO B 217 -9.29 29.87 -40.90
CA PRO B 217 -10.45 29.19 -41.51
C PRO B 217 -11.11 28.21 -40.55
N ALA B 218 -12.44 28.12 -40.65
CA ALA B 218 -13.25 27.28 -39.78
C ALA B 218 -12.64 25.91 -39.51
N THR B 219 -12.19 25.24 -40.57
CA THR B 219 -11.61 23.92 -40.42
C THR B 219 -10.45 23.93 -39.44
N GLU B 220 -9.64 24.99 -39.47
CA GLU B 220 -8.49 25.12 -38.60
C GLU B 220 -8.82 25.46 -37.15
N ASN B 221 -10.00 26.00 -36.88
CA ASN B 221 -10.36 26.34 -35.50
C ASN B 221 -10.84 25.16 -34.67
N ILE B 222 -11.00 23.97 -35.23
CA ILE B 222 -11.46 22.85 -34.42
C ILE B 222 -10.39 22.47 -33.40
N ILE B 223 -10.80 21.69 -32.41
CA ILE B 223 -9.97 21.35 -31.26
C ILE B 223 -9.07 20.17 -31.63
N PRO B 224 -7.85 20.08 -31.09
CA PRO B 224 -6.99 18.93 -31.40
C PRO B 224 -7.66 17.63 -30.99
N ASP B 225 -7.43 16.59 -31.79
CA ASP B 225 -8.15 15.35 -31.61
C ASP B 225 -7.87 14.67 -30.27
N TYR B 226 -6.64 14.79 -29.76
CA TYR B 226 -6.27 13.99 -28.59
C TYR B 226 -7.11 14.35 -27.38
N GLN B 227 -7.54 15.62 -27.27
CA GLN B 227 -8.36 16.01 -26.13
C GLN B 227 -9.72 15.32 -26.16
N MET B 228 -10.21 14.96 -27.34
CA MET B 228 -11.47 14.21 -27.41
C MET B 228 -11.31 12.81 -26.85
N SER B 229 -12.41 12.27 -26.35
CA SER B 229 -12.39 10.93 -25.78
C SER B 229 -12.08 9.89 -26.85
N LYS B 230 -11.45 8.79 -26.43
CA LYS B 230 -11.14 7.70 -27.34
C LYS B 230 -12.41 7.12 -27.95
N LEU B 231 -13.49 7.06 -27.18
CA LEU B 231 -14.73 6.48 -27.69
C LEU B 231 -15.41 7.33 -28.76
N ILE B 232 -15.01 8.59 -28.93
CA ILE B 232 -15.62 9.36 -30.00
C ILE B 232 -14.78 9.25 -31.27
N THR B 233 -13.46 9.28 -31.11
CA THR B 233 -12.58 9.09 -32.26
C THR B 233 -12.65 7.65 -32.76
N GLY B 234 -12.63 6.69 -31.83
CA GLY B 234 -12.67 5.30 -32.19
C GLY B 234 -13.83 4.59 -31.52
N GLY B 235 -14.14 3.41 -32.05
CA GLY B 235 -15.37 2.74 -31.67
C GLY B 235 -15.34 2.16 -30.27
N LEU B 236 -16.53 1.90 -29.75
CA LEU B 236 -16.71 1.21 -28.47
C LEU B 236 -16.44 -0.28 -28.63
N ASN B 237 -15.91 -0.91 -27.59
CA ASN B 237 -15.64 -2.35 -27.55
C ASN B 237 -16.49 -3.02 -26.48
N PRO B 238 -17.65 -3.57 -26.85
CA PRO B 238 -18.56 -4.10 -25.82
C PRO B 238 -18.03 -5.35 -25.16
N ASN B 239 -18.44 -5.56 -23.90
CA ASN B 239 -18.24 -6.82 -23.20
C ASN B 239 -19.52 -7.09 -22.42
N MET B 240 -20.28 -8.11 -22.81
CA MET B 240 -21.53 -8.42 -22.11
C MET B 240 -21.66 -9.92 -21.93
N SER B 241 -22.22 -10.37 -20.82
CA SER B 241 -22.39 -11.81 -20.64
C SER B 241 -23.80 -12.15 -20.17
N VAL B 242 -24.35 -13.25 -20.69
CA VAL B 242 -25.68 -13.72 -20.31
C VAL B 242 -25.67 -15.22 -20.04
N VAL B 243 -26.35 -15.64 -18.97
CA VAL B 243 -26.42 -17.04 -18.59
C VAL B 243 -27.78 -17.63 -18.98
N LEU B 244 -27.77 -18.76 -19.69
CA LEU B 244 -28.98 -19.44 -20.11
C LEU B 244 -29.03 -20.81 -19.47
N THR B 245 -30.22 -21.28 -19.11
CA THR B 245 -30.41 -22.65 -18.65
C THR B 245 -31.56 -23.31 -19.38
N ALA B 246 -31.57 -24.64 -19.35
CA ALA B 246 -32.62 -25.38 -20.05
C ALA B 246 -32.80 -26.74 -19.41
N PRO B 247 -33.99 -27.34 -19.52
CA PRO B 247 -34.18 -28.70 -19.03
C PRO B 247 -33.49 -29.72 -19.92
N ASN B 248 -33.39 -30.93 -19.40
CA ASN B 248 -32.68 -32.01 -20.08
C ASN B 248 -33.28 -32.30 -21.45
N GLY B 249 -32.41 -32.49 -22.45
CA GLY B 249 -32.84 -32.89 -23.77
C GLY B 249 -32.93 -31.79 -24.80
N THR B 250 -32.85 -30.53 -24.39
CA THR B 250 -32.96 -29.41 -25.33
C THR B 250 -31.87 -29.47 -26.40
N GLU B 251 -32.25 -29.21 -27.65
CA GLU B 251 -31.31 -29.35 -28.76
C GLU B 251 -31.01 -28.08 -29.55
N GLU B 252 -31.86 -27.06 -29.52
CA GLU B 252 -31.65 -25.91 -30.40
C GLU B 252 -32.10 -24.62 -29.73
N SER B 253 -31.51 -23.50 -30.16
CA SER B 253 -31.88 -22.20 -29.60
C SER B 253 -31.47 -21.08 -30.55
N ILE B 254 -32.30 -20.04 -30.66
CA ILE B 254 -31.99 -18.87 -31.48
C ILE B 254 -31.69 -17.66 -30.61
N ILE B 255 -30.58 -16.98 -30.89
CA ILE B 255 -30.17 -15.76 -30.17
C ILE B 255 -30.16 -14.57 -31.13
N LYS B 256 -30.86 -13.50 -30.79
CA LYS B 256 -30.85 -12.27 -31.59
C LYS B 256 -30.11 -11.15 -30.87
N VAL B 257 -29.21 -10.47 -31.59
CA VAL B 257 -28.44 -9.37 -31.02
C VAL B 257 -28.73 -8.10 -31.81
N LYS B 258 -29.23 -7.06 -31.14
CA LYS B 258 -29.61 -5.80 -31.77
C LYS B 258 -28.62 -4.70 -31.37
N MET B 259 -28.15 -3.94 -32.36
CA MET B 259 -27.17 -2.89 -32.11
C MET B 259 -27.63 -1.57 -32.73
N GLU B 260 -27.66 -0.49 -31.93
CA GLU B 260 -28.06 0.83 -32.41
C GLU B 260 -27.00 1.86 -32.05
N ARG B 261 -26.85 2.87 -32.92
CA ARG B 261 -25.96 4.01 -32.70
C ARG B 261 -26.63 5.32 -33.07
N GLU B 262 -26.54 6.32 -32.18
CA GLU B 262 -27.07 7.67 -32.41
C GLU B 262 -25.95 8.70 -32.43
N ARG B 263 -26.04 9.65 -33.37
CA ARG B 263 -25.07 10.71 -33.61
C ARG B 263 -25.75 12.07 -33.83
N ASN B 264 -24.98 13.15 -33.60
CA ASN B 264 -25.45 14.53 -33.80
C ASN B 264 -24.35 15.37 -34.43
N CYS B 265 -24.64 16.65 -34.69
CA CYS B 265 -23.69 17.56 -35.34
C CYS B 265 -23.47 18.86 -34.58
N TYR B 266 -22.22 19.33 -34.60
CA TYR B 266 -21.78 20.60 -34.03
C TYR B 266 -21.52 21.63 -35.14
N TYR B 267 -21.96 22.88 -34.95
CA TYR B 267 -21.83 23.89 -35.99
C TYR B 267 -21.22 25.19 -35.45
N LEU B 268 -20.29 25.77 -36.22
CA LEU B 268 -19.55 26.98 -35.82
C LEU B 268 -19.54 28.02 -36.92
N ASN B 269 -19.74 29.30 -36.56
CA ASN B 269 -19.79 30.38 -37.54
C ASN B 269 -19.41 31.72 -36.90
N TRP B 270 -19.26 32.75 -37.74
CA TRP B 270 -19.03 34.11 -37.27
C TRP B 270 -20.31 34.85 -36.91
N ASN B 271 -20.21 35.67 -35.88
CA ASN B 271 -21.23 36.61 -35.45
C ASN B 271 -20.43 37.90 -35.24
N GLY B 272 -20.30 38.68 -36.30
CA GLY B 272 -19.42 39.83 -36.21
C GLY B 272 -17.99 39.36 -36.01
N ALA B 273 -17.39 39.83 -34.92
CA ALA B 273 -16.03 39.41 -34.57
C ALA B 273 -15.99 38.17 -33.70
N ASN B 274 -17.15 37.66 -33.26
CA ASN B 274 -17.17 36.54 -32.32
C ASN B 274 -17.32 35.22 -33.06
N TRP B 275 -16.66 34.19 -32.54
CA TRP B 275 -16.76 32.83 -33.04
C TRP B 275 -17.80 32.10 -32.20
N VAL B 276 -18.93 31.71 -32.79
CA VAL B 276 -20.00 31.14 -31.99
C VAL B 276 -20.35 29.76 -32.53
N GLY B 277 -20.97 28.94 -31.68
CA GLY B 277 -21.37 27.62 -32.10
C GLY B 277 -22.71 27.20 -31.53
N GLN B 278 -23.18 26.05 -32.00
CA GLN B 278 -24.47 25.51 -31.61
C GLN B 278 -24.44 24.00 -31.83
N VAL B 279 -25.29 23.30 -31.09
CA VAL B 279 -25.49 21.86 -31.25
C VAL B 279 -26.95 21.59 -31.55
N TYR B 280 -27.21 20.81 -32.59
CA TYR B 280 -28.58 20.45 -32.96
C TYR B 280 -28.86 18.99 -32.63
N ASN B 289 -29.19 10.96 -37.73
CA ASN B 289 -29.95 9.73 -37.95
C ASN B 289 -29.60 8.70 -36.89
N VAL B 290 -30.15 7.50 -37.05
CA VAL B 290 -29.92 6.38 -36.14
C VAL B 290 -29.61 5.14 -36.97
N ASP B 291 -28.47 4.50 -36.72
CA ASP B 291 -28.11 3.28 -37.42
C ASP B 291 -28.42 2.08 -36.54
N SER B 292 -28.86 0.98 -37.14
CA SER B 292 -29.15 -0.22 -36.37
C SER B 292 -29.03 -1.46 -37.23
N HIS B 293 -28.83 -2.59 -36.57
CA HIS B 293 -28.81 -3.87 -37.27
C HIS B 293 -29.06 -4.99 -36.28
N ILE B 294 -29.70 -6.06 -36.77
CA ILE B 294 -29.98 -7.27 -35.99
C ILE B 294 -29.21 -8.46 -36.55
N PHE B 295 -28.45 -9.13 -35.67
CA PHE B 295 -27.66 -10.32 -35.96
C PHE B 295 -28.37 -11.54 -35.37
N THR B 296 -28.23 -12.69 -36.03
CA THR B 296 -28.85 -13.92 -35.56
C THR B 296 -27.83 -15.03 -35.43
N PHE B 297 -27.94 -15.82 -34.36
CA PHE B 297 -27.07 -16.96 -34.14
C PHE B 297 -27.91 -18.17 -33.75
N LYS B 298 -27.43 -19.36 -34.12
CA LYS B 298 -28.09 -20.61 -33.78
C LYS B 298 -27.20 -21.46 -32.88
N ILE B 299 -27.80 -22.03 -31.85
CA ILE B 299 -27.09 -22.83 -30.86
C ILE B 299 -27.59 -24.25 -30.98
N ASN B 300 -26.65 -25.21 -30.88
CA ASN B 300 -26.93 -26.64 -30.81
C ASN B 300 -26.39 -27.16 -29.48
N TRP B 301 -27.30 -27.53 -28.59
CA TRP B 301 -26.91 -27.98 -27.26
C TRP B 301 -26.33 -29.38 -27.30
N LEU B 302 -26.94 -30.28 -28.07
CA LEU B 302 -26.50 -31.68 -28.05
C LEU B 302 -25.12 -31.84 -28.66
N THR B 303 -24.84 -31.15 -29.75
CA THR B 303 -23.54 -31.25 -30.41
C THR B 303 -22.54 -30.21 -29.94
N HIS B 304 -22.92 -29.33 -28.99
CA HIS B 304 -22.03 -28.29 -28.48
C HIS B 304 -21.50 -27.41 -29.60
N LYS B 305 -22.41 -26.85 -30.39
CA LYS B 305 -21.99 -26.05 -31.54
C LYS B 305 -22.72 -24.71 -31.58
N VAL B 306 -22.02 -23.69 -32.07
CA VAL B 306 -22.60 -22.36 -32.29
C VAL B 306 -22.31 -21.99 -33.74
N THR B 307 -23.33 -21.52 -34.45
CA THR B 307 -23.08 -21.08 -35.82
C THR B 307 -23.84 -19.81 -36.13
N ALA B 308 -23.38 -19.13 -37.17
CA ALA B 308 -24.11 -18.00 -37.72
C ALA B 308 -25.34 -18.51 -38.46
N ILE B 309 -26.29 -17.61 -38.68
CA ILE B 309 -27.49 -17.97 -39.41
C ILE B 309 -28.02 -16.78 -40.18
N THR C 8 -5.40 -40.74 -16.86
CA THR C 8 -5.14 -40.26 -18.20
C THR C 8 -3.73 -40.63 -18.62
N ILE C 9 -3.29 -41.82 -18.23
CA ILE C 9 -1.95 -42.32 -18.51
C ILE C 9 -2.06 -43.61 -19.31
N THR C 10 -1.15 -43.79 -20.26
CA THR C 10 -1.05 -45.01 -21.05
C THR C 10 0.30 -45.64 -20.75
N ARG C 11 0.29 -46.90 -20.31
CA ARG C 11 1.52 -47.56 -19.90
C ARG C 11 1.72 -48.84 -20.70
N ASN C 12 2.99 -49.23 -20.85
CA ASN C 12 3.33 -50.43 -21.58
C ASN C 12 4.59 -51.06 -20.98
N LYS C 13 4.57 -52.39 -20.91
CA LYS C 13 5.69 -53.18 -20.43
C LYS C 13 6.35 -53.90 -21.60
N THR C 14 7.58 -54.32 -21.39
CA THR C 14 8.33 -55.05 -22.41
C THR C 14 9.02 -56.26 -21.79
N SER C 15 9.30 -57.26 -22.63
CA SER C 15 9.95 -58.47 -22.15
C SER C 15 11.43 -58.24 -21.84
N ASP C 16 12.12 -57.46 -22.67
CA ASP C 16 13.57 -57.34 -22.58
C ASP C 16 13.93 -56.34 -21.48
N GLY C 17 14.38 -56.86 -20.34
CA GLY C 17 14.74 -56.01 -19.23
C GLY C 17 13.57 -55.43 -18.47
N TYR C 18 12.35 -55.88 -18.77
CA TYR C 18 11.13 -55.38 -18.15
C TYR C 18 11.03 -53.86 -18.27
N THR C 19 11.38 -53.34 -19.46
CA THR C 19 11.34 -51.91 -19.71
C THR C 19 9.89 -51.43 -19.70
N ILE C 20 9.64 -50.33 -18.98
CA ILE C 20 8.30 -49.74 -18.87
C ILE C 20 8.32 -48.35 -19.46
N ILE C 21 7.36 -48.05 -20.34
CA ILE C 21 7.28 -46.76 -21.04
C ILE C 21 5.91 -46.17 -20.76
N THR C 22 5.82 -45.22 -19.83
CA THR C 22 4.57 -44.53 -19.53
C THR C 22 4.48 -43.19 -20.27
N GLN C 23 3.27 -42.87 -20.74
CA GLN C 23 3.01 -41.60 -21.40
C GLN C 23 1.76 -40.96 -20.80
N ASN C 24 1.74 -39.62 -20.79
CA ASN C 24 0.63 -38.85 -20.24
C ASN C 24 -0.23 -38.25 -21.36
N ASP C 25 -1.54 -38.39 -21.23
CA ASP C 25 -2.49 -37.82 -22.19
C ASP C 25 -2.99 -36.49 -21.64
N LYS C 26 -2.59 -35.39 -22.28
CA LYS C 26 -2.91 -34.03 -21.85
C LYS C 26 -4.02 -33.44 -22.70
N GLN C 27 -4.70 -32.42 -22.14
CA GLN C 27 -5.83 -31.82 -22.83
C GLN C 27 -5.42 -30.75 -23.83
N ILE C 28 -4.54 -29.84 -23.44
CA ILE C 28 -4.19 -28.67 -24.25
C ILE C 28 -2.73 -28.80 -24.68
N ILE C 29 -2.47 -28.76 -25.98
CA ILE C 29 -1.11 -28.79 -26.49
C ILE C 29 -0.88 -27.60 -27.41
N SER C 30 0.19 -26.86 -27.19
CA SER C 30 0.49 -25.71 -28.03
C SER C 30 1.81 -25.90 -28.77
N TYR C 31 1.90 -25.27 -29.93
CA TYR C 31 3.11 -25.26 -30.74
C TYR C 31 3.47 -23.82 -31.07
N GLN C 32 4.76 -23.51 -31.14
CA GLN C 32 5.18 -22.13 -31.38
C GLN C 32 6.23 -22.07 -32.49
N SER C 33 6.06 -21.11 -33.40
CA SER C 33 7.01 -20.85 -34.46
C SER C 33 7.12 -19.35 -34.66
N VAL C 34 8.31 -18.86 -35.01
CA VAL C 34 8.50 -17.44 -35.23
C VAL C 34 9.20 -17.16 -36.56
N ASP C 35 8.91 -15.98 -37.11
CA ASP C 35 9.49 -15.56 -38.39
C ASP C 35 9.68 -14.05 -38.37
N SER C 36 10.74 -13.59 -39.05
CA SER C 36 11.07 -12.17 -39.09
C SER C 36 11.45 -11.74 -40.50
N SER C 37 11.33 -10.44 -40.74
CA SER C 37 11.69 -9.87 -42.03
C SER C 37 11.95 -8.38 -41.84
N SER C 38 12.72 -7.81 -42.77
CA SER C 38 13.09 -6.41 -42.66
C SER C 38 13.30 -5.77 -44.02
N LYS C 39 13.18 -4.44 -44.04
CA LYS C 39 13.46 -3.56 -45.18
C LYS C 39 14.38 -2.46 -44.67
N ASN C 40 15.69 -2.69 -44.81
CA ASN C 40 16.70 -1.81 -44.22
C ASN C 40 16.65 -0.39 -44.80
N GLU C 41 16.25 -0.25 -46.06
CA GLU C 41 16.22 1.08 -46.68
C GLU C 41 15.25 2.02 -45.97
N ASP C 42 14.16 1.48 -45.43
CA ASP C 42 13.17 2.29 -44.74
C ASP C 42 13.26 2.14 -43.23
N GLY C 43 14.17 1.31 -42.74
CA GLY C 43 14.23 1.05 -41.31
C GLY C 43 12.98 0.37 -40.79
N PHE C 44 12.42 -0.57 -41.53
CA PHE C 44 11.20 -1.25 -41.11
C PHE C 44 11.51 -2.71 -40.81
N THR C 45 11.14 -3.18 -39.63
CA THR C 45 11.34 -4.58 -39.31
C THR C 45 10.09 -5.12 -38.66
N ALA C 46 9.74 -6.36 -38.99
CA ALA C 46 8.53 -6.97 -38.48
C ALA C 46 8.79 -8.44 -38.13
N SER C 47 8.17 -8.89 -37.05
CA SER C 47 8.27 -10.27 -36.63
C SER C 47 6.88 -10.76 -36.27
N ILE C 48 6.60 -12.01 -36.61
CA ILE C 48 5.36 -12.68 -36.29
C ILE C 48 5.66 -13.92 -35.46
N ASP C 49 5.01 -14.02 -34.31
CA ASP C 49 5.09 -15.20 -33.47
C ASP C 49 3.75 -15.89 -33.54
N ALA C 50 3.73 -17.15 -33.96
CA ALA C 50 2.49 -17.88 -34.12
C ALA C 50 2.44 -19.04 -33.15
N ARG C 51 1.28 -19.20 -32.51
CA ARG C 51 1.04 -20.32 -31.62
C ARG C 51 -0.19 -21.07 -32.07
N PHE C 52 -0.08 -22.39 -32.16
CA PHE C 52 -1.15 -23.27 -32.64
C PHE C 52 -1.67 -24.05 -31.44
N ILE C 53 -3.00 -24.04 -31.23
CA ILE C 53 -3.54 -24.71 -30.05
C ILE C 53 -4.40 -25.90 -30.43
N ASP C 54 -4.03 -27.08 -29.91
CA ASP C 54 -4.76 -28.33 -30.06
C ASP C 54 -5.52 -28.61 -28.77
N ASP C 55 -6.85 -28.47 -28.80
CA ASP C 55 -7.70 -28.70 -27.65
C ASP C 55 -8.71 -29.78 -27.97
N LYS C 56 -8.82 -30.77 -27.08
CA LYS C 56 -9.72 -31.90 -27.32
C LYS C 56 -11.19 -31.53 -27.21
N TYR C 57 -11.52 -30.43 -26.54
CA TYR C 57 -12.92 -30.04 -26.33
C TYR C 57 -13.36 -28.89 -27.23
N SER C 58 -12.51 -28.42 -28.13
CA SER C 58 -12.87 -27.31 -28.99
C SER C 58 -13.32 -27.81 -30.35
N SER C 59 -14.27 -27.09 -30.95
CA SER C 59 -14.84 -27.51 -32.22
C SER C 59 -14.03 -27.09 -33.44
N GLU C 60 -13.06 -26.19 -33.29
CA GLU C 60 -12.35 -25.67 -34.46
C GLU C 60 -10.92 -25.32 -34.07
N MET C 61 -10.06 -25.16 -35.08
CA MET C 61 -8.67 -24.87 -34.82
C MET C 61 -8.49 -23.39 -34.50
N THR C 62 -7.55 -23.11 -33.59
CA THR C 62 -7.20 -21.75 -33.20
C THR C 62 -5.71 -21.48 -33.32
N THR C 63 -5.39 -20.33 -33.90
CA THR C 63 -4.02 -19.84 -34.02
C THR C 63 -3.94 -18.41 -33.47
N LEU C 64 -2.94 -18.17 -32.64
CA LEU C 64 -2.69 -16.84 -32.07
C LEU C 64 -1.52 -16.23 -32.83
N ILE C 65 -1.69 -15.01 -33.32
CA ILE C 65 -0.69 -14.34 -34.16
C ILE C 65 -0.25 -13.07 -33.44
N ASN C 66 0.82 -13.17 -32.67
CA ASN C 66 1.41 -11.97 -32.07
C ASN C 66 2.27 -11.27 -33.11
N LEU C 67 2.39 -9.96 -32.99
CA LEU C 67 3.19 -9.13 -33.88
C LEU C 67 4.08 -8.22 -33.06
N THR C 68 5.31 -8.06 -33.55
CA THR C 68 6.31 -7.19 -32.95
C THR C 68 7.13 -6.60 -34.09
N GLY C 69 7.97 -5.62 -33.77
CA GLY C 69 8.84 -5.07 -34.80
C GLY C 69 9.42 -3.74 -34.38
N PHE C 70 10.18 -3.15 -35.30
CA PHE C 70 10.75 -1.83 -35.10
C PHE C 70 10.53 -0.88 -36.26
N MET C 71 9.99 0.30 -35.99
CA MET C 71 9.83 1.36 -36.97
C MET C 71 10.72 2.52 -36.56
N SER C 72 11.85 2.70 -37.24
CA SER C 72 12.77 3.74 -36.83
C SER C 72 12.21 5.11 -37.18
N SER C 73 12.59 6.10 -36.38
CA SER C 73 12.17 7.48 -36.59
C SER C 73 13.34 8.29 -37.11
N LYS C 74 13.13 9.00 -38.20
CA LYS C 74 14.21 9.74 -38.83
C LYS C 74 14.33 11.15 -38.23
N LYS C 75 15.52 11.70 -38.32
CA LYS C 75 15.80 13.00 -37.70
C LYS C 75 16.85 13.78 -38.47
N THR C 91 17.02 27.12 -39.26
CA THR C 91 17.16 25.78 -39.80
C THR C 91 15.81 25.07 -39.91
N ALA C 92 15.84 23.79 -40.26
CA ALA C 92 14.63 22.99 -40.28
C ALA C 92 14.99 21.57 -39.87
N ILE C 93 14.12 20.95 -39.07
CA ILE C 93 14.33 19.59 -38.59
C ILE C 93 13.11 18.77 -38.93
N ASN C 94 13.32 17.61 -39.55
CA ASN C 94 12.26 16.66 -39.80
C ASN C 94 12.00 15.80 -38.58
N PHE C 95 10.73 15.63 -38.23
CA PHE C 95 10.36 14.92 -37.03
C PHE C 95 9.03 14.21 -37.23
N PRO C 96 8.94 12.90 -36.92
CA PRO C 96 7.70 12.17 -37.19
C PRO C 96 6.52 12.72 -36.41
N VAL C 97 5.32 12.36 -36.87
CA VAL C 97 4.09 12.87 -36.27
C VAL C 97 3.03 11.78 -36.17
N ARG C 98 3.13 10.74 -36.98
CA ARG C 98 2.15 9.68 -36.88
C ARG C 98 2.66 8.32 -37.37
N TYR C 99 2.26 7.26 -36.68
CA TYR C 99 2.56 5.90 -37.09
C TYR C 99 1.25 5.17 -37.32
N SER C 100 1.27 4.16 -38.19
CA SER C 100 0.06 3.37 -38.41
C SER C 100 0.39 1.94 -38.80
N ILE C 101 -0.32 0.99 -38.20
CA ILE C 101 -0.13 -0.44 -38.43
C ILE C 101 -1.45 -1.10 -38.78
N SER C 102 -1.43 -1.97 -39.80
CA SER C 102 -2.65 -2.66 -40.17
C SER C 102 -2.38 -4.13 -40.48
N ILE C 103 -3.23 -5.02 -39.99
CA ILE C 103 -3.13 -6.46 -40.23
C ILE C 103 -4.29 -6.88 -41.11
N LEU C 104 -3.98 -7.53 -42.23
CA LEU C 104 -4.96 -7.97 -43.21
C LEU C 104 -4.99 -9.49 -43.36
N ASN C 105 -6.20 -10.05 -43.28
CA ASN C 105 -6.48 -11.46 -43.49
C ASN C 105 -6.88 -11.64 -44.95
N GLU C 106 -6.09 -12.38 -45.72
CA GLU C 106 -6.32 -12.49 -47.15
C GLU C 106 -6.90 -13.82 -47.60
N SER C 107 -7.38 -14.65 -46.69
CA SER C 107 -7.96 -15.94 -47.06
C SER C 107 -9.42 -16.02 -46.62
N ILE C 108 -10.17 -14.95 -46.88
CA ILE C 108 -11.56 -14.87 -46.43
C ILE C 108 -12.40 -15.96 -47.08
N ASN C 109 -12.15 -16.25 -48.35
CA ASN C 109 -12.97 -17.22 -49.06
C ASN C 109 -12.72 -18.65 -48.59
N GLU C 110 -11.77 -18.87 -47.69
CA GLU C 110 -11.49 -20.19 -47.15
C GLU C 110 -12.06 -20.36 -45.74
N ASN C 111 -12.86 -19.39 -45.28
CA ASN C 111 -13.46 -19.39 -43.94
C ASN C 111 -12.42 -19.30 -42.83
N VAL C 112 -11.38 -18.49 -43.05
CA VAL C 112 -10.45 -18.11 -41.99
C VAL C 112 -10.83 -16.72 -41.50
N LYS C 113 -11.03 -16.57 -40.19
CA LYS C 113 -11.69 -15.40 -39.65
C LYS C 113 -10.92 -14.81 -38.47
N ILE C 114 -11.01 -13.49 -38.32
CA ILE C 114 -10.39 -12.76 -37.21
C ILE C 114 -11.43 -12.58 -36.12
N VAL C 115 -11.34 -13.37 -35.06
CA VAL C 115 -12.33 -13.24 -34.01
C VAL C 115 -11.97 -12.22 -32.92
N ASP C 116 -10.68 -11.94 -32.69
CA ASP C 116 -10.35 -11.01 -31.62
C ASP C 116 -9.03 -10.27 -31.87
N SER C 117 -8.93 -9.09 -31.27
CA SER C 117 -7.74 -8.23 -31.31
C SER C 117 -7.51 -7.67 -29.91
N ILE C 118 -6.26 -7.70 -29.44
CA ILE C 118 -6.00 -7.46 -28.01
C ILE C 118 -6.10 -6.00 -27.59
N PRO C 119 -5.40 -5.04 -28.20
CA PRO C 119 -5.54 -3.66 -27.72
C PRO C 119 -6.95 -3.13 -27.99
N LYS C 120 -7.49 -2.38 -27.03
CA LYS C 120 -8.87 -1.94 -27.10
C LYS C 120 -8.98 -0.51 -26.59
N ASN C 121 -10.17 0.06 -26.76
CA ASN C 121 -10.48 1.41 -26.31
C ASN C 121 -10.97 1.40 -24.87
N THR C 122 -10.54 2.40 -24.10
CA THR C 122 -10.84 2.47 -22.68
C THR C 122 -11.41 3.84 -22.35
N ILE C 123 -12.00 3.94 -21.15
CA ILE C 123 -12.66 5.16 -20.69
C ILE C 123 -11.85 5.76 -19.55
N SER C 124 -11.54 7.06 -19.66
CA SER C 124 -10.71 7.75 -18.69
C SER C 124 -11.51 8.16 -17.46
N GLN C 125 -10.79 8.64 -16.43
CA GLN C 125 -11.37 9.09 -15.18
C GLN C 125 -10.85 10.49 -14.84
N LYS C 126 -11.72 11.30 -14.26
CA LYS C 126 -11.41 12.66 -13.83
C LYS C 126 -11.69 12.80 -12.34
N THR C 127 -10.90 13.61 -11.64
CA THR C 127 -11.18 13.90 -10.24
C THR C 127 -11.69 15.33 -10.07
N VAL C 128 -12.83 15.50 -9.41
CA VAL C 128 -13.51 16.78 -9.28
C VAL C 128 -13.70 17.12 -7.82
N SER C 129 -13.40 18.37 -7.45
CA SER C 129 -13.66 18.84 -6.10
C SER C 129 -14.28 20.23 -6.14
N ASN C 130 -15.13 20.50 -5.15
CA ASN C 130 -15.80 21.80 -5.01
C ASN C 130 -15.78 22.20 -3.55
N THR C 131 -15.55 23.49 -3.29
CA THR C 131 -15.59 24.03 -1.94
C THR C 131 -16.28 25.38 -1.91
N MET C 132 -16.97 25.65 -0.81
CA MET C 132 -17.65 26.92 -0.58
C MET C 132 -17.42 27.33 0.87
N GLY C 133 -17.12 28.61 1.09
CA GLY C 133 -16.82 29.08 2.43
C GLY C 133 -17.36 30.46 2.69
N TYR C 134 -17.58 30.73 3.98
CA TYR C 134 -18.07 31.99 4.50
C TYR C 134 -17.18 32.52 5.62
N LYS C 135 -16.92 33.82 5.61
CA LYS C 135 -16.15 34.46 6.68
C LYS C 135 -16.88 35.71 7.15
N ILE C 136 -16.73 36.02 8.43
CA ILE C 136 -17.34 37.20 9.02
C ILE C 136 -16.38 37.76 10.06
N GLY C 137 -16.26 39.10 10.11
CA GLY C 137 -15.32 39.70 11.03
C GLY C 137 -15.80 41.00 11.63
N GLY C 138 -15.66 41.15 12.94
CA GLY C 138 -16.04 42.39 13.60
C GLY C 138 -14.87 43.03 14.31
N SER C 139 -14.61 44.31 14.06
CA SER C 139 -13.49 45.00 14.68
C SER C 139 -13.96 46.22 15.45
N ILE C 140 -13.49 46.33 16.69
CA ILE C 140 -13.76 47.48 17.56
C ILE C 140 -12.44 48.19 17.77
N GLU C 141 -12.41 49.50 17.54
CA GLU C 141 -11.18 50.28 17.63
C GLU C 141 -11.42 51.48 18.53
N ILE C 142 -10.94 51.41 19.77
CA ILE C 142 -11.07 52.51 20.72
C ILE C 142 -9.79 53.33 20.67
N GLU C 143 -9.90 54.54 20.13
CA GLU C 143 -8.80 55.49 20.13
C GLU C 143 -8.94 56.35 21.38
N GLU C 144 -8.23 57.48 21.43
CA GLU C 144 -8.42 58.39 22.57
C GLU C 144 -9.80 59.01 22.45
N ASN C 145 -10.77 58.43 23.17
CA ASN C 145 -12.15 58.91 23.19
C ASN C 145 -12.76 58.96 21.79
N LYS C 146 -12.39 58.00 20.93
CA LYS C 146 -12.92 57.94 19.58
C LYS C 146 -13.23 56.51 19.18
N PRO C 147 -14.47 56.21 18.83
CA PRO C 147 -14.81 54.85 18.39
C PRO C 147 -14.83 54.69 16.88
N LYS C 148 -14.36 53.54 16.38
CA LYS C 148 -14.39 53.24 14.94
C LYS C 148 -14.79 51.77 14.79
N ALA C 149 -16.09 51.53 14.70
CA ALA C 149 -16.60 50.17 14.54
C ALA C 149 -16.67 49.78 13.07
N SER C 150 -16.07 48.65 12.72
CA SER C 150 -16.04 48.16 11.35
C SER C 150 -16.47 46.70 11.34
N ILE C 151 -17.34 46.33 10.41
CA ILE C 151 -17.73 44.94 10.21
C ILE C 151 -17.52 44.54 8.76
N GLU C 152 -16.92 43.38 8.54
CA GLU C 152 -16.55 42.90 7.21
C GLU C 152 -17.13 41.51 7.02
N SER C 153 -17.40 41.16 5.76
CA SER C 153 -18.01 39.88 5.41
C SER C 153 -17.43 39.38 4.10
N GLU C 154 -17.16 38.08 4.00
CA GLU C 154 -16.59 37.49 2.79
C GLU C 154 -17.30 36.19 2.46
N TYR C 155 -17.31 35.85 1.17
CA TYR C 155 -17.90 34.63 0.65
C TYR C 155 -17.08 34.13 -0.52
N ALA C 156 -16.76 32.84 -0.57
CA ALA C 156 -15.93 32.36 -1.67
C ALA C 156 -16.33 30.96 -2.08
N GLU C 157 -16.05 30.64 -3.34
CA GLU C 157 -16.33 29.35 -3.94
C GLU C 157 -15.18 28.99 -4.87
N SER C 158 -14.82 27.70 -4.96
CA SER C 158 -13.81 27.29 -5.92
C SER C 158 -13.99 25.80 -6.25
N SER C 159 -13.28 25.36 -7.30
CA SER C 159 -13.29 23.95 -7.70
C SER C 159 -11.97 23.57 -8.36
N THR C 160 -11.65 22.28 -8.30
CA THR C 160 -10.42 21.71 -8.87
C THR C 160 -10.69 20.47 -9.71
N ILE C 161 -10.02 20.37 -10.85
CA ILE C 161 -10.09 19.23 -11.75
C ILE C 161 -8.71 18.62 -11.92
N GLU C 162 -8.62 17.29 -11.80
CA GLU C 162 -7.35 16.57 -12.00
C GLU C 162 -7.50 15.43 -13.00
N TYR C 163 -6.46 15.22 -13.82
CA TYR C 163 -6.40 14.11 -14.75
C TYR C 163 -4.94 13.88 -15.15
N VAL C 164 -4.71 12.79 -15.88
CA VAL C 164 -3.36 12.34 -16.26
C VAL C 164 -3.23 12.32 -17.78
N GLN C 165 -2.07 12.75 -18.29
CA GLN C 165 -1.85 12.93 -19.72
C GLN C 165 -0.65 12.17 -20.28
N PRO C 166 -0.85 11.16 -21.14
CA PRO C 166 0.28 10.52 -21.81
C PRO C 166 0.96 11.45 -22.81
N ASP C 167 2.14 11.04 -23.27
CA ASP C 167 2.87 11.76 -24.31
C ASP C 167 2.51 11.31 -25.72
N PHE C 168 2.02 10.09 -25.88
CA PHE C 168 1.53 9.57 -27.14
C PHE C 168 0.24 8.83 -26.88
N SER C 169 -0.59 8.71 -27.90
CA SER C 169 -1.91 8.12 -27.75
C SER C 169 -2.17 7.11 -28.85
N THR C 170 -2.67 5.94 -28.47
CA THR C 170 -2.91 4.84 -29.40
C THR C 170 -4.41 4.55 -29.42
N ILE C 171 -5.00 4.59 -30.60
CA ILE C 171 -6.43 4.42 -30.77
C ILE C 171 -6.67 3.29 -31.75
N GLN C 172 -7.53 2.34 -31.40
CA GLN C 172 -7.89 1.33 -32.37
C GLN C 172 -8.92 1.96 -33.30
N THR C 173 -8.72 1.84 -34.60
CA THR C 173 -9.59 2.50 -35.55
C THR C 173 -10.43 1.53 -36.35
N ASP C 174 -10.00 0.30 -36.50
CA ASP C 174 -10.89 -0.59 -37.25
C ASP C 174 -10.67 -2.02 -36.78
N HIS C 175 -11.75 -2.78 -36.84
CA HIS C 175 -11.79 -4.20 -36.52
C HIS C 175 -12.91 -4.83 -37.33
N SER C 176 -12.59 -5.86 -38.09
CA SER C 176 -13.58 -6.54 -38.90
C SER C 176 -13.12 -7.97 -39.14
N THR C 177 -13.86 -8.68 -39.97
CA THR C 177 -13.52 -10.06 -40.26
C THR C 177 -12.18 -10.17 -40.99
N SER C 178 -11.76 -9.13 -41.69
CA SER C 178 -10.54 -9.19 -42.47
C SER C 178 -9.44 -8.23 -42.03
N LYS C 179 -9.76 -7.07 -41.48
CA LYS C 179 -8.78 -6.01 -41.27
C LYS C 179 -8.84 -5.47 -39.86
N ALA C 180 -7.68 -5.35 -39.22
CA ALA C 180 -7.59 -4.67 -37.93
C ALA C 180 -6.54 -3.58 -38.08
N SER C 181 -6.91 -2.34 -37.77
CA SER C 181 -6.01 -1.21 -38.00
C SER C 181 -5.91 -0.31 -36.79
N TRP C 182 -4.66 -0.01 -36.40
CA TRP C 182 -4.28 0.78 -35.23
C TRP C 182 -3.39 1.93 -35.70
N ASP C 183 -3.27 2.97 -34.87
CA ASP C 183 -2.35 4.05 -35.18
C ASP C 183 -2.07 4.88 -33.94
N THR C 184 -1.02 5.69 -34.03
CA THR C 184 -0.54 6.52 -32.93
C THR C 184 -0.19 7.89 -33.47
N LYS C 185 -0.29 8.92 -32.63
CA LYS C 185 -0.11 10.29 -33.10
C LYS C 185 0.58 11.11 -32.02
N PHE C 186 1.21 12.20 -32.46
CA PHE C 186 1.88 13.11 -31.53
C PHE C 186 0.86 13.86 -30.68
N THR C 187 1.18 14.11 -29.41
CA THR C 187 0.21 14.70 -28.49
C THR C 187 0.62 16.09 -28.00
N GLU C 188 1.71 16.21 -27.24
CA GLU C 188 2.08 17.48 -26.63
C GLU C 188 3.44 17.33 -25.99
N THR C 189 4.05 18.48 -25.66
CA THR C 189 5.34 18.49 -24.99
C THR C 189 5.17 18.44 -23.48
N THR C 190 6.14 17.81 -22.82
CA THR C 190 6.10 17.72 -21.36
C THR C 190 6.36 19.07 -20.71
N ARG C 191 7.22 19.88 -21.29
CA ARG C 191 7.53 21.21 -20.78
C ARG C 191 6.94 22.24 -21.74
N GLY C 192 6.06 23.09 -21.24
CA GLY C 192 5.45 24.13 -22.03
C GLY C 192 4.08 23.82 -22.59
N ASN C 193 3.70 22.54 -22.66
CA ASN C 193 2.36 22.13 -23.10
C ASN C 193 1.99 22.72 -24.46
N TYR C 194 2.93 22.72 -25.39
CA TYR C 194 2.62 23.14 -26.75
C TYR C 194 2.12 21.97 -27.58
N ASN C 195 1.50 22.30 -28.71
CA ASN C 195 0.96 21.30 -29.62
C ASN C 195 1.08 21.82 -31.05
N LEU C 196 0.61 21.03 -32.00
CA LEU C 196 0.81 21.37 -33.40
C LEU C 196 -0.02 22.54 -33.88
N LYS C 197 -0.99 23.00 -33.12
CA LYS C 197 -1.87 24.07 -33.57
C LYS C 197 -1.68 25.38 -32.82
N SER C 198 -0.70 25.46 -31.92
CA SER C 198 -0.51 26.67 -31.14
C SER C 198 0.00 27.79 -32.04
N ASN C 199 -0.27 29.04 -31.65
CA ASN C 199 0.14 30.18 -32.46
C ASN C 199 0.22 31.43 -31.57
N ASN C 200 1.43 31.81 -31.20
CA ASN C 200 1.68 33.05 -30.49
C ASN C 200 1.83 34.19 -31.50
N PRO C 201 1.15 35.32 -31.33
CA PRO C 201 1.18 36.39 -32.34
C PRO C 201 2.55 36.84 -32.80
N VAL C 202 3.52 36.92 -31.89
CA VAL C 202 4.83 37.48 -32.24
C VAL C 202 5.95 36.45 -32.21
N TYR C 203 5.73 35.28 -31.62
CA TYR C 203 6.76 34.25 -31.58
C TYR C 203 6.39 33.02 -32.39
N GLY C 204 5.21 33.00 -33.00
CA GLY C 204 4.80 31.82 -33.74
C GLY C 204 4.71 30.61 -32.84
N ASN C 205 5.25 29.50 -33.31
CA ASN C 205 5.23 28.25 -32.56
C ASN C 205 6.53 28.10 -31.79
N GLU C 206 6.44 27.91 -30.49
CA GLU C 206 7.62 27.85 -29.64
C GLU C 206 8.01 26.43 -29.28
N MET C 207 7.48 25.44 -30.00
CA MET C 207 7.93 24.07 -29.84
C MET C 207 9.38 23.93 -30.28
N PHE C 208 10.16 23.15 -29.53
CA PHE C 208 11.57 22.92 -29.83
C PHE C 208 12.35 24.23 -30.01
N MET C 209 12.13 25.18 -29.11
CA MET C 209 12.92 26.41 -29.12
C MET C 209 13.49 26.66 -27.73
N TYR C 210 14.82 26.78 -27.66
CA TYR C 210 15.48 26.99 -26.38
C TYR C 210 15.30 28.41 -25.85
N GLY C 211 15.88 29.38 -26.55
CA GLY C 211 15.85 30.75 -26.08
C GLY C 211 15.43 31.72 -27.13
N ARG C 212 14.57 32.68 -26.76
CA ARG C 212 14.10 33.65 -27.73
C ARG C 212 15.19 34.60 -28.18
N TYR C 213 16.15 34.92 -27.31
CA TYR C 213 17.14 35.95 -27.61
C TYR C 213 18.58 35.47 -27.46
N THR C 214 18.82 34.16 -27.53
CA THR C 214 20.16 33.63 -27.24
C THR C 214 21.24 34.18 -28.15
N ASN C 215 20.89 34.62 -29.36
CA ASN C 215 21.85 35.20 -30.31
C ASN C 215 23.01 34.24 -30.59
N VAL C 216 22.68 33.02 -30.98
CA VAL C 216 23.65 32.03 -31.39
C VAL C 216 23.17 31.46 -32.72
N PRO C 217 24.04 30.76 -33.46
CA PRO C 217 23.60 30.19 -34.75
C PRO C 217 22.40 29.26 -34.60
N ALA C 218 21.52 29.31 -35.62
CA ALA C 218 20.28 28.54 -35.62
C ALA C 218 20.44 27.12 -35.10
N THR C 219 21.47 26.42 -35.58
CA THR C 219 21.69 25.04 -35.16
C THR C 219 21.81 24.94 -33.65
N GLU C 220 22.48 25.92 -33.03
CA GLU C 220 22.68 25.93 -31.59
C GLU C 220 21.45 26.29 -30.79
N ASN C 221 20.45 26.95 -31.38
CA ASN C 221 19.25 27.31 -30.62
C ASN C 221 18.25 26.18 -30.45
N ILE C 222 18.47 25.00 -31.05
CA ILE C 222 17.49 23.94 -30.87
C ILE C 222 17.51 23.45 -29.43
N ILE C 223 16.47 22.71 -29.07
CA ILE C 223 16.22 22.28 -27.69
C ILE C 223 17.04 21.02 -27.41
N PRO C 224 17.52 20.82 -26.18
CA PRO C 224 18.27 19.60 -25.87
C PRO C 224 17.43 18.37 -26.13
N ASP C 225 18.09 17.32 -26.61
CA ASP C 225 17.37 16.14 -27.09
C ASP C 225 16.59 15.44 -25.98
N TYR C 226 17.10 15.43 -24.75
CA TYR C 226 16.49 14.60 -23.71
C TYR C 226 15.06 15.03 -23.42
N GLN C 227 14.76 16.33 -23.56
CA GLN C 227 13.41 16.78 -23.30
C GLN C 227 12.43 16.23 -24.32
N MET C 228 12.88 15.92 -25.53
CA MET C 228 12.01 15.31 -26.52
C MET C 228 11.64 13.88 -26.10
N SER C 229 10.46 13.45 -26.56
CA SER C 229 9.99 12.11 -26.23
C SER C 229 10.90 11.05 -26.85
N LYS C 230 10.98 9.90 -26.18
CA LYS C 230 11.77 8.78 -26.69
C LYS C 230 11.27 8.32 -28.05
N LEU C 231 9.95 8.37 -28.27
CA LEU C 231 9.41 7.91 -29.54
C LEU C 231 9.73 8.82 -30.71
N ILE C 232 10.21 10.04 -30.47
CA ILE C 232 10.59 10.88 -31.61
C ILE C 232 12.06 10.69 -31.92
N THR C 233 12.90 10.59 -30.89
CA THR C 233 14.31 10.33 -31.09
C THR C 233 14.53 8.91 -31.59
N GLY C 234 13.82 7.94 -31.00
CA GLY C 234 13.96 6.56 -31.36
C GLY C 234 12.61 5.97 -31.76
N GLY C 235 12.69 4.82 -32.43
CA GLY C 235 11.52 4.27 -33.07
C GLY C 235 10.52 3.68 -32.09
N LEU C 236 9.29 3.53 -32.59
CA LEU C 236 8.23 2.85 -31.85
C LEU C 236 8.44 1.34 -31.88
N ASN C 237 8.03 0.66 -30.81
CA ASN C 237 8.10 -0.80 -30.69
C ASN C 237 6.71 -1.39 -30.59
N PRO C 238 6.11 -1.82 -31.69
CA PRO C 238 4.72 -2.27 -31.64
C PRO C 238 4.54 -3.58 -30.89
N ASN C 239 3.36 -3.74 -30.30
CA ASN C 239 2.93 -5.03 -29.75
C ASN C 239 1.46 -5.18 -30.11
N MET C 240 1.12 -6.13 -30.99
CA MET C 240 -0.27 -6.31 -31.40
C MET C 240 -0.58 -7.79 -31.46
N SER C 241 -1.79 -8.20 -31.10
CA SER C 241 -2.13 -9.62 -31.19
C SER C 241 -3.48 -9.83 -31.87
N VAL C 242 -3.58 -10.87 -32.70
CA VAL C 242 -4.82 -11.20 -33.40
C VAL C 242 -5.09 -12.70 -33.31
N VAL C 243 -6.34 -13.06 -33.06
CA VAL C 243 -6.76 -14.46 -32.94
C VAL C 243 -7.48 -14.91 -34.21
N LEU C 244 -7.04 -16.03 -34.77
CA LEU C 244 -7.64 -16.60 -35.98
C LEU C 244 -8.21 -17.96 -35.65
N THR C 245 -9.34 -18.32 -36.27
CA THR C 245 -9.89 -19.66 -36.16
C THR C 245 -10.22 -20.21 -37.54
N ALA C 246 -10.34 -21.54 -37.62
CA ALA C 246 -10.63 -22.17 -38.90
C ALA C 246 -11.30 -23.51 -38.67
N PRO C 247 -12.09 -24.00 -39.61
CA PRO C 247 -12.67 -25.33 -39.50
C PRO C 247 -11.61 -26.41 -39.73
N ASN C 248 -11.98 -27.63 -39.37
CA ASN C 248 -11.06 -28.77 -39.43
C ASN C 248 -10.54 -28.99 -40.85
N GLY C 249 -9.25 -29.26 -40.95
CA GLY C 249 -8.63 -29.60 -42.23
C GLY C 249 -7.89 -28.49 -42.93
N THR C 250 -8.05 -27.25 -42.50
CA THR C 250 -7.40 -26.11 -43.16
C THR C 250 -5.88 -26.27 -43.16
N GLU C 251 -5.25 -25.98 -44.30
CA GLU C 251 -3.81 -26.21 -44.44
C GLU C 251 -2.96 -24.97 -44.69
N GLU C 252 -3.51 -23.86 -45.20
CA GLU C 252 -2.68 -22.73 -45.59
C GLU C 252 -3.39 -21.41 -45.35
N SER C 253 -2.60 -20.35 -45.16
CA SER C 253 -3.18 -19.02 -44.93
C SER C 253 -2.15 -17.94 -45.24
N ILE C 254 -2.58 -16.83 -45.83
CA ILE C 254 -1.70 -15.69 -46.12
C ILE C 254 -2.04 -14.52 -45.19
N ILE C 255 -1.01 -13.94 -44.56
CA ILE C 255 -1.16 -12.77 -43.69
C ILE C 255 -0.39 -11.59 -44.27
N LYS C 256 -1.06 -10.45 -44.45
CA LYS C 256 -0.42 -9.22 -44.93
C LYS C 256 -0.33 -8.18 -43.82
N VAL C 257 0.86 -7.59 -43.64
CA VAL C 257 1.07 -6.55 -42.63
C VAL C 257 1.51 -5.27 -43.31
N LYS C 258 0.73 -4.19 -43.11
CA LYS C 258 0.99 -2.89 -43.72
C LYS C 258 1.48 -1.90 -42.68
N MET C 259 2.56 -1.18 -42.99
CA MET C 259 3.14 -0.22 -42.06
C MET C 259 3.33 1.13 -42.73
N GLU C 260 2.83 2.20 -42.11
CA GLU C 260 2.96 3.56 -42.62
C GLU C 260 3.53 4.49 -41.56
N ARG C 261 4.30 5.48 -42.00
CA ARG C 261 4.86 6.53 -41.15
C ARG C 261 4.72 7.90 -41.79
N GLU C 262 4.22 8.88 -41.02
CA GLU C 262 4.10 10.27 -41.47
C GLU C 262 4.96 11.20 -40.62
N ARG C 263 5.63 12.15 -41.29
CA ARG C 263 6.54 13.13 -40.70
C ARG C 263 6.30 14.54 -41.22
N ASN C 264 6.75 15.54 -40.46
CA ASN C 264 6.64 16.96 -40.84
C ASN C 264 7.93 17.70 -40.44
N CYS C 265 7.98 19.01 -40.74
CA CYS C 265 9.17 19.82 -40.48
C CYS C 265 8.87 21.09 -39.70
N TYR C 266 9.80 21.45 -38.80
CA TYR C 266 9.79 22.67 -38.00
C TYR C 266 10.81 23.67 -38.52
N TYR C 267 10.45 24.95 -38.61
CA TYR C 267 11.34 25.96 -39.20
C TYR C 267 11.48 27.19 -38.29
N LEU C 268 12.71 27.69 -38.14
CA LEU C 268 13.02 28.81 -37.25
C LEU C 268 13.88 29.86 -37.95
N ASN C 269 13.56 31.15 -37.75
CA ASN C 269 14.28 32.23 -38.41
C ASN C 269 14.18 33.53 -37.59
N TRP C 270 14.94 34.54 -38.02
CA TRP C 270 14.86 35.87 -37.42
C TRP C 270 13.76 36.72 -38.01
N ASN C 271 13.15 37.52 -37.14
CA ASN C 271 12.18 38.56 -37.49
C ASN C 271 12.68 39.76 -36.69
N GLY C 272 13.56 40.54 -37.31
CA GLY C 272 14.21 41.60 -36.55
C GLY C 272 15.04 41.00 -35.43
N ALA C 273 14.74 41.40 -34.20
CA ALA C 273 15.42 40.85 -33.03
C ALA C 273 14.75 39.60 -32.47
N ASN C 274 13.60 39.20 -33.00
CA ASN C 274 12.85 38.09 -32.44
C ASN C 274 13.17 36.79 -33.16
N TRP C 275 13.20 35.71 -32.40
CA TRP C 275 13.41 34.35 -32.92
C TRP C 275 12.03 33.73 -33.10
N VAL C 276 11.63 33.45 -34.34
CA VAL C 276 10.26 32.98 -34.55
C VAL C 276 10.33 31.64 -35.28
N GLY C 277 9.23 30.87 -35.18
CA GLY C 277 9.16 29.60 -35.86
C GLY C 277 7.78 29.31 -36.42
N GLN C 278 7.71 28.21 -37.16
CA GLN C 278 6.49 27.79 -37.83
C GLN C 278 6.57 26.29 -38.06
N VAL C 279 5.40 25.66 -38.18
CA VAL C 279 5.28 24.25 -38.54
C VAL C 279 4.45 24.12 -39.80
N TYR C 280 4.95 23.38 -40.78
CA TYR C 280 4.22 23.14 -42.01
C TYR C 280 3.70 21.71 -42.08
N ASN C 289 6.55 13.78 -46.49
CA ASN C 289 6.10 12.63 -47.27
C ASN C 289 5.53 11.56 -46.35
N VAL C 290 5.18 10.42 -46.92
CA VAL C 290 4.63 9.28 -46.19
C VAL C 290 5.35 8.02 -46.66
N ASP C 291 5.94 7.28 -45.72
CA ASP C 291 6.61 6.03 -46.06
C ASP C 291 5.70 4.87 -45.72
N SER C 292 5.74 3.82 -46.54
CA SER C 292 4.91 2.65 -46.28
C SER C 292 5.52 1.41 -46.90
N HIS C 293 5.13 0.25 -46.36
CA HIS C 293 5.56 -1.01 -46.93
C HIS C 293 4.62 -2.13 -46.49
N ILE C 294 4.44 -3.12 -47.36
CA ILE C 294 3.62 -4.30 -47.08
C ILE C 294 4.49 -5.56 -47.02
N PHE C 295 4.36 -6.29 -45.92
CA PHE C 295 5.03 -7.56 -45.66
C PHE C 295 4.05 -8.71 -45.81
N THR C 296 4.54 -9.86 -46.27
CA THR C 296 3.70 -11.04 -46.46
C THR C 296 4.26 -12.24 -45.73
N PHE C 297 3.37 -13.01 -45.09
CA PHE C 297 3.75 -14.23 -44.42
C PHE C 297 2.81 -15.36 -44.81
N LYS C 298 3.34 -16.59 -44.82
CA LYS C 298 2.56 -17.78 -45.13
C LYS C 298 2.50 -18.71 -43.92
N ILE C 299 1.31 -19.23 -43.65
CA ILE C 299 1.06 -20.09 -42.51
C ILE C 299 0.70 -21.46 -43.04
N ASN C 300 1.22 -22.50 -42.38
CA ASN C 300 0.90 -23.90 -42.63
C ASN C 300 0.31 -24.48 -41.34
N TRP C 301 -0.99 -24.77 -41.38
CA TRP C 301 -1.68 -25.25 -40.20
C TRP C 301 -1.33 -26.71 -39.90
N LEU C 302 -1.27 -27.54 -40.94
CA LEU C 302 -1.06 -28.97 -40.73
C LEU C 302 0.33 -29.26 -40.20
N THR C 303 1.34 -28.59 -40.72
CA THR C 303 2.72 -28.81 -40.29
C THR C 303 3.15 -27.86 -39.18
N HIS C 304 2.28 -26.97 -38.72
CA HIS C 304 2.61 -26.02 -37.66
C HIS C 304 3.83 -25.18 -38.02
N LYS C 305 3.78 -24.54 -39.18
CA LYS C 305 4.94 -23.78 -39.65
C LYS C 305 4.54 -22.37 -40.09
N VAL C 306 5.43 -21.41 -39.86
CA VAL C 306 5.28 -20.05 -40.34
C VAL C 306 6.52 -19.70 -41.14
N THR C 307 6.34 -19.13 -42.33
CA THR C 307 7.50 -18.71 -43.09
C THR C 307 7.26 -17.36 -43.75
N ALA C 308 8.36 -16.73 -44.12
CA ALA C 308 8.30 -15.54 -44.94
C ALA C 308 7.94 -15.92 -46.37
N ILE C 309 7.48 -14.93 -47.13
CA ILE C 309 7.11 -15.17 -48.52
C ILE C 309 7.37 -13.93 -49.34
N THR D 8 5.53 -39.97 -18.46
CA THR D 8 6.69 -39.51 -19.22
C THR D 8 7.97 -40.01 -18.54
N ILE D 9 7.93 -41.24 -18.03
CA ILE D 9 9.05 -41.85 -17.33
C ILE D 9 9.45 -43.13 -18.06
N THR D 10 10.75 -43.39 -18.12
CA THR D 10 11.30 -44.60 -18.69
C THR D 10 12.00 -45.35 -17.56
N ARG D 11 11.62 -46.60 -17.34
CA ARG D 11 12.16 -47.38 -16.23
C ARG D 11 12.79 -48.66 -16.74
N ASN D 12 13.77 -49.16 -15.98
CA ASN D 12 14.46 -50.39 -16.35
C ASN D 12 14.88 -51.13 -15.09
N LYS D 13 14.74 -52.45 -15.14
CA LYS D 13 15.14 -53.34 -14.06
C LYS D 13 16.39 -54.11 -14.48
N THR D 14 17.10 -54.65 -13.49
CA THR D 14 18.30 -55.44 -13.75
C THR D 14 18.28 -56.70 -12.90
N SER D 15 19.01 -57.72 -13.38
CA SER D 15 19.07 -58.99 -12.66
C SER D 15 19.90 -58.89 -11.39
N ASP D 16 21.02 -58.17 -11.43
CA ASP D 16 22.00 -58.18 -10.35
C ASP D 16 21.54 -57.22 -9.25
N GLY D 17 21.01 -57.78 -8.16
CA GLY D 17 20.54 -56.98 -7.05
C GLY D 17 19.21 -56.31 -7.30
N TYR D 18 18.54 -56.64 -8.41
CA TYR D 18 17.27 -56.03 -8.78
C TYR D 18 17.38 -54.51 -8.83
N THR D 19 18.48 -54.02 -9.40
CA THR D 19 18.72 -52.59 -9.52
C THR D 19 17.71 -51.98 -10.47
N ILE D 20 17.10 -50.86 -10.08
CA ILE D 20 16.10 -50.16 -10.89
C ILE D 20 16.62 -48.76 -11.22
N ILE D 21 16.57 -48.40 -12.49
CA ILE D 21 17.08 -47.09 -12.95
C ILE D 21 15.96 -46.38 -13.69
N THR D 22 15.31 -45.42 -13.02
CA THR D 22 14.24 -44.63 -13.63
C THR D 22 14.78 -43.30 -14.14
N GLN D 23 14.28 -42.86 -15.29
CA GLN D 23 14.63 -41.57 -15.87
C GLN D 23 13.37 -40.82 -16.27
N ASN D 24 13.42 -39.49 -16.20
CA ASN D 24 12.30 -38.62 -16.52
C ASN D 24 12.51 -37.95 -17.88
N ASP D 25 11.49 -37.96 -18.73
CA ASP D 25 11.52 -37.31 -20.02
C ASP D 25 10.86 -35.94 -19.90
N LYS D 26 11.66 -34.88 -20.00
CA LYS D 26 11.21 -33.50 -19.83
C LYS D 26 11.05 -32.80 -21.18
N GLN D 27 10.25 -31.74 -21.18
CA GLN D 27 9.95 -31.02 -22.43
C GLN D 27 11.02 -30.00 -22.78
N ILE D 28 11.44 -29.17 -21.82
CA ILE D 28 12.32 -28.04 -22.08
C ILE D 28 13.64 -28.30 -21.36
N ILE D 29 14.74 -28.27 -22.11
CA ILE D 29 16.07 -28.42 -21.52
C ILE D 29 16.94 -27.25 -21.94
N SER D 30 17.59 -26.61 -20.98
CA SER D 30 18.46 -25.49 -21.29
C SER D 30 19.91 -25.79 -20.91
N TYR D 31 20.83 -25.17 -21.62
CA TYR D 31 22.25 -25.26 -21.35
C TYR D 31 22.82 -23.85 -21.25
N GLN D 32 23.81 -23.66 -20.37
CA GLN D 32 24.36 -22.33 -20.16
C GLN D 32 25.88 -22.35 -20.20
N SER D 33 26.46 -21.38 -20.91
CA SER D 33 27.90 -21.19 -20.98
C SER D 33 28.20 -19.71 -20.94
N VAL D 34 29.33 -19.33 -20.33
CA VAL D 34 29.70 -17.92 -20.25
C VAL D 34 31.14 -17.71 -20.69
N ASP D 35 31.41 -16.50 -21.20
CA ASP D 35 32.74 -16.13 -21.68
C ASP D 35 32.96 -14.64 -21.44
N SER D 36 34.21 -14.28 -21.15
CA SER D 36 34.55 -12.90 -20.84
C SER D 36 35.84 -12.49 -21.55
N SER D 37 36.00 -11.18 -21.74
CA SER D 37 37.19 -10.64 -22.35
C SER D 37 37.34 -9.18 -21.94
N SER D 38 38.58 -8.68 -22.02
CA SER D 38 38.84 -7.32 -21.59
C SER D 38 39.98 -6.69 -22.38
N LYS D 39 39.99 -5.36 -22.38
CA LYS D 39 41.05 -4.51 -22.93
C LYS D 39 41.40 -3.49 -21.85
N ASN D 40 42.42 -3.83 -21.05
CA ASN D 40 42.78 -3.05 -19.88
C ASN D 40 43.23 -1.63 -20.22
N GLU D 41 43.85 -1.44 -21.39
CA GLU D 41 44.33 -0.12 -21.77
C GLU D 41 43.21 0.89 -21.87
N ASP D 42 42.02 0.46 -22.29
CA ASP D 42 40.89 1.34 -22.45
C ASP D 42 39.87 1.19 -21.31
N GLY D 43 40.13 0.26 -20.39
CA GLY D 43 39.15 0.00 -19.35
C GLY D 43 37.85 -0.57 -19.88
N PHE D 44 37.93 -1.45 -20.87
CA PHE D 44 36.73 -2.02 -21.47
C PHE D 44 36.65 -3.50 -21.14
N THR D 45 35.52 -3.94 -20.58
CA THR D 45 35.37 -5.36 -20.32
C THR D 45 33.98 -5.78 -20.78
N ALA D 46 33.90 -6.99 -21.33
CA ALA D 46 32.64 -7.50 -21.85
C ALA D 46 32.49 -8.97 -21.52
N SER D 47 31.26 -9.39 -21.21
CA SER D 47 30.95 -10.76 -20.93
C SER D 47 29.68 -11.13 -21.69
N ILE D 48 29.66 -12.35 -22.21
CA ILE D 48 28.51 -12.91 -22.90
C ILE D 48 28.06 -14.17 -22.18
N ASP D 49 26.79 -14.21 -21.82
CA ASP D 49 26.18 -15.41 -21.23
C ASP D 49 25.24 -15.98 -22.28
N ALA D 50 25.44 -17.22 -22.67
CA ALA D 50 24.64 -17.84 -23.71
C ALA D 50 23.85 -19.00 -23.13
N ARG D 51 22.57 -19.06 -23.49
CA ARG D 51 21.70 -20.15 -23.10
C ARG D 51 21.11 -20.78 -24.34
N PHE D 52 21.17 -22.11 -24.42
CA PHE D 52 20.69 -22.88 -25.56
C PHE D 52 19.44 -23.61 -25.13
N ILE D 53 18.34 -23.50 -25.90
CA ILE D 53 17.09 -24.11 -25.48
C ILE D 53 16.68 -25.23 -26.44
N ASP D 54 16.50 -26.43 -25.89
CA ASP D 54 16.02 -27.62 -26.59
C ASP D 54 14.55 -27.84 -26.21
N ASP D 55 13.65 -27.57 -27.15
CA ASP D 55 12.22 -27.73 -26.95
C ASP D 55 11.66 -28.72 -27.97
N LYS D 56 10.89 -29.70 -27.48
CA LYS D 56 10.36 -30.74 -28.35
C LYS D 56 9.27 -30.25 -29.27
N TYR D 57 8.62 -29.13 -28.96
CA TYR D 57 7.52 -28.62 -29.76
C TYR D 57 7.89 -27.42 -30.63
N SER D 58 9.17 -27.02 -30.65
CA SER D 58 9.59 -25.88 -31.43
C SER D 58 10.19 -26.34 -32.76
N SER D 59 9.98 -25.53 -33.79
CA SER D 59 10.44 -25.89 -35.13
C SER D 59 11.90 -25.54 -35.40
N GLU D 60 12.54 -24.73 -34.55
CA GLU D 60 13.90 -24.28 -34.85
C GLU D 60 14.66 -24.05 -33.55
N MET D 61 15.98 -23.97 -33.66
CA MET D 61 16.80 -23.80 -32.48
C MET D 61 16.80 -22.35 -32.02
N THR D 62 16.84 -22.15 -30.70
CA THR D 62 16.88 -20.83 -30.08
C THR D 62 18.05 -20.70 -29.12
N THR D 63 18.75 -19.57 -29.22
CA THR D 63 19.83 -19.20 -28.32
C THR D 63 19.60 -17.80 -27.77
N LEU D 64 19.73 -17.64 -26.47
CA LEU D 64 19.59 -16.35 -25.81
C LEU D 64 20.99 -15.84 -25.48
N ILE D 65 21.28 -14.60 -25.87
CA ILE D 65 22.62 -14.02 -25.73
C ILE D 65 22.51 -12.81 -24.83
N ASN D 66 22.72 -13.00 -23.52
CA ASN D 66 22.79 -11.87 -22.62
C ASN D 66 24.17 -11.24 -22.71
N LEU D 67 24.25 -9.94 -22.46
CA LEU D 67 25.49 -9.20 -22.47
C LEU D 67 25.60 -8.36 -21.20
N THR D 68 26.83 -8.31 -20.68
CA THR D 68 27.16 -7.52 -19.49
C THR D 68 28.58 -7.01 -19.68
N GLY D 69 29.01 -6.12 -18.81
CA GLY D 69 30.38 -5.64 -18.90
C GLY D 69 30.58 -4.37 -18.10
N PHE D 70 31.80 -3.85 -18.19
CA PHE D 70 32.14 -2.58 -17.55
C PHE D 70 32.86 -1.62 -18.48
N MET D 71 32.35 -0.39 -18.57
CA MET D 71 33.00 0.68 -19.32
C MET D 71 33.41 1.76 -18.32
N SER D 72 34.70 1.84 -18.00
CA SER D 72 35.12 2.79 -17.00
C SER D 72 35.06 4.21 -17.55
N SER D 73 34.82 5.16 -16.66
CA SER D 73 34.75 6.57 -17.00
C SER D 73 35.99 7.28 -16.50
N LYS D 74 36.67 8.00 -17.38
CA LYS D 74 37.91 8.66 -17.02
C LYS D 74 37.66 10.03 -16.43
N LYS D 75 38.61 10.49 -15.61
CA LYS D 75 38.44 11.75 -14.90
C LYS D 75 39.78 12.44 -14.66
N THR D 91 41.25 25.70 -14.21
CA THR D 91 41.65 24.36 -14.59
C THR D 91 40.73 23.79 -15.64
N ALA D 92 40.93 22.51 -15.96
CA ALA D 92 40.03 21.81 -16.88
C ALA D 92 39.91 20.36 -16.43
N ILE D 93 38.69 19.83 -16.50
CA ILE D 93 38.42 18.46 -16.12
C ILE D 93 37.74 17.74 -17.26
N ASN D 94 38.27 16.58 -17.63
CA ASN D 94 37.63 15.71 -18.63
C ASN D 94 36.53 14.88 -17.99
N PHE D 95 35.37 14.82 -18.64
CA PHE D 95 34.22 14.15 -18.10
C PHE D 95 33.38 13.55 -19.22
N PRO D 96 33.04 12.26 -19.15
CA PRO D 96 32.29 11.64 -20.25
C PRO D 96 30.94 12.29 -20.49
N VAL D 97 30.39 12.04 -21.67
CA VAL D 97 29.14 12.65 -22.07
C VAL D 97 28.24 11.67 -22.81
N ARG D 98 28.83 10.62 -23.40
CA ARG D 98 27.99 9.64 -24.08
C ARG D 98 28.61 8.27 -24.17
N TYR D 99 27.78 7.24 -24.02
CA TYR D 99 28.21 5.86 -24.19
C TYR D 99 27.40 5.24 -25.32
N SER D 100 27.96 4.24 -26.00
CA SER D 100 27.21 3.57 -27.05
C SER D 100 27.63 2.11 -27.19
N ILE D 101 26.65 1.23 -27.33
CA ILE D 101 26.86 -0.21 -27.45
C ILE D 101 26.13 -0.75 -28.67
N SER D 102 26.80 -1.61 -29.43
CA SER D 102 26.16 -2.20 -30.61
C SER D 102 26.49 -3.68 -30.72
N ILE D 103 25.49 -4.49 -31.04
CA ILE D 103 25.64 -5.93 -31.23
C ILE D 103 25.41 -6.24 -32.70
N LEU D 104 26.38 -6.92 -33.32
CA LEU D 104 26.35 -7.26 -34.73
C LEU D 104 26.35 -8.77 -34.96
N ASN D 105 25.39 -9.22 -35.78
CA ASN D 105 25.26 -10.61 -36.21
C ASN D 105 25.99 -10.74 -37.55
N GLU D 106 27.04 -11.54 -37.59
CA GLU D 106 27.89 -11.62 -38.78
C GLU D 106 27.71 -12.89 -39.60
N SER D 107 26.67 -13.68 -39.34
CA SER D 107 26.45 -14.91 -40.10
C SER D 107 25.11 -14.86 -40.81
N ILE D 108 24.82 -13.73 -41.45
CA ILE D 108 23.53 -13.53 -42.08
C ILE D 108 23.32 -14.53 -43.22
N ASN D 109 24.38 -14.84 -43.96
CA ASN D 109 24.23 -15.74 -45.10
C ASN D 109 23.99 -17.19 -44.69
N GLU D 110 24.02 -17.48 -43.40
CA GLU D 110 23.76 -18.83 -42.90
C GLU D 110 22.35 -18.95 -42.32
N ASN D 111 21.52 -17.92 -42.48
CA ASN D 111 20.16 -17.87 -41.96
C ASN D 111 20.12 -17.87 -40.43
N VAL D 112 21.06 -17.17 -39.81
CA VAL D 112 20.99 -16.88 -38.37
C VAL D 112 20.47 -15.46 -38.20
N LYS D 113 19.41 -15.30 -37.41
CA LYS D 113 18.63 -14.08 -37.40
C LYS D 113 18.39 -13.57 -35.99
N ILE D 114 18.29 -12.25 -35.86
CA ILE D 114 18.00 -11.57 -34.58
C ILE D 114 16.51 -11.31 -34.53
N VAL D 115 15.77 -12.10 -33.75
CA VAL D 115 14.33 -11.89 -33.70
C VAL D 115 13.89 -10.92 -32.61
N ASP D 116 14.66 -10.75 -31.52
CA ASP D 116 14.20 -9.86 -30.47
C ASP D 116 15.35 -9.25 -29.67
N SER D 117 15.07 -8.08 -29.09
CA SER D 117 15.99 -7.33 -28.24
C SER D 117 15.21 -6.79 -27.04
N ILE D 118 15.76 -6.93 -25.84
CA ILE D 118 14.96 -6.72 -24.62
C ILE D 118 14.67 -5.26 -24.30
N PRO D 119 15.65 -4.37 -24.17
CA PRO D 119 15.30 -2.98 -23.85
C PRO D 119 14.53 -2.33 -24.98
N LYS D 120 13.51 -1.54 -24.63
CA LYS D 120 12.61 -0.97 -25.61
C LYS D 120 12.26 0.46 -25.24
N ASN D 121 11.57 1.13 -26.16
CA ASN D 121 11.12 2.50 -25.96
C ASN D 121 9.75 2.53 -25.28
N THR D 122 9.58 3.47 -24.37
CA THR D 122 8.37 3.57 -23.55
C THR D 122 7.81 4.99 -23.64
N ILE D 123 6.57 5.13 -23.19
CA ILE D 123 5.84 6.40 -23.25
C ILE D 123 5.66 6.92 -21.84
N SER D 124 6.03 8.19 -21.60
CA SER D 124 5.98 8.80 -20.28
C SER D 124 4.57 9.28 -19.94
N GLN D 125 4.38 9.68 -18.68
CA GLN D 125 3.11 10.18 -18.17
C GLN D 125 3.32 11.51 -17.46
N LYS D 126 2.36 12.40 -17.61
CA LYS D 126 2.36 13.73 -17.00
C LYS D 126 1.11 13.88 -16.13
N THR D 127 1.23 14.62 -15.03
CA THR D 127 0.06 14.93 -14.20
C THR D 127 -0.32 16.39 -14.34
N VAL D 128 -1.59 16.65 -14.65
CA VAL D 128 -2.08 18.00 -14.97
C VAL D 128 -3.23 18.35 -14.04
N SER D 129 -3.19 19.56 -13.48
CA SER D 129 -4.30 20.05 -12.67
C SER D 129 -4.63 21.48 -13.04
N ASN D 130 -5.92 21.83 -12.92
CA ASN D 130 -6.40 23.19 -13.19
C ASN D 130 -7.39 23.58 -12.11
N THR D 131 -7.34 24.84 -11.69
CA THR D 131 -8.28 25.37 -10.73
C THR D 131 -8.71 26.79 -11.09
N MET D 132 -9.96 27.11 -10.78
CA MET D 132 -10.53 28.42 -11.01
C MET D 132 -11.35 28.80 -9.79
N GLY D 133 -11.22 30.05 -9.34
CA GLY D 133 -11.92 30.49 -8.14
C GLY D 133 -12.41 31.91 -8.25
N TYR D 134 -13.46 32.19 -7.46
CA TYR D 134 -14.08 33.49 -7.36
C TYR D 134 -14.21 33.94 -5.91
N LYS D 135 -13.95 35.21 -5.64
CA LYS D 135 -14.12 35.76 -4.31
C LYS D 135 -14.88 37.08 -4.39
N ILE D 136 -15.67 37.35 -3.35
CA ILE D 136 -16.44 38.60 -3.29
C ILE D 136 -16.46 39.07 -1.84
N GLY D 137 -16.33 40.38 -1.63
CA GLY D 137 -16.27 40.89 -0.28
C GLY D 137 -16.95 42.23 -0.10
N GLY D 138 -17.77 42.36 0.94
CA GLY D 138 -18.43 43.61 1.23
C GLY D 138 -18.05 44.15 2.58
N SER D 139 -17.62 45.40 2.67
CA SER D 139 -17.22 45.98 3.94
C SER D 139 -18.02 47.24 4.25
N ILE D 140 -18.56 47.31 5.46
CA ILE D 140 -19.28 48.47 5.96
C ILE D 140 -18.46 49.06 7.10
N GLU D 141 -18.19 50.36 7.02
CA GLU D 141 -17.34 51.03 8.02
C GLU D 141 -18.08 52.25 8.56
N ILE D 142 -18.60 52.13 9.77
CA ILE D 142 -19.30 53.22 10.43
C ILE D 142 -18.31 53.93 11.34
N GLU D 143 -17.94 55.15 10.97
CA GLU D 143 -17.10 55.99 11.80
C GLU D 143 -18.03 56.86 12.66
N GLU D 144 -17.50 57.92 13.25
CA GLU D 144 -18.37 58.83 13.99
C GLU D 144 -19.24 59.58 12.98
N ASN D 145 -20.45 59.08 12.77
CA ASN D 145 -21.42 59.68 11.85
C ASN D 145 -20.86 59.80 10.43
N LYS D 146 -20.06 58.81 10.03
CA LYS D 146 -19.48 58.81 8.69
C LYS D 146 -19.51 57.41 8.09
N PRO D 147 -20.16 57.23 6.94
CA PRO D 147 -20.18 55.90 6.31
C PRO D 147 -19.13 55.76 5.21
N LYS D 148 -18.51 54.57 5.11
CA LYS D 148 -17.55 54.27 4.06
C LYS D 148 -17.80 52.85 3.56
N ALA D 149 -18.68 52.72 2.57
CA ALA D 149 -19.01 51.42 2.02
C ALA D 149 -18.06 51.05 0.89
N SER D 150 -17.45 49.88 0.99
CA SER D 150 -16.51 49.38 0.00
C SER D 150 -16.88 47.96 -0.40
N ILE D 151 -16.86 47.68 -1.70
CA ILE D 151 -17.09 46.33 -2.20
C ILE D 151 -15.93 45.93 -3.11
N GLU D 152 -15.43 44.71 -2.92
CA GLU D 152 -14.27 44.21 -3.64
C GLU D 152 -14.62 42.87 -4.28
N SER D 153 -13.94 42.55 -5.39
CA SER D 153 -14.21 41.34 -6.15
C SER D 153 -12.90 40.79 -6.71
N GLU D 154 -12.73 39.47 -6.67
CA GLU D 154 -11.52 38.84 -7.17
C GLU D 154 -11.86 37.60 -7.99
N TYR D 155 -10.97 37.29 -8.93
CA TYR D 155 -11.10 36.12 -9.80
C TYR D 155 -9.72 35.56 -10.08
N ALA D 156 -9.55 34.25 -9.99
CA ALA D 156 -8.22 33.70 -10.22
C ALA D 156 -8.29 32.34 -10.89
N GLU D 157 -7.21 32.00 -11.61
CA GLU D 157 -7.07 30.74 -12.31
C GLU D 157 -5.63 30.29 -12.19
N SER D 158 -5.39 28.97 -12.10
CA SER D 158 -4.02 28.47 -12.08
C SER D 158 -4.01 27.01 -12.55
N SER D 159 -2.80 26.51 -12.83
CA SER D 159 -2.61 25.11 -13.21
C SER D 159 -1.23 24.62 -12.78
N THR D 160 -1.13 23.30 -12.61
CA THR D 160 0.10 22.64 -12.18
C THR D 160 0.43 21.42 -13.05
N ILE D 161 1.72 21.27 -13.40
CA ILE D 161 2.23 20.14 -14.16
C ILE D 161 3.29 19.41 -13.35
N GLU D 162 3.19 18.08 -13.30
CA GLU D 162 4.18 17.25 -12.60
C GLU D 162 4.70 16.13 -13.49
N TYR D 163 6.00 15.84 -13.36
CA TYR D 163 6.64 14.72 -14.04
C TYR D 163 7.94 14.37 -13.32
N VAL D 164 8.56 13.27 -13.75
CA VAL D 164 9.75 12.71 -13.11
C VAL D 164 10.91 12.67 -14.10
N GLN D 165 12.12 13.00 -13.62
CA GLN D 165 13.29 13.17 -14.47
C GLN D 165 14.49 12.31 -14.09
N PRO D 166 14.89 11.33 -14.90
CA PRO D 166 16.12 10.59 -14.63
C PRO D 166 17.36 11.46 -14.80
N ASP D 167 18.50 10.95 -14.32
CA ASP D 167 19.78 11.61 -14.51
C ASP D 167 20.50 11.20 -15.80
N PHE D 168 20.20 10.01 -16.33
CA PHE D 168 20.71 9.56 -17.61
C PHE D 168 19.56 8.93 -18.36
N SER D 169 19.68 8.90 -19.68
CA SER D 169 18.60 8.42 -20.53
C SER D 169 19.13 7.45 -21.57
N THR D 170 18.45 6.32 -21.73
CA THR D 170 18.85 5.25 -22.63
C THR D 170 17.80 5.10 -23.71
N ILE D 171 18.21 5.20 -24.96
CA ILE D 171 17.29 5.15 -26.10
C ILE D 171 17.75 4.06 -27.05
N GLN D 172 16.83 3.20 -27.45
CA GLN D 172 17.20 2.22 -28.46
C GLN D 172 17.16 2.94 -29.80
N THR D 173 18.23 2.80 -30.58
CA THR D 173 18.31 3.55 -31.83
C THR D 173 18.22 2.67 -33.05
N ASP D 174 18.56 1.38 -32.95
CA ASP D 174 18.40 0.59 -34.15
C ASP D 174 18.14 -0.86 -33.77
N HIS D 175 17.37 -1.52 -34.62
CA HIS D 175 17.03 -2.93 -34.50
C HIS D 175 16.76 -3.45 -35.90
N SER D 176 17.47 -4.50 -36.29
CA SER D 176 17.29 -5.08 -37.61
C SER D 176 17.72 -6.55 -37.54
N THR D 177 17.73 -7.18 -38.71
CA THR D 177 18.09 -8.59 -38.77
C THR D 177 19.54 -8.82 -38.35
N SER D 178 20.39 -7.81 -38.49
CA SER D 178 21.80 -7.98 -38.19
C SER D 178 22.34 -7.13 -37.05
N LYS D 179 21.78 -5.94 -36.81
CA LYS D 179 22.40 -4.98 -35.90
C LYS D 179 21.40 -4.43 -34.89
N ALA D 180 21.78 -4.43 -33.62
CA ALA D 180 20.97 -3.76 -32.60
C ALA D 180 21.89 -2.77 -31.91
N SER D 181 21.49 -1.51 -31.85
CA SER D 181 22.35 -0.45 -31.31
C SER D 181 21.62 0.43 -30.32
N TRP D 182 22.24 0.61 -29.16
CA TRP D 182 21.75 1.35 -28.01
C TRP D 182 22.77 2.43 -27.64
N ASP D 183 22.33 3.45 -26.90
CA ASP D 183 23.28 4.45 -26.40
C ASP D 183 22.65 5.24 -25.27
N THR D 184 23.50 5.96 -24.54
CA THR D 184 23.12 6.73 -23.37
C THR D 184 23.84 8.07 -23.41
N LYS D 185 23.23 9.09 -22.82
CA LYS D 185 23.78 10.44 -22.92
C LYS D 185 23.55 11.21 -21.64
N PHE D 186 24.37 12.23 -21.43
CA PHE D 186 24.25 13.08 -20.25
C PHE D 186 22.98 13.92 -20.31
N THR D 187 22.32 14.12 -19.16
CA THR D 187 21.03 14.79 -19.15
C THR D 187 21.05 16.13 -18.42
N GLU D 188 21.29 16.15 -17.11
CA GLU D 188 21.20 17.38 -16.33
C GLU D 188 21.71 17.12 -14.93
N THR D 189 21.98 18.19 -14.20
CA THR D 189 22.42 18.09 -12.82
C THR D 189 21.24 18.05 -11.87
N THR D 190 21.42 17.34 -10.76
CA THR D 190 20.36 17.24 -9.76
C THR D 190 20.17 18.55 -9.03
N ARG D 191 21.24 19.29 -8.77
CA ARG D 191 21.17 20.58 -8.12
C ARG D 191 21.50 21.67 -9.14
N GLY D 192 20.56 22.59 -9.34
CA GLY D 192 20.75 23.68 -10.27
C GLY D 192 20.17 23.50 -11.64
N ASN D 193 19.86 22.27 -12.05
CA ASN D 193 19.20 21.98 -13.32
C ASN D 193 19.93 22.61 -14.50
N TYR D 194 21.26 22.52 -14.51
CA TYR D 194 22.01 22.97 -15.66
C TYR D 194 22.18 21.85 -16.68
N ASN D 195 22.54 22.24 -17.89
CA ASN D 195 22.74 21.30 -18.99
C ASN D 195 23.86 21.82 -19.89
N LEU D 196 24.16 21.08 -20.94
CA LEU D 196 25.30 21.39 -21.78
C LEU D 196 25.12 22.64 -22.63
N LYS D 197 23.92 23.19 -22.73
CA LYS D 197 23.69 24.34 -23.60
C LYS D 197 23.36 25.62 -22.84
N SER D 198 23.43 25.60 -21.51
CA SER D 198 23.09 26.79 -20.75
C SER D 198 24.16 27.87 -20.96
N ASN D 199 23.76 29.13 -20.78
CA ASN D 199 24.70 30.24 -21.00
C ASN D 199 24.20 31.47 -20.23
N ASN D 200 24.82 31.73 -19.09
CA ASN D 200 24.58 32.95 -18.33
C ASN D 200 25.46 34.07 -18.87
N PRO D 201 24.92 35.27 -19.14
CA PRO D 201 25.72 36.32 -19.77
C PRO D 201 27.05 36.65 -19.11
N VAL D 202 27.10 36.65 -17.78
CA VAL D 202 28.30 37.09 -17.07
C VAL D 202 29.01 35.96 -16.33
N TYR D 203 28.37 34.80 -16.14
CA TYR D 203 29.01 33.69 -15.46
C TYR D 203 29.24 32.50 -16.38
N GLY D 204 28.83 32.58 -17.64
CA GLY D 204 29.00 31.46 -18.53
C GLY D 204 28.22 30.26 -18.04
N ASN D 205 28.86 29.10 -18.06
CA ASN D 205 28.25 27.86 -17.62
C ASN D 205 28.63 27.58 -16.18
N GLU D 206 27.63 27.40 -15.33
CA GLU D 206 27.87 27.23 -13.90
C GLU D 206 27.81 25.77 -13.47
N MET D 207 27.88 24.85 -14.42
CA MET D 207 28.00 23.44 -14.09
C MET D 207 29.32 23.18 -13.39
N PHE D 208 29.31 22.33 -12.36
CA PHE D 208 30.50 21.98 -11.60
C PHE D 208 31.27 23.21 -11.10
N MET D 209 30.54 24.17 -10.54
CA MET D 209 31.16 25.33 -9.92
C MET D 209 30.62 25.51 -8.52
N TYR D 210 31.51 25.52 -7.53
CA TYR D 210 31.09 25.66 -6.14
C TYR D 210 30.68 27.08 -5.79
N GLY D 211 31.63 27.99 -5.82
CA GLY D 211 31.37 29.36 -5.41
C GLY D 211 31.87 30.39 -6.40
N ARG D 212 31.06 31.40 -6.68
CA ARG D 212 31.46 32.42 -7.64
C ARG D 212 32.62 33.27 -7.13
N TYR D 213 32.69 33.51 -5.81
CA TYR D 213 33.68 34.44 -5.26
C TYR D 213 34.55 33.84 -4.18
N THR D 214 34.70 32.51 -4.14
CA THR D 214 35.41 31.86 -3.04
C THR D 214 36.85 32.32 -2.89
N ASN D 215 37.49 32.79 -3.97
CA ASN D 215 38.86 33.28 -3.93
C ASN D 215 39.83 32.23 -3.38
N VAL D 216 39.78 31.04 -3.97
CA VAL D 216 40.72 29.97 -3.65
C VAL D 216 41.27 29.45 -4.97
N PRO D 217 42.36 28.67 -4.94
CA PRO D 217 42.92 28.16 -6.19
C PRO D 217 41.92 27.35 -6.99
N ALA D 218 42.01 27.47 -8.32
CA ALA D 218 41.09 26.81 -9.25
C ALA D 218 40.75 25.38 -8.86
N THR D 219 41.77 24.60 -8.52
CA THR D 219 41.55 23.20 -8.17
C THR D 219 40.57 23.09 -7.00
N GLU D 220 40.66 24.00 -6.05
CA GLU D 220 39.80 23.99 -4.87
C GLU D 220 38.38 24.45 -5.14
N ASN D 221 38.12 25.19 -6.22
CA ASN D 221 36.77 25.65 -6.50
C ASN D 221 35.87 24.62 -7.16
N ILE D 222 36.38 23.44 -7.50
CA ILE D 222 35.51 22.46 -8.13
C ILE D 222 34.46 21.96 -7.12
N ILE D 223 33.42 21.32 -7.64
CA ILE D 223 32.25 20.91 -6.86
C ILE D 223 32.56 19.58 -6.17
N PRO D 224 32.03 19.33 -4.97
CA PRO D 224 32.27 18.05 -4.31
C PRO D 224 31.79 16.89 -5.17
N ASP D 225 32.53 15.79 -5.12
CA ASP D 225 32.27 14.69 -6.04
C ASP D 225 30.90 14.05 -5.84
N TYR D 226 30.40 13.99 -4.60
CA TYR D 226 29.19 13.21 -4.36
C TYR D 226 28.00 13.78 -5.12
N GLN D 227 27.96 15.09 -5.35
CA GLN D 227 26.85 15.66 -6.08
C GLN D 227 26.83 15.21 -7.52
N MET D 228 27.98 14.86 -8.09
CA MET D 228 28.02 14.33 -9.44
C MET D 228 27.38 12.95 -9.50
N SER D 229 26.85 12.62 -10.67
CA SER D 229 26.21 11.33 -10.86
C SER D 229 27.21 10.19 -10.74
N LYS D 230 26.73 9.04 -10.29
CA LYS D 230 27.59 7.85 -10.16
C LYS D 230 28.16 7.45 -11.51
N LEU D 231 27.39 7.61 -12.59
CA LEU D 231 27.87 7.21 -13.91
C LEU D 231 28.98 8.10 -14.45
N ILE D 232 29.21 9.27 -13.86
CA ILE D 232 30.33 10.07 -14.35
C ILE D 232 31.59 9.75 -13.55
N THR D 233 31.44 9.58 -12.24
CA THR D 233 32.58 9.19 -11.42
C THR D 233 32.99 7.75 -11.71
N GLY D 234 32.02 6.86 -11.85
CA GLY D 234 32.29 5.46 -12.10
C GLY D 234 31.59 4.99 -13.36
N GLY D 235 32.05 3.85 -13.86
CA GLY D 235 31.62 3.41 -15.17
C GLY D 235 30.20 2.91 -15.22
N LEU D 236 29.66 2.87 -16.44
CA LEU D 236 28.35 2.29 -16.70
C LEU D 236 28.43 0.76 -16.68
N ASN D 237 27.34 0.12 -16.25
CA ASN D 237 27.24 -1.34 -16.21
C ASN D 237 26.13 -1.81 -17.15
N PRO D 238 26.46 -2.18 -18.38
CA PRO D 238 25.41 -2.51 -19.35
C PRO D 238 24.67 -3.79 -19.02
N ASN D 239 23.42 -3.85 -19.44
CA ASN D 239 22.64 -5.10 -19.45
C ASN D 239 21.84 -5.11 -20.74
N MET D 240 22.17 -6.02 -21.66
CA MET D 240 21.46 -6.09 -22.94
C MET D 240 21.20 -7.53 -23.31
N SER D 241 20.06 -7.83 -23.91
CA SER D 241 19.81 -9.21 -24.31
C SER D 241 19.31 -9.29 -25.75
N VAL D 242 19.76 -10.32 -26.47
CA VAL D 242 19.36 -10.54 -27.87
C VAL D 242 19.01 -12.01 -28.09
N VAL D 243 17.92 -12.25 -28.82
CA VAL D 243 17.46 -13.61 -29.11
C VAL D 243 17.82 -13.98 -30.54
N LEU D 244 18.46 -15.15 -30.73
CA LEU D 244 18.84 -15.64 -32.03
C LEU D 244 18.13 -16.96 -32.29
N THR D 245 17.75 -17.21 -33.54
CA THR D 245 17.20 -18.49 -33.94
C THR D 245 17.90 -19.01 -35.19
N ALA D 246 17.79 -20.32 -35.41
CA ALA D 246 18.45 -20.91 -36.56
C ALA D 246 17.73 -22.20 -36.96
N PRO D 247 17.80 -22.59 -38.23
CA PRO D 247 17.24 -23.89 -38.63
C PRO D 247 18.07 -25.05 -38.12
N ASN D 248 17.49 -26.24 -38.22
CA ASN D 248 18.11 -27.44 -37.68
C ASN D 248 19.46 -27.70 -38.34
N GLY D 249 20.44 -28.09 -37.54
CA GLY D 249 21.75 -28.49 -38.03
C GLY D 249 22.85 -27.44 -37.94
N THR D 250 22.50 -26.18 -37.67
CA THR D 250 23.50 -25.12 -37.60
C THR D 250 24.55 -25.41 -36.55
N GLU D 251 25.83 -25.16 -36.89
CA GLU D 251 26.93 -25.52 -36.00
C GLU D 251 27.78 -24.36 -35.50
N GLU D 252 27.82 -23.22 -36.18
CA GLU D 252 28.76 -22.16 -35.81
C GLU D 252 28.16 -20.78 -36.04
N SER D 253 28.64 -19.79 -35.28
CA SER D 253 28.16 -18.42 -35.44
C SER D 253 29.17 -17.43 -34.85
N ILE D 254 29.34 -16.28 -35.50
CA ILE D 254 30.23 -15.22 -35.03
C ILE D 254 29.42 -14.03 -34.53
N ILE D 255 29.74 -13.55 -33.32
CA ILE D 255 29.09 -12.38 -32.72
C ILE D 255 30.12 -11.26 -32.52
N LYS D 256 29.83 -10.07 -33.05
CA LYS D 256 30.70 -8.91 -32.85
C LYS D 256 30.06 -7.88 -31.93
N VAL D 257 30.80 -7.40 -30.93
CA VAL D 257 30.30 -6.40 -30.00
C VAL D 257 31.16 -5.14 -30.09
N LYS D 258 30.54 -4.01 -30.42
CA LYS D 258 31.23 -2.74 -30.58
C LYS D 258 30.91 -1.79 -29.43
N MET D 259 31.93 -1.17 -28.86
CA MET D 259 31.74 -0.27 -27.73
C MET D 259 32.44 1.07 -27.98
N GLU D 260 31.70 2.17 -27.82
CA GLU D 260 32.24 3.51 -28.01
C GLU D 260 31.95 4.39 -26.79
N ARG D 261 32.87 5.31 -26.50
CA ARG D 261 32.72 6.30 -25.44
C ARG D 261 33.16 7.69 -25.89
N GLU D 262 32.33 8.70 -25.64
CA GLU D 262 32.64 10.09 -25.95
C GLU D 262 32.72 10.94 -24.67
N ARG D 263 33.71 11.83 -24.62
CA ARG D 263 34.00 12.71 -23.49
C ARG D 263 34.28 14.15 -23.95
N ASN D 264 34.12 15.10 -23.02
CA ASN D 264 34.40 16.53 -23.27
C ASN D 264 35.08 17.14 -22.04
N CYS D 265 35.40 18.45 -22.13
CA CYS D 265 36.11 19.15 -21.06
C CYS D 265 35.42 20.43 -20.62
N TYR D 266 35.47 20.70 -19.32
CA TYR D 266 34.97 21.91 -18.67
C TYR D 266 36.13 22.82 -18.26
N TYR D 267 36.02 24.13 -18.49
CA TYR D 267 37.11 25.06 -18.21
C TYR D 267 36.65 26.27 -17.40
N LEU D 268 37.44 26.65 -16.39
CA LEU D 268 37.11 27.74 -15.47
C LEU D 268 38.27 28.72 -15.30
N ASN D 269 37.98 30.02 -15.29
CA ASN D 269 39.02 31.05 -15.19
C ASN D 269 38.45 32.33 -14.59
N TRP D 270 39.35 33.28 -14.29
CA TRP D 270 38.96 34.61 -13.83
C TRP D 270 38.64 35.56 -14.98
N ASN D 271 37.65 36.41 -14.73
CA ASN D 271 37.27 37.53 -15.59
C ASN D 271 37.14 38.67 -14.60
N GLY D 272 38.23 39.38 -14.35
CA GLY D 272 38.22 40.37 -13.29
C GLY D 272 37.99 39.69 -11.96
N ALA D 273 36.93 40.11 -11.27
CA ALA D 273 36.56 39.50 -10.00
C ALA D 273 35.62 38.31 -10.16
N ASN D 274 35.16 38.02 -11.37
CA ASN D 274 34.16 36.98 -11.57
C ASN D 274 34.82 35.65 -11.93
N TRP D 275 34.25 34.57 -11.44
CA TRP D 275 34.67 33.22 -11.76
C TRP D 275 33.79 32.71 -12.90
N VAL D 276 34.36 32.47 -14.07
CA VAL D 276 33.51 32.13 -15.21
C VAL D 276 33.98 30.79 -15.78
N GLY D 277 33.09 30.13 -16.52
CA GLY D 277 33.43 28.87 -17.13
C GLY D 277 32.84 28.70 -18.52
N GLN D 278 33.25 27.61 -19.16
CA GLN D 278 32.82 27.31 -20.52
C GLN D 278 32.96 25.80 -20.73
N VAL D 279 32.18 25.29 -21.68
CA VAL D 279 32.26 23.90 -22.11
C VAL D 279 32.54 23.85 -23.59
N TYR D 280 33.54 23.06 -23.98
CA TYR D 280 33.88 22.90 -25.40
C TYR D 280 33.48 21.52 -25.90
N ASN D 289 38.12 13.39 -27.56
CA ASN D 289 38.27 12.29 -28.51
C ASN D 289 37.17 11.27 -28.32
N VAL D 290 37.24 10.17 -29.06
CA VAL D 290 36.28 9.07 -28.99
C VAL D 290 37.04 7.76 -28.90
N ASP D 291 36.75 6.96 -27.87
CA ASP D 291 37.39 5.66 -27.72
C ASP D 291 36.44 4.59 -28.21
N SER D 292 36.98 3.53 -28.83
CA SER D 292 36.14 2.45 -29.29
C SER D 292 36.93 1.15 -29.39
N HIS D 293 36.21 0.04 -29.36
CA HIS D 293 36.84 -1.26 -29.55
C HIS D 293 35.79 -2.28 -29.97
N ILE D 294 36.22 -3.25 -30.78
CA ILE D 294 35.38 -4.35 -31.23
C ILE D 294 35.87 -5.68 -30.66
N PHE D 295 34.95 -6.42 -30.02
CA PHE D 295 35.17 -7.74 -29.44
C PHE D 295 34.52 -8.80 -30.32
N THR D 296 35.12 -9.98 -30.37
CA THR D 296 34.58 -11.07 -31.18
C THR D 296 34.39 -12.33 -30.34
N PHE D 297 33.27 -13.02 -30.56
CA PHE D 297 32.99 -14.27 -29.89
C PHE D 297 32.54 -15.31 -30.92
N LYS D 298 32.84 -16.58 -30.63
CA LYS D 298 32.43 -17.69 -31.47
C LYS D 298 31.49 -18.61 -30.72
N ILE D 299 30.41 -19.03 -31.40
CA ILE D 299 29.39 -19.87 -30.81
C ILE D 299 29.42 -21.20 -31.54
N ASN D 300 29.28 -22.29 -30.77
CA ASN D 300 29.12 -23.65 -31.26
C ASN D 300 27.78 -24.18 -30.81
N TRP D 301 26.87 -24.36 -31.76
CA TRP D 301 25.51 -24.78 -31.43
C TRP D 301 25.47 -26.26 -31.07
N LEU D 302 26.19 -27.10 -31.82
CA LEU D 302 26.09 -28.53 -31.62
C LEU D 302 26.70 -28.96 -30.29
N THR D 303 27.83 -28.37 -29.91
CA THR D 303 28.47 -28.72 -28.66
C THR D 303 28.06 -27.82 -27.49
N HIS D 304 27.18 -26.85 -27.72
CA HIS D 304 26.71 -25.94 -26.67
C HIS D 304 27.89 -25.21 -26.02
N LYS D 305 28.71 -24.56 -26.83
CA LYS D 305 29.90 -23.91 -26.31
C LYS D 305 30.01 -22.47 -26.81
N VAL D 306 30.55 -21.59 -25.96
CA VAL D 306 30.85 -20.22 -26.33
C VAL D 306 32.31 -19.98 -25.99
N THR D 307 33.06 -19.38 -26.93
CA THR D 307 34.44 -19.07 -26.62
C THR D 307 34.82 -17.71 -27.17
N ALA D 308 35.90 -17.17 -26.62
CA ALA D 308 36.51 -15.97 -27.17
C ALA D 308 37.22 -16.31 -28.47
N ILE D 309 37.49 -15.29 -29.27
CA ILE D 309 38.20 -15.49 -30.52
C ILE D 309 39.04 -14.27 -30.85
N THR E 8 14.41 -40.21 -11.74
CA THR E 8 15.79 -39.85 -11.44
C THR E 8 16.20 -40.46 -10.12
N ILE E 9 15.75 -41.69 -9.87
CA ILE E 9 16.02 -42.40 -8.63
C ILE E 9 16.74 -43.71 -8.96
N THR E 10 17.70 -44.08 -8.12
CA THR E 10 18.41 -45.35 -8.23
C THR E 10 18.08 -46.17 -6.99
N ARG E 11 17.58 -47.38 -7.18
CA ARG E 11 17.14 -48.20 -6.07
C ARG E 11 17.87 -49.54 -6.09
N ASN E 12 18.01 -50.13 -4.90
CA ASN E 12 18.68 -51.41 -4.77
C ASN E 12 18.06 -52.20 -3.63
N LYS E 13 17.92 -53.50 -3.85
CA LYS E 13 17.40 -54.44 -2.85
C LYS E 13 18.53 -55.32 -2.35
N THR E 14 18.31 -55.93 -1.18
CA THR E 14 19.31 -56.81 -0.59
C THR E 14 18.63 -58.08 -0.08
N SER E 15 19.41 -59.15 0.02
CA SER E 15 18.87 -60.43 0.48
C SER E 15 18.59 -60.42 1.98
N ASP E 16 19.47 -59.81 2.77
CA ASP E 16 19.41 -59.90 4.22
C ASP E 16 18.38 -58.93 4.76
N GLY E 17 17.22 -59.45 5.14
CA GLY E 17 16.16 -58.60 5.66
C GLY E 17 15.41 -57.81 4.61
N TYR E 18 15.69 -58.06 3.33
CA TYR E 18 15.07 -57.34 2.22
C TYR E 18 15.29 -55.84 2.37
N THR E 19 16.50 -55.45 2.76
CA THR E 19 16.84 -54.04 2.94
C THR E 19 16.83 -53.33 1.59
N ILE E 20 16.17 -52.17 1.53
CA ILE E 20 16.07 -51.38 0.31
C ILE E 20 16.76 -50.03 0.54
N ILE E 21 17.63 -49.64 -0.39
CA ILE E 21 18.40 -48.39 -0.27
C ILE E 21 18.15 -47.58 -1.54
N THR E 22 17.28 -46.58 -1.44
CA THR E 22 17.00 -45.67 -2.56
C THR E 22 17.81 -44.39 -2.46
N GLN E 23 18.30 -43.90 -3.61
CA GLN E 23 19.02 -42.66 -3.69
C GLN E 23 18.44 -41.78 -4.81
N ASN E 24 18.51 -40.47 -4.62
CA ASN E 24 17.99 -39.50 -5.58
C ASN E 24 19.13 -38.84 -6.35
N ASP E 25 18.98 -38.75 -7.67
CA ASP E 25 19.94 -38.10 -8.53
C ASP E 25 19.47 -36.67 -8.81
N LYS E 26 20.18 -35.69 -8.25
CA LYS E 26 19.83 -34.28 -8.35
C LYS E 26 20.70 -33.55 -9.37
N GLN E 27 20.18 -32.42 -9.86
CA GLN E 27 20.90 -31.68 -10.91
C GLN E 27 21.96 -30.75 -10.35
N ILE E 28 21.65 -29.97 -9.32
CA ILE E 28 22.53 -28.92 -8.82
C ILE E 28 22.95 -29.30 -7.41
N ILE E 29 24.27 -29.38 -7.17
CA ILE E 29 24.80 -29.66 -5.85
C ILE E 29 25.79 -28.57 -5.46
N SER E 30 25.61 -28.00 -4.28
CA SER E 30 26.54 -26.96 -3.82
C SER E 30 27.28 -27.40 -2.57
N TYR E 31 28.47 -26.85 -2.40
CA TYR E 31 29.30 -27.08 -1.22
C TYR E 31 29.72 -25.73 -0.65
N GLN E 32 29.82 -25.64 0.67
CA GLN E 32 30.16 -24.37 1.30
C GLN E 32 31.27 -24.53 2.32
N SER E 33 32.24 -23.61 2.29
CA SER E 33 33.34 -23.57 3.24
C SER E 33 33.61 -22.11 3.58
N VAL E 34 34.01 -21.84 4.82
CA VAL E 34 34.32 -20.48 5.24
C VAL E 34 35.66 -20.40 5.94
N ASP E 35 36.29 -19.21 5.83
CA ASP E 35 37.59 -18.97 6.43
C ASP E 35 37.67 -17.51 6.86
N SER E 36 38.39 -17.27 7.96
CA SER E 36 38.51 -15.92 8.52
C SER E 36 39.94 -15.63 8.92
N SER E 37 40.27 -14.35 9.00
CA SER E 37 41.59 -13.91 9.43
C SER E 37 41.50 -12.48 9.92
N SER E 38 42.47 -12.09 10.76
CA SER E 38 42.44 -10.76 11.33
C SER E 38 43.84 -10.24 11.61
N LYS E 39 43.94 -8.90 11.71
CA LYS E 39 45.14 -8.16 12.10
C LYS E 39 44.70 -7.18 13.19
N ASN E 40 44.84 -7.63 14.44
CA ASN E 40 44.33 -6.88 15.60
C ASN E 40 44.98 -5.52 15.75
N GLU E 41 46.25 -5.38 15.36
CA GLU E 41 46.94 -4.10 15.52
C GLU E 41 46.27 -2.98 14.73
N ASP E 42 45.69 -3.31 13.58
CA ASP E 42 45.03 -2.32 12.74
C ASP E 42 43.51 -2.39 12.84
N GLY E 43 42.99 -3.33 13.62
CA GLY E 43 41.55 -3.52 13.67
C GLY E 43 40.97 -3.95 12.35
N PHE E 44 41.65 -4.84 11.63
CA PHE E 44 41.18 -5.29 10.33
C PHE E 44 40.80 -6.75 10.41
N THR E 45 39.58 -7.09 9.99
CA THR E 45 39.19 -8.50 9.98
C THR E 45 38.49 -8.79 8.67
N ALA E 46 38.74 -9.97 8.12
CA ALA E 46 38.17 -10.36 6.84
C ALA E 46 37.75 -11.81 6.87
N SER E 47 36.63 -12.12 6.22
CA SER E 47 36.12 -13.46 6.11
C SER E 47 35.72 -13.70 4.66
N ILE E 48 35.99 -14.91 4.19
CA ILE E 48 35.61 -15.35 2.86
C ILE E 48 34.72 -16.57 2.97
N ASP E 49 33.55 -16.51 2.34
CA ASP E 49 32.64 -17.63 2.27
C ASP E 49 32.65 -18.11 0.82
N ALA E 50 33.00 -19.37 0.61
CA ALA E 50 33.11 -19.90 -0.74
C ALA E 50 32.07 -20.99 -0.96
N ARG E 51 31.40 -20.92 -2.11
CA ARG E 51 30.44 -21.93 -2.50
C ARG E 51 30.83 -22.50 -3.86
N PHE E 52 30.85 -23.83 -3.96
CA PHE E 52 31.25 -24.54 -5.15
C PHE E 52 30.01 -25.17 -5.77
N ILE E 53 29.78 -24.94 -7.06
CA ILE E 53 28.55 -25.44 -7.68
C ILE E 53 28.85 -26.50 -8.74
N ASP E 54 28.27 -27.69 -8.54
CA ASP E 54 28.33 -28.82 -9.46
C ASP E 54 27.02 -28.91 -10.22
N ASP E 55 27.04 -28.55 -11.51
CA ASP E 55 25.86 -28.58 -12.37
C ASP E 55 26.11 -29.50 -13.54
N LYS E 56 25.16 -30.41 -13.79
CA LYS E 56 25.32 -31.40 -14.86
C LYS E 56 25.21 -30.79 -16.25
N TYR E 57 24.60 -29.62 -16.39
CA TYR E 57 24.40 -29.00 -17.70
C TYR E 57 25.35 -27.85 -17.97
N SER E 58 26.29 -27.56 -17.08
CA SER E 58 27.22 -26.46 -17.27
C SER E 58 28.54 -26.97 -17.84
N SER E 59 29.17 -26.14 -18.68
CA SER E 59 30.40 -26.52 -19.34
C SER E 59 31.65 -26.31 -18.48
N GLU E 60 31.57 -25.56 -17.38
CA GLU E 60 32.77 -25.24 -16.62
C GLU E 60 32.43 -25.09 -15.15
N MET E 61 33.46 -25.14 -14.31
CA MET E 61 33.24 -25.06 -12.87
C MET E 61 33.00 -23.61 -12.46
N THR E 62 32.13 -23.42 -11.46
CA THR E 62 31.81 -22.12 -10.90
C THR E 62 31.98 -22.10 -9.39
N THR E 63 32.63 -21.04 -8.90
CA THR E 63 32.79 -20.79 -7.48
C THR E 63 32.34 -19.37 -7.16
N LEU E 64 31.53 -19.23 -6.11
CA LEU E 64 31.05 -17.93 -5.64
C LEU E 64 31.86 -17.56 -4.42
N ILE E 65 32.41 -16.35 -4.40
CA ILE E 65 33.30 -15.91 -3.33
C ILE E 65 32.67 -14.68 -2.67
N ASN E 66 31.90 -14.91 -1.61
CA ASN E 66 31.40 -13.79 -0.83
C ASN E 66 32.48 -13.30 0.10
N LEU E 67 32.44 -12.01 0.42
CA LEU E 67 33.38 -11.38 1.33
C LEU E 67 32.64 -10.57 2.37
N THR E 68 33.15 -10.63 3.61
CA THR E 68 32.61 -9.89 4.74
C THR E 68 33.80 -9.51 5.62
N GLY E 69 33.56 -8.67 6.61
CA GLY E 69 34.62 -8.33 7.53
C GLY E 69 34.28 -7.08 8.33
N PHE E 70 35.26 -6.67 9.15
CA PHE E 70 35.12 -5.44 9.93
C PHE E 70 36.35 -4.54 9.83
N MET E 71 36.14 -3.28 9.48
CA MET E 71 37.18 -2.25 9.47
C MET E 71 36.85 -1.24 10.55
N SER E 72 37.55 -1.28 11.67
CA SER E 72 37.21 -0.38 12.75
C SER E 72 37.64 1.04 12.41
N SER E 73 36.91 2.01 12.97
CA SER E 73 37.19 3.42 12.76
C SER E 73 37.77 4.00 14.04
N LYS E 74 38.91 4.67 13.92
CA LYS E 74 39.59 5.21 15.08
C LYS E 74 39.08 6.59 15.43
N LYS E 75 39.22 6.96 16.70
CA LYS E 75 38.68 8.21 17.19
C LYS E 75 39.50 8.79 18.34
N THR E 91 41.08 21.85 20.60
CA THR E 91 41.54 20.48 20.51
C THR E 91 41.58 19.99 19.06
N ALA E 92 41.87 18.71 18.88
CA ALA E 92 41.83 18.10 17.57
C ALA E 92 41.34 16.67 17.69
N ILE E 93 40.48 16.25 16.76
CA ILE E 93 39.93 14.90 16.76
C ILE E 93 40.20 14.26 15.41
N ASN E 94 40.76 13.06 15.44
CA ASN E 94 40.94 12.27 14.23
C ASN E 94 39.66 11.54 13.86
N PHE E 95 39.28 11.58 12.59
CA PHE E 95 38.04 11.01 12.14
C PHE E 95 38.18 10.51 10.70
N PRO E 96 37.80 9.26 10.42
CA PRO E 96 38.00 8.72 9.08
C PRO E 96 37.25 9.49 8.02
N VAL E 97 37.66 9.30 6.77
CA VAL E 97 37.08 10.03 5.65
C VAL E 97 36.90 9.13 4.43
N ARG E 98 37.65 8.04 4.34
CA ARG E 98 37.47 7.16 3.20
C ARG E 98 37.88 5.73 3.49
N TYR E 99 37.13 4.78 2.95
CA TYR E 99 37.47 3.37 3.02
C TYR E 99 37.63 2.84 1.60
N SER E 100 38.44 1.79 1.44
CA SER E 100 38.60 1.20 0.12
C SER E 100 38.91 -0.29 0.21
N ILE E 101 38.24 -1.08 -0.63
CA ILE E 101 38.39 -2.54 -0.66
C ILE E 101 38.69 -2.99 -2.09
N SER E 102 39.65 -3.90 -2.24
CA SER E 102 39.97 -4.42 -3.56
C SER E 102 40.19 -5.93 -3.51
N ILE E 103 39.64 -6.64 -4.50
CA ILE E 103 39.80 -8.09 -4.62
C ILE E 103 40.64 -8.37 -5.86
N LEU E 104 41.72 -9.12 -5.68
CA LEU E 104 42.65 -9.46 -6.75
C LEU E 104 42.72 -10.96 -7.01
N ASN E 105 42.59 -11.31 -8.29
CA ASN E 105 42.71 -12.67 -8.79
C ASN E 105 44.15 -12.87 -9.26
N GLU E 106 44.88 -13.76 -8.61
CA GLU E 106 46.30 -13.92 -8.89
C GLU E 106 46.67 -15.16 -9.69
N SER E 107 45.70 -15.85 -10.27
CA SER E 107 45.99 -17.05 -11.05
C SER E 107 45.52 -16.87 -12.49
N ILE E 108 45.84 -15.71 -13.07
CA ILE E 108 45.36 -15.39 -14.41
C ILE E 108 45.94 -16.36 -15.44
N ASN E 109 47.20 -16.76 -15.26
CA ASN E 109 47.84 -17.63 -16.24
C ASN E 109 47.29 -19.05 -16.22
N GLU E 110 46.39 -19.36 -15.29
CA GLU E 110 45.78 -20.68 -15.21
C GLU E 110 44.36 -20.68 -15.77
N ASN E 111 43.94 -19.57 -16.39
CA ASN E 111 42.60 -19.40 -16.96
C ASN E 111 41.51 -19.41 -15.88
N VAL E 112 41.79 -18.80 -14.74
CA VAL E 112 40.77 -18.52 -13.74
C VAL E 112 40.36 -17.05 -13.87
N LYS E 113 39.06 -16.81 -14.02
CA LYS E 113 38.57 -15.50 -14.48
C LYS E 113 37.45 -14.98 -13.59
N ILE E 114 37.36 -13.66 -13.47
CA ILE E 114 36.32 -12.98 -12.71
C ILE E 114 35.22 -12.57 -13.69
N VAL E 115 34.11 -13.30 -13.70
CA VAL E 115 33.05 -12.97 -14.64
C VAL E 115 32.04 -11.95 -14.10
N ASP E 116 31.85 -11.87 -12.77
CA ASP E 116 30.84 -10.94 -12.28
C ASP E 116 31.15 -10.45 -10.87
N SER E 117 30.61 -9.26 -10.56
CA SER E 117 30.72 -8.60 -9.26
C SER E 117 29.37 -8.01 -8.90
N ILE E 118 28.91 -8.21 -7.67
CA ILE E 118 27.51 -7.94 -7.34
C ILE E 118 27.16 -6.46 -7.20
N PRO E 119 27.83 -5.66 -6.38
CA PRO E 119 27.44 -4.24 -6.28
C PRO E 119 27.73 -3.51 -7.59
N LYS E 120 26.80 -2.64 -7.98
CA LYS E 120 26.87 -1.98 -9.28
C LYS E 120 26.46 -0.53 -9.15
N ASN E 121 26.64 0.21 -10.24
CA ASN E 121 26.26 1.61 -10.32
C ASN E 121 24.82 1.77 -10.78
N THR E 122 24.11 2.71 -10.17
CA THR E 122 22.69 2.91 -10.43
C THR E 122 22.43 4.38 -10.77
N ILE E 123 21.24 4.64 -11.29
CA ILE E 123 20.84 5.97 -11.75
C ILE E 123 19.75 6.50 -10.83
N SER E 124 19.94 7.72 -10.32
CA SER E 124 19.03 8.33 -9.37
C SER E 124 17.81 8.93 -10.07
N GLN E 125 16.82 9.34 -9.26
CA GLN E 125 15.59 9.96 -9.74
C GLN E 125 15.34 11.26 -8.99
N LYS E 126 14.79 12.24 -9.70
CA LYS E 126 14.45 13.55 -9.17
C LYS E 126 12.97 13.82 -9.40
N THR E 127 12.33 14.53 -8.48
CA THR E 127 10.94 14.93 -8.67
C THR E 127 10.86 16.44 -8.93
N VAL E 128 10.19 16.82 -10.03
CA VAL E 128 10.13 18.20 -10.49
C VAL E 128 8.68 18.65 -10.60
N SER E 129 8.40 19.84 -10.09
CA SER E 129 7.07 20.43 -10.24
C SER E 129 7.18 21.89 -10.64
N ASN E 130 6.20 22.37 -11.42
CA ASN E 130 6.12 23.75 -11.86
C ASN E 130 4.69 24.23 -11.75
N THR E 131 4.51 25.47 -11.31
CA THR E 131 3.20 26.09 -11.24
C THR E 131 3.24 27.54 -11.69
N MET E 132 2.15 27.97 -12.31
CA MET E 132 1.99 29.34 -12.79
C MET E 132 0.57 29.78 -12.44
N GLY E 133 0.42 31.01 -11.95
CA GLY E 133 -0.88 31.49 -11.55
C GLY E 133 -1.07 32.97 -11.86
N TYR E 134 -2.35 33.34 -12.00
CA TYR E 134 -2.79 34.69 -12.28
C TYR E 134 -3.87 35.13 -11.29
N LYS E 135 -3.78 36.38 -10.83
CA LYS E 135 -4.79 36.93 -9.94
C LYS E 135 -5.21 38.30 -10.45
N ILE E 136 -6.47 38.66 -10.23
CA ILE E 136 -7.00 39.96 -10.62
C ILE E 136 -7.98 40.43 -9.57
N GLY E 137 -7.95 41.71 -9.24
CA GLY E 137 -8.82 42.21 -8.20
C GLY E 137 -9.35 43.61 -8.44
N GLY E 138 -10.65 43.80 -8.26
CA GLY E 138 -11.24 45.12 -8.42
C GLY E 138 -11.89 45.61 -7.15
N SER E 139 -11.56 46.82 -6.69
CA SER E 139 -12.12 47.34 -5.46
C SER E 139 -12.83 48.67 -5.71
N ILE E 140 -14.06 48.78 -5.21
CA ILE E 140 -14.85 49.99 -5.27
C ILE E 140 -15.01 50.51 -3.85
N GLU E 141 -14.69 51.77 -3.62
CA GLU E 141 -14.73 52.35 -2.27
C GLU E 141 -15.56 53.62 -2.31
N ILE E 142 -16.79 53.56 -1.81
CA ILE E 142 -17.68 54.70 -1.75
C ILE E 142 -17.57 55.31 -0.36
N GLU E 143 -16.96 56.49 -0.29
CA GLU E 143 -16.89 57.25 0.95
C GLU E 143 -18.10 58.19 0.99
N GLU E 144 -18.07 59.20 1.84
CA GLU E 144 -19.14 60.18 1.84
C GLU E 144 -19.01 61.01 0.57
N ASN E 145 -19.78 60.62 -0.46
CA ASN E 145 -19.79 61.32 -1.75
C ASN E 145 -18.39 61.40 -2.37
N LYS E 146 -17.59 60.34 -2.17
CA LYS E 146 -16.25 60.29 -2.74
C LYS E 146 -15.93 58.91 -3.28
N PRO E 147 -15.62 58.79 -4.57
CA PRO E 147 -15.27 57.48 -5.12
C PRO E 147 -13.77 57.24 -5.21
N LYS E 148 -13.33 56.00 -4.93
CA LYS E 148 -11.92 55.63 -5.03
C LYS E 148 -11.85 54.23 -5.66
N ALA E 149 -11.79 54.20 -7.00
CA ALA E 149 -11.72 52.94 -7.72
C ALA E 149 -10.28 52.48 -7.89
N SER E 150 -9.99 51.25 -7.47
CA SER E 150 -8.66 50.68 -7.57
C SER E 150 -8.74 49.31 -8.21
N ILE E 151 -7.84 49.03 -9.15
CA ILE E 151 -7.73 47.71 -9.76
C ILE E 151 -6.30 47.21 -9.65
N GLU E 152 -6.14 45.95 -9.25
CA GLU E 152 -4.84 45.35 -8.99
C GLU E 152 -4.73 44.06 -9.79
N SER E 153 -3.49 43.69 -10.13
CA SER E 153 -3.24 42.50 -10.94
C SER E 153 -1.94 41.85 -10.48
N GLU E 154 -1.93 40.52 -10.42
CA GLU E 154 -0.76 39.78 -9.99
C GLU E 154 -0.50 38.58 -10.90
N TYR E 155 0.76 38.19 -10.98
CA TYR E 155 1.20 37.05 -11.77
C TYR E 155 2.35 36.37 -11.06
N ALA E 156 2.34 35.04 -10.97
CA ALA E 156 3.41 34.37 -10.24
C ALA E 156 3.74 33.03 -10.87
N GLU E 157 4.98 32.60 -10.67
CA GLU E 157 5.50 31.33 -11.17
C GLU E 157 6.42 30.75 -10.11
N SER E 158 6.44 29.41 -9.96
CA SER E 158 7.39 28.78 -9.04
C SER E 158 7.63 27.34 -9.47
N SER E 159 8.66 26.73 -8.87
CA SER E 159 8.97 25.32 -9.11
C SER E 159 9.63 24.70 -7.88
N THR E 160 9.50 23.37 -7.77
CA THR E 160 10.04 22.59 -6.66
C THR E 160 10.81 21.37 -7.13
N ILE E 161 11.96 21.10 -6.51
CA ILE E 161 12.79 19.93 -6.79
C ILE E 161 12.94 19.09 -5.52
N GLU E 162 12.73 17.77 -5.64
CA GLU E 162 12.91 16.85 -4.51
C GLU E 162 13.85 15.70 -4.86
N TYR E 163 14.66 15.29 -3.89
CA TYR E 163 15.52 14.12 -4.02
C TYR E 163 15.92 13.64 -2.63
N VAL E 164 16.61 12.49 -2.58
CA VAL E 164 16.97 11.82 -1.33
C VAL E 164 18.49 11.68 -1.24
N GLN E 165 19.03 11.89 -0.04
CA GLN E 165 20.48 11.97 0.18
C GLN E 165 21.01 10.99 1.22
N PRO E 166 21.80 9.99 0.85
CA PRO E 166 22.46 9.13 1.85
C PRO E 166 23.51 9.89 2.64
N ASP E 167 23.96 9.26 3.73
CA ASP E 167 25.06 9.81 4.54
C ASP E 167 26.43 9.35 4.07
N PHE E 168 26.52 8.20 3.40
CA PHE E 168 27.75 7.70 2.81
C PHE E 168 27.41 7.19 1.42
N SER E 169 28.42 7.15 0.56
CA SER E 169 28.21 6.79 -0.82
C SER E 169 29.25 5.77 -1.27
N THR E 170 28.80 4.72 -1.95
CA THR E 170 29.65 3.63 -2.38
C THR E 170 29.63 3.58 -3.90
N ILE E 171 30.81 3.64 -4.50
CA ILE E 171 30.94 3.69 -5.96
C ILE E 171 31.85 2.57 -6.39
N GLN E 172 31.43 1.78 -7.38
CA GLN E 172 32.35 0.79 -7.92
C GLN E 172 33.29 1.52 -8.85
N THR E 173 34.58 1.30 -8.69
CA THR E 173 35.56 2.03 -9.48
C THR E 173 36.29 1.17 -10.48
N ASP E 174 36.38 -0.13 -10.26
CA ASP E 174 37.05 -0.91 -11.29
C ASP E 174 36.51 -2.32 -11.29
N HIS E 175 36.51 -2.91 -12.48
CA HIS E 175 36.10 -4.28 -12.73
C HIS E 175 36.86 -4.76 -13.96
N SER E 176 37.56 -5.88 -13.82
CA SER E 176 38.32 -6.43 -14.93
C SER E 176 38.48 -7.92 -14.70
N THR E 177 39.25 -8.56 -15.57
CA THR E 177 39.48 -9.99 -15.45
C THR E 177 40.21 -10.35 -14.16
N SER E 178 40.97 -9.43 -13.60
CA SER E 178 41.78 -9.73 -12.43
C SER E 178 41.41 -8.94 -11.18
N LYS E 179 40.92 -7.71 -11.30
CA LYS E 179 40.79 -6.82 -10.16
C LYS E 179 39.40 -6.18 -10.10
N ALA E 180 38.79 -6.21 -8.92
CA ALA E 180 37.54 -5.48 -8.69
C ALA E 180 37.78 -4.59 -7.49
N SER E 181 37.53 -3.29 -7.65
CA SER E 181 37.84 -2.33 -6.60
C SER E 181 36.68 -1.39 -6.33
N TRP E 182 36.32 -1.27 -5.04
CA TRP E 182 35.22 -0.49 -4.51
C TRP E 182 35.76 0.47 -3.45
N ASP E 183 35.00 1.53 -3.16
CA ASP E 183 35.38 2.42 -2.08
C ASP E 183 34.20 3.27 -1.65
N THR E 184 34.35 3.90 -0.48
CA THR E 184 33.31 4.70 0.15
C THR E 184 33.94 5.96 0.71
N LYS E 185 33.16 7.04 0.78
CA LYS E 185 33.69 8.33 1.17
C LYS E 185 32.69 9.10 2.00
N PHE E 186 33.20 10.05 2.79
CA PHE E 186 32.33 10.89 3.61
C PHE E 186 31.52 11.85 2.74
N THR E 187 30.26 12.10 3.12
CA THR E 187 29.37 12.90 2.29
C THR E 187 28.97 14.22 2.92
N GLU E 188 28.23 14.21 4.02
CA GLU E 188 27.70 15.44 4.60
C GLU E 188 27.07 15.12 5.96
N THR E 189 26.82 16.16 6.74
CA THR E 189 26.17 16.00 8.02
C THR E 189 24.66 16.06 7.88
N THR E 190 23.97 15.33 8.76
CA THR E 190 22.52 15.32 8.73
C THR E 190 21.94 16.65 9.23
N ARG E 191 22.58 17.28 10.20
CA ARG E 191 22.15 18.58 10.71
C ARG E 191 23.17 19.63 10.27
N GLY E 192 22.70 20.64 9.55
CA GLY E 192 23.55 21.72 9.09
C GLY E 192 24.07 21.60 7.68
N ASN E 193 24.06 20.39 7.10
CA ASN E 193 24.45 20.18 5.71
C ASN E 193 25.84 20.75 5.40
N TYR E 194 26.78 20.54 6.32
CA TYR E 194 28.15 20.93 6.04
C TYR E 194 28.91 19.80 5.34
N ASN E 195 30.05 20.16 4.75
CA ASN E 195 30.89 19.21 4.04
C ASN E 195 32.35 19.63 4.21
N LEU E 196 33.25 18.87 3.60
CA LEU E 196 34.67 19.09 3.82
C LEU E 196 35.21 20.36 3.18
N LYS E 197 34.46 21.02 2.30
CA LYS E 197 34.96 22.18 1.59
C LYS E 197 34.28 23.47 2.01
N SER E 198 33.41 23.45 3.00
CA SER E 198 32.71 24.66 3.40
C SER E 198 33.68 25.63 4.07
N ASN E 199 33.36 26.93 4.00
CA ASN E 199 34.24 27.94 4.57
C ASN E 199 33.43 29.21 4.87
N ASN E 200 33.10 29.40 6.14
CA ASN E 200 32.47 30.64 6.59
C ASN E 200 33.54 31.67 6.90
N PRO E 201 33.42 32.92 6.42
CA PRO E 201 34.50 33.89 6.58
C PRO E 201 35.00 34.11 7.99
N VAL E 202 34.12 34.08 8.99
CA VAL E 202 34.51 34.40 10.37
C VAL E 202 34.43 33.20 11.30
N TYR E 203 33.77 32.12 10.92
CA TYR E 203 33.69 30.94 11.77
C TYR E 203 34.42 29.74 11.19
N GLY E 204 35.01 29.87 10.01
CA GLY E 204 35.68 28.75 9.40
C GLY E 204 34.71 27.61 9.14
N ASN E 205 35.12 26.40 9.49
CA ASN E 205 34.29 25.22 9.28
C ASN E 205 33.54 24.90 10.57
N GLU E 206 32.21 24.80 10.48
CA GLU E 206 31.38 24.62 11.65
C GLU E 206 30.96 23.17 11.83
N MET E 207 31.61 22.24 11.13
CA MET E 207 31.37 20.82 11.35
C MET E 207 31.82 20.43 12.75
N PHE E 208 31.04 19.59 13.41
CA PHE E 208 31.34 19.11 14.76
C PHE E 208 31.61 20.26 15.73
N MET E 209 30.77 21.30 15.70
CA MET E 209 30.86 22.39 16.67
C MET E 209 29.50 22.61 17.31
N TYR E 210 29.45 22.52 18.64
CA TYR E 210 28.19 22.69 19.35
C TYR E 210 27.75 24.14 19.41
N GLY E 211 28.50 24.97 20.12
CA GLY E 211 28.11 26.35 20.32
C GLY E 211 29.23 27.33 20.04
N ARG E 212 28.90 28.42 19.34
CA ARG E 212 29.92 29.41 19.00
C ARG E 212 30.44 30.14 20.23
N TYR E 213 29.59 30.36 21.24
CA TYR E 213 29.98 31.19 22.37
C TYR E 213 29.81 30.50 23.72
N THR E 214 29.81 29.16 23.76
CA THR E 214 29.50 28.45 24.99
C THR E 214 30.47 28.76 26.13
N ASN E 215 31.69 29.19 25.82
CA ASN E 215 32.69 29.55 26.85
C ASN E 215 32.93 28.41 27.83
N VAL E 216 33.24 27.23 27.30
CA VAL E 216 33.61 26.08 28.10
C VAL E 216 34.89 25.51 27.50
N PRO E 217 35.60 24.65 28.23
CA PRO E 217 36.85 24.09 27.68
C PRO E 217 36.64 23.37 26.35
N ALA E 218 37.63 23.49 25.48
CA ALA E 218 37.58 22.94 24.12
C ALA E 218 36.98 21.54 24.07
N THR E 219 37.43 20.66 24.96
CA THR E 219 36.93 19.29 24.96
C THR E 219 35.41 19.26 25.12
N GLU E 220 34.86 20.15 25.93
CA GLU E 220 33.43 20.21 26.17
C GLU E 220 32.63 20.81 25.03
N ASN E 221 33.24 21.58 24.13
CA ASN E 221 32.50 22.16 23.02
C ASN E 221 32.25 21.22 21.86
N ILE E 222 32.78 20.01 21.87
CA ILE E 222 32.54 19.11 20.75
C ILE E 222 31.06 18.71 20.72
N ILE E 223 30.64 18.16 19.59
CA ILE E 223 29.23 17.86 19.31
C ILE E 223 28.88 16.50 19.93
N PRO E 224 27.65 16.30 20.39
CA PRO E 224 27.29 14.99 20.94
C PRO E 224 27.47 13.89 19.91
N ASP E 225 27.89 12.72 20.39
CA ASP E 225 28.28 11.65 19.49
C ASP E 225 27.13 11.15 18.63
N TYR E 226 25.91 11.13 19.17
CA TYR E 226 24.82 10.47 18.45
C TYR E 226 24.53 11.14 17.11
N GLN E 227 24.74 12.45 17.02
CA GLN E 227 24.49 13.13 15.76
C GLN E 227 25.46 12.70 14.68
N MET E 228 26.65 12.25 15.05
CA MET E 228 27.59 11.73 14.06
C MET E 228 27.09 10.40 13.49
N SER E 229 27.50 10.14 12.25
CA SER E 229 27.09 8.91 11.58
C SER E 229 27.66 7.68 12.29
N LYS E 230 26.93 6.57 12.20
CA LYS E 230 27.39 5.32 12.80
C LYS E 230 28.71 4.88 12.20
N LEU E 231 28.91 5.11 10.90
CA LEU E 231 30.15 4.68 10.27
C LEU E 231 31.37 5.46 10.70
N ILE E 232 31.21 6.60 11.37
CA ILE E 232 32.40 7.30 11.86
C ILE E 232 32.72 6.85 13.27
N THR E 233 31.69 6.69 14.10
CA THR E 233 31.90 6.19 15.45
C THR E 233 32.32 4.73 15.42
N GLY E 234 31.66 3.93 14.59
CA GLY E 234 31.95 2.52 14.50
C GLY E 234 32.29 2.12 13.08
N GLY E 235 32.89 0.95 12.96
CA GLY E 235 33.49 0.55 11.69
C GLY E 235 32.46 0.19 10.63
N LEU E 236 32.92 0.21 9.39
CA LEU E 236 32.14 -0.26 8.25
C LEU E 236 32.08 -1.78 8.22
N ASN E 237 30.96 -2.32 7.73
CA ASN E 237 30.76 -3.76 7.58
C ASN E 237 30.60 -4.13 6.11
N PRO E 238 31.67 -4.52 5.42
CA PRO E 238 31.58 -4.73 3.97
C PRO E 238 30.75 -5.94 3.62
N ASN E 239 30.13 -5.89 2.43
CA ASN E 239 29.51 -7.06 1.82
C ASN E 239 29.82 -6.99 0.33
N MET E 240 30.65 -7.92 -0.16
CA MET E 240 31.03 -7.91 -1.58
C MET E 240 31.00 -9.32 -2.13
N SER E 241 30.59 -9.51 -3.38
CA SER E 241 30.61 -10.86 -3.93
C SER E 241 31.25 -10.89 -5.31
N VAL E 242 32.01 -11.95 -5.59
CA VAL E 242 32.68 -12.11 -6.88
C VAL E 242 32.49 -13.54 -7.39
N VAL E 243 32.21 -13.69 -8.68
CA VAL E 243 31.99 -14.99 -9.31
C VAL E 243 33.23 -15.39 -10.11
N LEU E 244 33.73 -16.60 -9.87
CA LEU E 244 34.89 -17.13 -10.59
C LEU E 244 34.47 -18.36 -11.35
N THR E 245 35.06 -18.57 -12.54
CA THR E 245 34.87 -19.80 -13.29
C THR E 245 36.20 -20.36 -13.74
N ALA E 246 36.21 -21.66 -14.06
CA ALA E 246 37.44 -22.30 -14.48
C ALA E 246 37.11 -23.52 -15.34
N PRO E 247 38.03 -23.91 -16.23
CA PRO E 247 37.83 -25.13 -17.00
C PRO E 247 37.99 -26.37 -16.14
N ASN E 248 37.57 -27.50 -16.70
CA ASN E 248 37.57 -28.76 -15.97
C ASN E 248 38.98 -29.15 -15.52
N GLY E 249 39.09 -29.63 -14.28
CA GLY E 249 40.35 -30.14 -13.77
C GLY E 249 41.13 -29.20 -12.87
N THR E 250 40.77 -27.92 -12.82
CA THR E 250 41.50 -26.95 -12.02
C THR E 250 41.51 -27.34 -10.54
N GLU E 251 42.68 -27.22 -9.90
CA GLU E 251 42.83 -27.68 -8.52
C GLU E 251 43.16 -26.61 -7.49
N GLU E 252 43.74 -25.47 -7.87
CA GLU E 252 44.20 -24.50 -6.88
C GLU E 252 44.02 -23.07 -7.36
N SER E 253 43.90 -22.14 -6.41
CA SER E 253 43.75 -20.73 -6.76
C SER E 253 44.13 -19.84 -5.58
N ILE E 254 44.78 -18.71 -5.85
CA ILE E 254 45.14 -17.74 -4.82
C ILE E 254 44.29 -16.49 -4.94
N ILE E 255 43.71 -16.05 -3.82
CA ILE E 255 42.90 -14.83 -3.76
C ILE E 255 43.57 -13.80 -2.83
N LYS E 256 43.80 -12.59 -3.32
CA LYS E 256 44.36 -11.51 -2.50
C LYS E 256 43.32 -10.43 -2.21
N VAL E 257 43.19 -10.03 -0.95
CA VAL E 257 42.23 -8.99 -0.55
C VAL E 257 43.00 -7.82 0.06
N LYS E 258 42.86 -6.64 -0.52
CA LYS E 258 43.55 -5.43 -0.07
C LYS E 258 42.58 -4.47 0.59
N MET E 259 42.94 -3.95 1.76
CA MET E 259 42.07 -3.04 2.51
C MET E 259 42.83 -1.78 2.90
N GLU E 260 42.26 -0.61 2.58
CA GLU E 260 42.86 0.68 2.91
C GLU E 260 41.86 1.56 3.64
N ARG E 261 42.37 2.40 4.56
CA ARG E 261 41.59 3.39 5.29
C ARG E 261 42.30 4.74 5.36
N GLU E 262 41.59 5.82 5.03
CA GLU E 262 42.12 7.18 5.12
C GLU E 262 41.34 8.01 6.15
N ARG E 263 42.07 8.80 6.94
CA ARG E 263 41.55 9.65 8.01
C ARG E 263 42.16 11.05 7.98
N ASN E 264 41.45 12.02 8.60
CA ASN E 264 41.91 13.41 8.72
C ASN E 264 41.58 13.95 10.10
N CYS E 265 41.96 15.22 10.36
CA CYS E 265 41.76 15.84 11.66
C CYS E 265 41.05 17.18 11.58
N TYR E 266 40.19 17.44 12.58
CA TYR E 266 39.46 18.69 12.79
C TYR E 266 40.05 19.48 13.94
N TYR E 267 40.22 20.80 13.78
CA TYR E 267 40.87 21.62 14.81
C TYR E 267 40.04 22.85 15.15
N LEU E 268 39.93 23.17 16.45
CA LEU E 268 39.12 24.27 16.96
C LEU E 268 39.89 25.13 17.96
N ASN E 269 39.76 26.46 17.85
CA ASN E 269 40.49 27.38 18.72
C ASN E 269 39.75 28.71 18.84
N TRP E 270 40.25 29.57 19.75
CA TRP E 270 39.73 30.92 19.89
C TRP E 270 40.35 31.91 18.92
N ASN E 271 39.53 32.85 18.46
CA ASN E 271 39.92 33.99 17.67
C ASN E 271 39.21 35.15 18.37
N GLY E 272 39.87 35.74 19.35
CA GLY E 272 39.18 36.73 20.17
C GLY E 272 38.04 36.06 20.92
N ALA E 273 36.84 36.57 20.72
CA ALA E 273 35.65 35.99 21.33
C ALA E 273 35.00 34.90 20.48
N ASN E 274 35.50 34.65 19.27
CA ASN E 274 34.87 33.71 18.36
C ASN E 274 35.51 32.34 18.47
N TRP E 275 34.69 31.31 18.34
CA TRP E 275 35.13 29.92 18.31
C TRP E 275 35.26 29.51 16.86
N VAL E 276 36.47 29.22 16.38
CA VAL E 276 36.64 28.97 14.96
C VAL E 276 37.28 27.61 14.79
N GLY E 277 37.12 27.02 13.60
CA GLY E 277 37.72 25.74 13.30
C GLY E 277 38.24 25.64 11.88
N GLN E 278 38.92 24.53 11.63
CA GLN E 278 39.55 24.27 10.34
C GLN E 278 39.69 22.76 10.18
N VAL E 279 39.76 22.33 8.92
CA VAL E 279 40.02 20.94 8.58
C VAL E 279 41.27 20.88 7.70
N TYR E 280 42.20 20.00 8.06
CA TYR E 280 43.42 19.82 7.26
C TYR E 280 43.39 18.49 6.52
N ASN E 289 47.37 9.96 7.98
CA ASN E 289 48.07 8.86 7.34
C ASN E 289 47.08 7.96 6.63
N VAL E 290 47.58 6.84 6.09
CA VAL E 290 46.78 5.85 5.39
C VAL E 290 47.18 4.48 5.89
N ASP E 291 46.21 3.70 6.37
CA ASP E 291 46.48 2.34 6.83
C ASP E 291 46.06 1.36 5.75
N SER E 292 46.82 0.27 5.61
CA SER E 292 46.48 -0.73 4.61
C SER E 292 47.03 -2.09 5.01
N HIS E 293 46.42 -3.13 4.45
CA HIS E 293 46.92 -4.49 4.66
C HIS E 293 46.41 -5.41 3.56
N ILE E 294 47.21 -6.40 3.20
CA ILE E 294 46.86 -7.42 2.23
C ILE E 294 46.73 -8.79 2.88
N PHE E 295 45.59 -9.44 2.66
CA PHE E 295 45.25 -10.78 3.13
C PHE E 295 45.33 -11.77 1.98
N THR E 296 45.73 -13.00 2.28
CA THR E 296 45.84 -14.03 1.24
C THR E 296 45.04 -15.27 1.62
N PHE E 297 44.36 -15.86 0.64
CA PHE E 297 43.60 -17.09 0.85
C PHE E 297 43.93 -18.07 -0.27
N LYS E 298 43.87 -19.37 0.05
CA LYS E 298 44.09 -20.43 -0.91
C LYS E 298 42.83 -21.26 -1.09
N ILE E 299 42.52 -21.58 -2.34
CA ILE E 299 41.32 -22.32 -2.70
C ILE E 299 41.77 -23.65 -3.29
N ASN E 300 41.07 -24.71 -2.91
CA ASN E 300 41.21 -26.06 -3.46
C ASN E 300 39.90 -26.46 -4.11
N TRP E 301 39.89 -26.54 -5.44
CA TRP E 301 38.67 -26.84 -6.17
C TRP E 301 38.30 -28.31 -6.05
N LEU E 302 39.29 -29.21 -6.14
CA LEU E 302 38.99 -30.64 -6.16
C LEU E 302 38.47 -31.11 -4.81
N THR E 303 39.05 -30.65 -3.72
CA THR E 303 38.62 -31.06 -2.39
C THR E 303 37.58 -30.13 -1.78
N HIS E 304 37.15 -29.09 -2.49
CA HIS E 304 36.15 -28.15 -2.00
C HIS E 304 36.58 -27.53 -0.67
N LYS E 305 37.78 -26.95 -0.64
CA LYS E 305 38.30 -26.41 0.62
C LYS E 305 38.82 -24.99 0.43
N VAL E 306 38.67 -24.18 1.47
CA VAL E 306 39.23 -22.82 1.52
C VAL E 306 40.05 -22.72 2.78
N THR E 307 41.27 -22.20 2.66
CA THR E 307 42.08 -22.02 3.86
C THR E 307 42.81 -20.69 3.82
N ALA E 308 43.23 -20.26 5.01
CA ALA E 308 44.12 -19.12 5.12
C ALA E 308 45.52 -19.51 4.66
N ILE E 309 46.33 -18.52 4.34
CA ILE E 309 47.69 -18.77 3.92
C ILE E 309 48.59 -17.63 4.34
N THR F 8 16.14 -41.39 -1.15
CA THR F 8 16.93 -41.17 0.05
C THR F 8 16.25 -41.82 1.25
N ILE F 9 15.68 -43.01 1.01
CA ILE F 9 14.96 -43.75 2.04
C ILE F 9 15.62 -45.11 2.21
N THR F 10 15.68 -45.58 3.45
CA THR F 10 16.18 -46.91 3.79
C THR F 10 15.04 -47.70 4.38
N ARG F 11 14.74 -48.86 3.81
CA ARG F 11 13.59 -49.65 4.23
C ARG F 11 14.05 -51.04 4.65
N ASN F 12 13.28 -51.65 5.54
CA ASN F 12 13.58 -53.00 6.01
C ASN F 12 12.29 -53.73 6.33
N LYS F 13 12.26 -55.01 5.99
CA LYS F 13 11.14 -55.90 6.27
C LYS F 13 11.54 -56.88 7.35
N THR F 14 10.53 -57.48 7.99
CA THR F 14 10.75 -58.46 9.04
C THR F 14 9.84 -59.66 8.84
N SER F 15 10.27 -60.81 9.38
CA SER F 15 9.48 -62.02 9.25
C SER F 15 8.22 -62.00 10.11
N ASP F 16 8.32 -61.47 11.33
CA ASP F 16 7.25 -61.59 12.31
C ASP F 16 6.20 -60.51 12.04
N GLY F 17 5.08 -60.93 11.45
CA GLY F 17 4.02 -60.00 11.14
C GLY F 17 4.29 -59.14 9.93
N TYR F 18 5.36 -59.41 9.19
CA TYR F 18 5.74 -58.62 8.03
C TYR F 18 5.89 -57.14 8.38
N THR F 19 6.49 -56.88 9.54
CA THR F 19 6.69 -55.50 10.00
C THR F 19 7.67 -54.79 9.09
N ILE F 20 7.32 -53.57 8.66
CA ILE F 20 8.16 -52.76 7.78
C ILE F 20 8.56 -51.49 8.52
N ILE F 21 9.86 -51.18 8.50
CA ILE F 21 10.39 -49.99 9.21
C ILE F 21 11.15 -49.15 8.20
N THR F 22 10.53 -48.07 7.72
CA THR F 22 11.17 -47.14 6.79
C THR F 22 11.76 -45.94 7.52
N GLN F 23 12.93 -45.49 7.08
CA GLN F 23 13.58 -44.31 7.62
C GLN F 23 14.00 -43.39 6.49
N ASN F 24 14.00 -42.07 6.75
CA ASN F 24 14.36 -41.05 5.77
C ASN F 24 15.74 -40.50 6.07
N ASP F 25 16.58 -40.39 5.04
CA ASP F 25 17.91 -39.81 5.16
C ASP F 25 17.86 -38.35 4.72
N LYS F 26 18.02 -37.43 5.68
CA LYS F 26 17.92 -36.01 5.46
C LYS F 26 19.30 -35.35 5.40
N GLN F 27 19.35 -34.17 4.77
CA GLN F 27 20.63 -33.49 4.58
C GLN F 27 21.04 -32.67 5.79
N ILE F 28 20.14 -31.87 6.35
CA ILE F 28 20.46 -30.91 7.40
C ILE F 28 19.76 -31.34 8.67
N ILE F 29 20.51 -31.53 9.75
CA ILE F 29 19.94 -31.87 11.04
C ILE F 29 20.42 -30.87 12.08
N SER F 30 19.50 -30.30 12.85
CA SER F 30 19.89 -29.35 13.88
C SER F 30 19.50 -29.87 15.27
N TYR F 31 20.26 -29.43 16.27
CA TYR F 31 20.00 -29.75 17.67
C TYR F 31 19.97 -28.44 18.45
N GLN F 32 19.12 -28.37 19.47
CA GLN F 32 18.99 -27.14 20.23
C GLN F 32 19.04 -27.41 21.73
N SER F 33 19.80 -26.58 22.44
CA SER F 33 19.91 -26.64 23.90
C SER F 33 19.95 -25.22 24.43
N VAL F 34 19.36 -25.00 25.61
CA VAL F 34 19.36 -23.67 26.22
C VAL F 34 19.84 -23.71 27.66
N ASP F 35 20.41 -22.59 28.10
CA ASP F 35 20.93 -22.47 29.46
C ASP F 35 20.76 -21.03 29.93
N SER F 36 20.51 -20.86 31.22
CA SER F 36 20.28 -19.53 31.80
C SER F 36 21.02 -19.38 33.12
N SER F 37 21.28 -18.12 33.48
CA SER F 37 21.94 -17.80 34.74
C SER F 37 21.61 -16.38 35.13
N SER F 38 21.73 -16.08 36.43
CA SER F 38 21.37 -14.76 36.91
C SER F 38 22.20 -14.37 38.13
N LYS F 39 22.28 -13.06 38.35
CA LYS F 39 22.89 -12.42 39.52
C LYS F 39 21.86 -11.42 40.05
N ASN F 40 21.06 -11.88 41.02
CA ASN F 40 19.93 -11.11 41.52
C ASN F 40 20.36 -9.81 42.18
N GLU F 41 21.54 -9.78 42.81
CA GLU F 41 21.98 -8.56 43.49
C GLU F 41 22.13 -7.39 42.53
N ASP F 42 22.52 -7.65 41.29
CA ASP F 42 22.71 -6.61 40.31
C ASP F 42 21.57 -6.54 39.31
N GLY F 43 20.59 -7.43 39.43
CA GLY F 43 19.53 -7.49 38.44
C GLY F 43 20.02 -7.86 37.06
N PHE F 44 20.96 -8.79 36.97
CA PHE F 44 21.51 -9.20 35.69
C PHE F 44 21.10 -10.63 35.38
N THR F 45 20.51 -10.84 34.19
CA THR F 45 20.17 -12.20 33.82
C THR F 45 20.59 -12.42 32.38
N ALA F 46 21.08 -13.63 32.09
CA ALA F 46 21.56 -13.95 30.75
C ALA F 46 21.15 -15.36 30.38
N SER F 47 20.81 -15.55 29.12
CA SER F 47 20.45 -16.85 28.58
C SER F 47 21.16 -17.04 27.27
N ILE F 48 21.62 -18.26 27.04
CA ILE F 48 22.26 -18.66 25.79
C ILE F 48 21.48 -19.80 25.17
N ASP F 49 21.10 -19.62 23.90
CA ASP F 49 20.44 -20.66 23.13
C ASP F 49 21.45 -21.12 22.08
N ALA F 50 21.78 -22.41 22.08
CA ALA F 50 22.77 -22.95 21.16
C ALA F 50 22.13 -23.92 20.21
N ARG F 51 22.47 -23.80 18.94
CA ARG F 51 22.01 -24.71 17.90
C ARG F 51 23.21 -25.30 17.19
N PHE F 52 23.21 -26.63 17.03
CA PHE F 52 24.31 -27.37 16.42
C PHE F 52 23.82 -27.86 15.07
N ILE F 53 24.59 -27.62 14.00
CA ILE F 53 24.13 -28.00 12.66
C ILE F 53 25.02 -29.08 12.06
N ASP F 54 24.41 -30.20 11.71
CA ASP F 54 25.04 -31.33 11.03
C ASP F 54 24.63 -31.28 9.55
N ASP F 55 25.58 -30.93 8.68
CA ASP F 55 25.34 -30.85 7.25
C ASP F 55 26.30 -31.79 6.52
N LYS F 56 25.75 -32.59 5.61
CA LYS F 56 26.56 -33.58 4.91
C LYS F 56 27.50 -32.96 3.88
N TYR F 57 27.23 -31.74 3.44
CA TYR F 57 28.05 -31.10 2.41
C TYR F 57 28.99 -30.03 2.96
N SER F 58 29.04 -29.84 4.28
CA SER F 58 29.89 -28.82 4.87
C SER F 58 31.19 -29.44 5.36
N SER F 59 32.28 -28.66 5.26
CA SER F 59 33.59 -29.15 5.64
C SER F 59 33.89 -29.06 7.13
N GLU F 60 33.10 -28.32 7.91
CA GLU F 60 33.43 -28.11 9.31
C GLU F 60 32.16 -27.94 10.13
N MET F 61 32.29 -28.09 11.44
CA MET F 61 31.12 -27.99 12.31
C MET F 61 30.75 -26.54 12.54
N THR F 62 29.44 -26.28 12.64
CA THR F 62 28.90 -24.95 12.90
C THR F 62 27.94 -24.97 14.10
N THR F 63 28.12 -23.98 14.98
CA THR F 63 27.26 -23.74 16.11
C THR F 63 26.78 -22.30 16.11
N LEU F 64 25.48 -22.08 16.30
CA LEU F 64 24.90 -20.76 16.39
C LEU F 64 24.61 -20.46 17.85
N ILE F 65 25.06 -19.32 18.34
CA ILE F 65 24.97 -18.96 19.75
C ILE F 65 24.13 -17.70 19.86
N ASN F 66 22.82 -17.85 20.05
CA ASN F 66 21.98 -16.70 20.31
C ASN F 66 22.12 -16.31 21.79
N LEU F 67 21.94 -15.03 22.07
CA LEU F 67 22.00 -14.50 23.42
C LEU F 67 20.79 -13.63 23.69
N THR F 68 20.27 -13.74 24.92
CA THR F 68 19.14 -12.97 25.40
C THR F 68 19.37 -12.70 26.87
N GLY F 69 18.55 -11.85 27.47
CA GLY F 69 18.68 -11.61 28.89
C GLY F 69 17.95 -10.35 29.30
N PHE F 70 18.08 -10.03 30.59
CA PHE F 70 17.52 -8.81 31.14
C PHE F 70 18.51 -8.02 31.99
N MET F 71 18.66 -6.73 31.68
CA MET F 71 19.46 -5.81 32.49
C MET F 71 18.53 -4.77 33.08
N SER F 72 18.24 -4.89 34.37
CA SER F 72 17.29 -3.96 34.96
C SER F 72 17.90 -2.59 35.11
N SER F 73 17.07 -1.56 35.06
CA SER F 73 17.49 -0.18 35.20
C SER F 73 17.03 0.34 36.55
N LYS F 74 17.96 0.90 37.32
CA LYS F 74 17.66 1.37 38.66
C LYS F 74 17.12 2.79 38.64
N LYS F 75 16.35 3.13 39.66
CA LYS F 75 15.70 4.43 39.71
C LYS F 75 15.51 4.91 41.15
N THR F 91 15.79 17.77 44.76
CA THR F 91 16.10 16.35 44.93
C THR F 91 17.11 15.88 43.90
N ALA F 92 17.36 14.58 43.88
CA ALA F 92 18.23 13.99 42.87
C ALA F 92 17.71 12.61 42.53
N ILE F 93 17.73 12.27 41.24
CA ILE F 93 17.27 10.98 40.76
C ILE F 93 18.39 10.32 39.94
N ASN F 94 18.69 9.07 40.28
CA ASN F 94 19.63 8.28 39.48
C ASN F 94 18.93 7.67 38.28
N PHE F 95 19.56 7.76 37.12
CA PHE F 95 18.98 7.31 35.89
C PHE F 95 20.05 6.81 34.94
N PRO F 96 19.92 5.60 34.38
CA PRO F 96 20.97 5.05 33.53
C PRO F 96 21.23 5.90 32.30
N VAL F 97 22.39 5.67 31.69
CA VAL F 97 22.81 6.46 30.54
C VAL F 97 23.50 5.60 29.49
N ARG F 98 24.02 4.44 29.89
CA ARG F 98 24.65 3.59 28.90
C ARG F 98 24.66 2.12 29.29
N TYR F 99 24.45 1.25 28.29
CA TYR F 99 24.56 -0.18 28.50
C TYR F 99 25.65 -0.72 27.57
N SER F 100 26.27 -1.84 27.96
CA SER F 100 27.28 -2.42 27.09
C SER F 100 27.34 -3.94 27.27
N ILE F 101 27.42 -4.66 26.15
CA ILE F 101 27.47 -6.12 26.12
C ILE F 101 28.65 -6.59 25.29
N SER F 102 29.38 -7.58 25.80
CA SER F 102 30.51 -8.12 25.05
C SER F 102 30.56 -9.64 25.14
N ILE F 103 30.81 -10.29 24.01
CA ILE F 103 30.92 -11.75 23.92
C ILE F 103 32.38 -12.09 23.62
N LEU F 104 32.97 -12.95 24.46
CA LEU F 104 34.36 -13.35 24.34
C LEU F 104 34.52 -14.85 24.09
N ASN F 105 35.29 -15.18 23.06
CA ASN F 105 35.65 -16.55 22.71
C ASN F 105 36.99 -16.86 23.37
N GLU F 106 36.99 -17.83 24.28
CA GLU F 106 38.18 -18.10 25.08
C GLU F 106 38.94 -19.37 24.68
N SER F 107 38.63 -19.97 23.54
CA SER F 107 39.31 -21.18 23.11
C SER F 107 40.01 -20.95 21.78
N ILE F 108 40.70 -19.83 21.66
CA ILE F 108 41.34 -19.46 20.39
C ILE F 108 42.42 -20.45 20.02
N ASN F 109 43.15 -20.98 21.01
CA ASN F 109 44.24 -21.89 20.69
C ASN F 109 43.75 -23.26 20.23
N GLU F 110 42.44 -23.49 20.23
CA GLU F 110 41.88 -24.75 19.75
C GLU F 110 41.27 -24.61 18.37
N ASN F 111 41.48 -23.47 17.71
CA ASN F 111 40.94 -23.18 16.39
C ASN F 111 39.42 -23.09 16.37
N VAL F 112 38.84 -22.51 17.43
CA VAL F 112 37.42 -22.15 17.43
C VAL F 112 37.32 -20.66 17.15
N LYS F 113 36.52 -20.29 16.15
CA LYS F 113 36.58 -18.95 15.58
C LYS F 113 35.19 -18.34 15.44
N ILE F 114 35.13 -17.01 15.57
CA ILE F 114 33.89 -16.24 15.42
C ILE F 114 33.83 -15.74 13.98
N VAL F 115 33.01 -16.36 13.15
CA VAL F 115 32.95 -15.92 11.76
C VAL F 115 31.91 -14.83 11.51
N ASP F 116 30.84 -14.73 12.31
CA ASP F 116 29.84 -13.73 12.02
C ASP F 116 29.08 -13.28 13.27
N SER F 117 28.56 -12.05 13.19
CA SER F 117 27.76 -11.41 14.23
C SER F 117 26.59 -10.70 13.57
N ILE F 118 25.38 -10.87 14.12
CA ILE F 118 24.17 -10.47 13.38
C ILE F 118 23.91 -8.97 13.34
N PRO F 119 23.86 -8.23 14.46
CA PRO F 119 23.60 -6.80 14.34
C PRO F 119 24.76 -6.08 13.66
N LYS F 120 24.43 -5.12 12.79
CA LYS F 120 25.44 -4.47 11.97
C LYS F 120 25.15 -2.98 11.87
N ASN F 121 26.09 -2.25 11.28
CA ASN F 121 25.95 -0.83 11.06
C ASN F 121 25.27 -0.54 9.73
N THR F 122 24.39 0.46 9.72
CA THR F 122 23.59 0.80 8.57
C THR F 122 23.73 2.28 8.24
N ILE F 123 23.28 2.66 7.04
CA ILE F 123 23.40 4.02 6.53
C ILE F 123 22.01 4.63 6.46
N SER F 124 21.85 5.82 7.03
CA SER F 124 20.56 6.50 7.11
C SER F 124 20.23 7.22 5.79
N GLN F 125 18.99 7.71 5.71
CA GLN F 125 18.50 8.44 4.55
C GLN F 125 17.87 9.76 4.99
N LYS F 126 18.05 10.78 4.16
CA LYS F 126 17.52 12.12 4.39
C LYS F 126 16.63 12.51 3.21
N THR F 127 15.58 13.29 3.46
CA THR F 127 14.75 13.81 2.37
C THR F 127 14.98 15.31 2.23
N VAL F 128 15.29 15.76 1.02
CA VAL F 128 15.66 17.15 0.74
C VAL F 128 14.73 17.73 -0.32
N SER F 129 14.25 18.93 -0.07
CA SER F 129 13.45 19.65 -1.08
C SER F 129 13.89 21.10 -1.18
N ASN F 130 13.78 21.66 -2.38
CA ASN F 130 14.12 23.04 -2.66
C ASN F 130 13.05 23.65 -3.55
N THR F 131 12.70 24.90 -3.28
CA THR F 131 11.75 25.63 -4.11
C THR F 131 12.19 27.08 -4.30
N MET F 132 11.88 27.61 -5.49
CA MET F 132 12.18 28.99 -5.84
C MET F 132 10.97 29.56 -6.56
N GLY F 133 10.58 30.79 -6.23
CA GLY F 133 9.41 31.39 -6.83
C GLY F 133 9.58 32.88 -7.08
N TYR F 134 8.80 33.35 -8.05
CA TYR F 134 8.75 34.74 -8.46
C TYR F 134 7.34 35.28 -8.49
N LYS F 135 7.14 36.50 -8.01
CA LYS F 135 5.83 37.14 -8.06
C LYS F 135 5.97 38.55 -8.61
N ILE F 136 4.95 39.02 -9.32
CA ILE F 136 4.94 40.36 -9.88
C ILE F 136 3.51 40.90 -9.80
N GLY F 137 3.38 42.19 -9.45
CA GLY F 137 2.06 42.76 -9.29
C GLY F 137 1.95 44.19 -9.74
N GLY F 138 0.91 44.50 -10.50
CA GLY F 138 0.69 45.86 -10.94
C GLY F 138 -0.64 46.41 -10.47
N SER F 139 -0.66 47.56 -9.84
CA SER F 139 -1.90 48.14 -9.32
C SER F 139 -2.14 49.53 -9.90
N ILE F 140 -3.36 49.74 -10.40
CA ILE F 140 -3.80 51.03 -10.92
C ILE F 140 -4.89 51.54 -9.99
N GLU F 141 -4.75 52.76 -9.51
CA GLU F 141 -5.69 53.33 -8.56
C GLU F 141 -6.18 54.68 -9.07
N ILE F 142 -7.41 54.71 -9.58
CA ILE F 142 -8.01 55.94 -10.09
C ILE F 142 -8.87 56.52 -8.98
N GLU F 143 -8.42 57.64 -8.41
CA GLU F 143 -9.21 58.38 -7.44
C GLU F 143 -10.03 59.43 -8.20
N GLU F 144 -10.55 60.42 -7.50
CA GLU F 144 -11.25 61.50 -8.20
C GLU F 144 -10.22 62.32 -8.94
N ASN F 145 -10.05 62.01 -10.24
CA ASN F 145 -9.11 62.72 -11.10
C ASN F 145 -7.68 62.67 -10.57
N LYS F 146 -7.32 61.54 -9.94
CA LYS F 146 -5.97 61.39 -9.39
C LYS F 146 -5.45 59.98 -9.66
N PRO F 147 -4.32 59.84 -10.36
CA PRO F 147 -3.76 58.51 -10.59
C PRO F 147 -2.65 58.14 -9.61
N LYS F 148 -2.62 56.87 -9.20
CA LYS F 148 -1.56 56.37 -8.30
C LYS F 148 -1.16 54.98 -8.80
N ALA F 149 -0.17 54.95 -9.70
CA ALA F 149 0.31 53.70 -10.26
C ALA F 149 1.42 53.12 -9.39
N SER F 150 1.26 51.86 -8.98
CA SER F 150 2.23 51.17 -8.14
C SER F 150 2.54 49.81 -8.75
N ILE F 151 3.83 49.47 -8.81
CA ILE F 151 4.26 48.15 -9.26
C ILE F 151 5.16 47.52 -8.21
N GLU F 152 4.91 46.24 -7.89
CA GLU F 152 5.62 45.52 -6.85
C GLU F 152 6.19 44.24 -7.42
N SER F 153 7.27 43.75 -6.82
CA SER F 153 7.96 42.56 -7.30
C SER F 153 8.51 41.79 -6.10
N GLU F 154 8.40 40.46 -6.14
CA GLU F 154 8.89 39.61 -5.06
C GLU F 154 9.63 38.41 -5.61
N TYR F 155 10.56 37.90 -4.81
CA TYR F 155 11.37 36.73 -5.14
C TYR F 155 11.64 35.94 -3.88
N ALA F 156 11.48 34.62 -3.91
CA ALA F 156 11.69 33.86 -2.68
C ALA F 156 12.29 32.49 -2.99
N GLU F 157 13.00 31.95 -2.01
CA GLU F 157 13.63 30.64 -2.08
C GLU F 157 13.50 29.97 -0.73
N SER F 158 13.34 28.65 -0.70
CA SER F 158 13.32 27.93 0.57
C SER F 158 13.70 26.47 0.34
N SER F 159 13.98 25.76 1.45
CA SER F 159 14.28 24.34 1.40
C SER F 159 13.84 23.65 2.69
N THR F 160 13.60 22.33 2.58
CA THR F 160 13.15 21.50 3.70
C THR F 160 13.96 20.21 3.81
N ILE F 161 14.31 19.84 5.05
CA ILE F 161 15.02 18.60 5.35
C ILE F 161 14.19 17.74 6.30
N GLU F 162 14.05 16.46 5.98
CA GLU F 162 13.32 15.51 6.84
C GLU F 162 14.16 14.28 7.16
N TYR F 163 14.02 13.79 8.39
CA TYR F 163 14.66 12.55 8.83
C TYR F 163 13.94 12.02 10.07
N VAL F 164 14.31 10.82 10.50
CA VAL F 164 13.65 10.11 11.60
C VAL F 164 14.65 9.84 12.72
N GLN F 165 14.20 9.99 13.96
CA GLN F 165 15.07 9.93 15.15
C GLN F 165 14.65 8.91 16.19
N PRO F 166 15.42 7.83 16.41
CA PRO F 166 15.12 6.91 17.52
C PRO F 166 15.36 7.57 18.88
N ASP F 167 14.86 6.89 19.92
CA ASP F 167 15.10 7.33 21.30
C ASP F 167 16.37 6.75 21.91
N PHE F 168 16.84 5.61 21.41
CA PHE F 168 18.09 5.01 21.82
C PHE F 168 18.81 4.54 20.57
N SER F 169 20.13 4.42 20.66
CA SER F 169 20.94 4.08 19.51
C SER F 169 21.92 2.98 19.85
N THR F 170 22.02 1.98 18.98
CA THR F 170 22.86 0.81 19.19
C THR F 170 23.92 0.77 18.10
N ILE F 171 25.18 0.74 18.51
CA ILE F 171 26.30 0.79 17.58
C ILE F 171 27.19 -0.41 17.83
N GLN F 172 27.54 -1.14 16.78
CA GLN F 172 28.51 -2.20 16.97
C GLN F 172 29.88 -1.56 17.02
N THR F 173 30.67 -1.90 18.03
CA THR F 173 31.96 -1.25 18.21
C THR F 173 33.13 -2.16 17.95
N ASP F 174 32.96 -3.48 18.08
CA ASP F 174 34.11 -4.30 17.77
C ASP F 174 33.64 -5.66 17.29
N HIS F 175 34.46 -6.24 16.40
CA HIS F 175 34.27 -7.57 15.85
C HIS F 175 35.63 -8.10 15.48
N SER F 176 35.97 -9.28 16.00
CA SER F 176 37.25 -9.89 15.70
C SER F 176 37.11 -11.39 15.88
N THR F 177 38.24 -12.08 15.76
CA THR F 177 38.23 -13.54 15.90
C THR F 177 37.82 -13.97 17.30
N SER F 178 38.01 -13.12 18.30
CA SER F 178 37.72 -13.51 19.67
C SER F 178 36.64 -12.69 20.36
N LYS F 179 36.45 -11.42 20.01
CA LYS F 179 35.60 -10.53 20.79
C LYS F 179 34.62 -9.77 19.91
N ALA F 180 33.35 -9.76 20.30
CA ALA F 180 32.36 -8.92 19.65
C ALA F 180 31.72 -8.06 20.72
N SER F 181 31.75 -6.75 20.53
CA SER F 181 31.26 -5.83 21.56
C SER F 181 30.31 -4.79 20.99
N TRP F 182 29.16 -4.65 21.67
CA TRP F 182 28.05 -3.78 21.32
C TRP F 182 27.75 -2.86 22.51
N ASP F 183 27.07 -1.75 22.25
CA ASP F 183 26.63 -0.90 23.35
C ASP F 183 25.54 0.05 22.89
N THR F 184 24.86 0.66 23.86
CA THR F 184 23.72 1.54 23.63
C THR F 184 23.86 2.73 24.56
N LYS F 185 23.31 3.88 24.13
CA LYS F 185 23.49 5.12 24.89
C LYS F 185 22.24 5.96 24.81
N PHE F 186 22.09 6.86 25.79
CA PHE F 186 20.96 7.77 25.82
C PHE F 186 21.05 8.79 24.70
N THR F 187 19.91 9.16 24.11
CA THR F 187 19.92 10.04 22.95
C THR F 187 19.26 11.39 23.20
N GLU F 188 17.96 11.44 23.47
CA GLU F 188 17.24 12.71 23.59
C GLU F 188 15.84 12.43 24.08
N THR F 189 15.17 13.48 24.53
CA THR F 189 13.79 13.37 24.98
C THR F 189 12.82 13.58 23.82
N THR F 190 11.68 12.90 23.91
CA THR F 190 10.66 13.03 22.86
C THR F 190 10.00 14.39 22.90
N ARG F 191 9.80 14.96 24.09
CA ARG F 191 9.22 16.28 24.24
C ARG F 191 10.29 17.24 24.71
N GLY F 192 10.54 18.30 23.94
CA GLY F 192 11.52 19.30 24.28
C GLY F 192 12.88 19.14 23.64
N ASN F 193 13.21 17.95 23.14
CA ASN F 193 14.46 17.70 22.42
C ASN F 193 15.68 18.15 23.20
N TYR F 194 15.70 17.84 24.51
CA TYR F 194 16.88 18.11 25.31
C TYR F 194 17.84 16.93 25.26
N ASN F 195 19.09 17.20 25.66
CA ASN F 195 20.12 16.18 25.69
C ASN F 195 21.06 16.47 26.86
N LEU F 196 22.08 15.63 27.01
CA LEU F 196 22.94 15.72 28.18
C LEU F 196 23.85 16.93 28.19
N LYS F 197 23.97 17.67 27.09
CA LYS F 197 24.90 18.78 27.01
C LYS F 197 24.21 20.13 26.92
N SER F 198 22.88 20.17 27.01
CA SER F 198 22.18 21.45 26.89
C SER F 198 22.45 22.32 28.11
N ASN F 199 22.34 23.63 27.92
CA ASN F 199 22.63 24.57 29.01
C ASN F 199 21.91 25.90 28.74
N ASN F 200 20.80 26.12 29.42
CA ASN F 200 20.11 27.39 29.38
C ASN F 200 20.71 28.33 30.43
N PRO F 201 21.04 29.57 30.09
CA PRO F 201 21.74 30.46 31.03
C PRO F 201 21.11 30.61 32.41
N VAL F 202 19.78 30.66 32.49
CA VAL F 202 19.11 30.93 33.76
C VAL F 202 18.31 29.74 34.29
N TYR F 203 18.06 28.73 33.47
CA TYR F 203 17.34 27.55 33.93
C TYR F 203 18.19 26.30 33.96
N GLY F 204 19.44 26.39 33.55
CA GLY F 204 20.28 25.20 33.51
C GLY F 204 19.71 24.17 32.56
N ASN F 205 19.69 22.92 33.01
CA ASN F 205 19.18 21.82 32.21
C ASN F 205 17.72 21.56 32.57
N GLU F 206 16.85 21.58 31.57
CA GLU F 206 15.42 21.46 31.81
C GLU F 206 14.91 20.05 31.52
N MET F 207 15.80 19.08 31.42
CA MET F 207 15.41 17.69 31.32
C MET F 207 14.70 17.25 32.60
N PHE F 208 13.64 16.47 32.46
CA PHE F 208 12.87 15.96 33.60
C PHE F 208 12.44 17.07 34.56
N MET F 209 11.93 18.17 34.01
CA MET F 209 11.38 19.24 34.83
C MET F 209 9.98 19.59 34.35
N TYR F 210 9.00 19.49 35.24
CA TYR F 210 7.62 19.77 34.88
C TYR F 210 7.34 21.26 34.71
N GLY F 211 7.42 22.01 35.80
CA GLY F 211 7.09 23.42 35.76
C GLY F 211 8.14 24.29 36.41
N ARG F 212 8.46 25.41 35.76
CA ARG F 212 9.47 26.30 36.30
C ARG F 212 9.02 26.98 37.60
N TYR F 213 7.73 27.27 37.73
CA TYR F 213 7.24 28.06 38.86
C TYR F 213 6.13 27.37 39.65
N THR F 214 6.03 26.04 39.58
CA THR F 214 4.90 25.35 40.20
C THR F 214 4.79 25.56 41.70
N ASN F 215 5.90 25.88 42.37
CA ASN F 215 5.91 26.14 43.81
C ASN F 215 5.31 24.98 44.61
N VAL F 216 5.83 23.79 44.37
CA VAL F 216 5.47 22.59 45.12
C VAL F 216 6.77 21.92 45.56
N PRO F 217 6.70 20.99 46.51
CA PRO F 217 7.94 20.32 46.95
C PRO F 217 8.68 19.64 45.81
N ALA F 218 10.01 19.68 45.90
CA ALA F 218 10.89 19.14 44.87
C ALA F 218 10.42 17.81 44.31
N THR F 219 10.06 16.88 45.20
CA THR F 219 9.62 15.56 44.76
C THR F 219 8.45 15.66 43.79
N GLU F 220 7.53 16.59 44.06
CA GLU F 220 6.36 16.78 43.23
C GLU F 220 6.64 17.46 41.90
N ASN F 221 7.75 18.17 41.74
CA ASN F 221 8.03 18.84 40.47
C ASN F 221 8.63 17.93 39.40
N ILE F 222 8.92 16.66 39.71
CA ILE F 222 9.48 15.81 38.68
C ILE F 222 8.44 15.54 37.59
N ILE F 223 8.91 15.05 36.45
CA ILE F 223 8.10 14.86 35.25
C ILE F 223 7.34 13.54 35.34
N PRO F 224 6.13 13.45 34.80
CA PRO F 224 5.40 12.17 34.85
C PRO F 224 6.19 11.07 34.17
N ASP F 225 6.09 9.87 34.73
CA ASP F 225 6.94 8.77 34.28
C ASP F 225 6.70 8.38 32.83
N TYR F 226 5.46 8.47 32.35
CA TYR F 226 5.15 7.91 31.03
C TYR F 226 5.93 8.61 29.93
N GLN F 227 6.22 9.90 30.10
CA GLN F 227 6.97 10.61 29.08
C GLN F 227 8.40 10.10 28.96
N MET F 228 8.95 9.54 30.04
CA MET F 228 10.28 8.94 29.96
C MET F 228 10.25 7.68 29.11
N SER F 229 11.40 7.38 28.50
CA SER F 229 11.52 6.20 27.66
C SER F 229 11.34 4.93 28.48
N LYS F 230 10.82 3.89 27.82
CA LYS F 230 10.66 2.60 28.47
C LYS F 230 11.98 2.04 28.96
N LEU F 231 13.05 2.26 28.19
CA LEU F 231 14.35 1.72 28.58
C LEU F 231 14.94 2.39 29.80
N ILE F 232 14.44 3.53 30.25
CA ILE F 232 14.97 4.11 31.47
C ILE F 232 14.18 3.64 32.66
N THR F 233 12.86 3.57 32.52
CA THR F 233 12.02 3.03 33.59
C THR F 233 12.25 1.55 33.76
N GLY F 234 12.32 0.81 32.66
CA GLY F 234 12.51 -0.62 32.69
C GLY F 234 13.73 -1.03 31.89
N GLY F 235 14.18 -2.26 32.16
CA GLY F 235 15.46 -2.70 31.65
C GLY F 235 15.47 -2.96 30.15
N LEU F 236 16.67 -2.98 29.60
CA LEU F 236 16.88 -3.35 28.21
C LEU F 236 16.78 -4.86 28.04
N ASN F 237 16.30 -5.30 26.87
CA ASN F 237 16.19 -6.71 26.53
C ASN F 237 17.09 -7.05 25.35
N PRO F 238 18.31 -7.53 25.58
CA PRO F 238 19.25 -7.73 24.48
C PRO F 238 18.85 -8.87 23.56
N ASN F 239 19.24 -8.74 22.29
CA ASN F 239 19.17 -9.84 21.34
C ASN F 239 20.45 -9.79 20.51
N MET F 240 21.32 -10.79 20.67
CA MET F 240 22.59 -10.80 19.94
C MET F 240 22.88 -12.21 19.43
N SER F 241 23.47 -12.34 18.26
CA SER F 241 23.79 -13.68 17.77
C SER F 241 25.21 -13.76 17.24
N VAL F 242 25.88 -14.88 17.51
CA VAL F 242 27.25 -15.10 17.05
C VAL F 242 27.39 -16.50 16.46
N VAL F 243 28.09 -16.60 15.34
CA VAL F 243 28.31 -17.89 14.66
C VAL F 243 29.73 -18.39 14.93
N LEU F 244 29.85 -19.64 15.36
CA LEU F 244 31.14 -20.26 15.64
C LEU F 244 31.32 -21.45 14.72
N THR F 245 32.55 -21.70 14.28
CA THR F 245 32.87 -22.90 13.52
C THR F 245 34.10 -23.58 14.10
N ALA F 246 34.25 -24.86 13.78
CA ALA F 246 35.38 -25.62 14.31
C ALA F 246 35.69 -26.79 13.39
N PRO F 247 36.94 -27.26 13.38
CA PRO F 247 37.27 -28.46 12.60
C PRO F 247 36.71 -29.71 13.25
N ASN F 248 36.73 -30.79 12.48
CA ASN F 248 36.15 -32.06 12.90
C ASN F 248 36.81 -32.56 14.18
N GLY F 249 35.99 -33.06 15.12
CA GLY F 249 36.47 -33.69 16.32
C GLY F 249 36.46 -32.83 17.58
N THR F 250 36.23 -31.53 17.44
CA THR F 250 36.25 -30.63 18.60
C THR F 250 35.19 -31.04 19.62
N GLU F 251 35.56 -31.02 20.90
CA GLU F 251 34.67 -31.50 21.95
C GLU F 251 34.23 -30.48 22.99
N GLU F 252 34.97 -29.38 23.20
CA GLU F 252 34.67 -28.48 24.29
C GLU F 252 34.96 -27.03 23.92
N SER F 253 34.26 -26.10 24.58
CA SER F 253 34.48 -24.67 24.32
C SER F 253 33.97 -23.84 25.48
N ILE F 254 34.69 -22.76 25.83
CA ILE F 254 34.27 -21.84 26.89
C ILE F 254 33.83 -20.51 26.28
N ILE F 255 32.65 -20.02 26.70
CA ILE F 255 32.11 -18.74 26.27
C ILE F 255 31.99 -17.79 27.45
N LYS F 256 32.57 -16.59 27.36
CA LYS F 256 32.45 -15.58 28.40
C LYS F 256 31.57 -14.41 27.95
N VAL F 257 30.61 -14.01 28.78
CA VAL F 257 29.72 -12.90 28.46
C VAL F 257 29.89 -11.80 29.52
N LYS F 258 30.27 -10.61 29.08
CA LYS F 258 30.52 -9.47 29.97
C LYS F 258 29.42 -8.44 29.82
N MET F 259 28.88 -7.95 30.95
CA MET F 259 27.80 -6.98 30.93
C MET F 259 28.13 -5.79 31.82
N GLU F 260 28.02 -4.58 31.27
CA GLU F 260 28.28 -3.34 32.02
C GLU F 260 27.12 -2.38 31.90
N ARG F 261 26.88 -1.61 32.96
CA ARG F 261 25.87 -0.55 32.99
C ARG F 261 26.40 0.72 33.65
N GLU F 262 26.19 1.87 32.99
CA GLU F 262 26.58 3.18 33.52
C GLU F 262 25.35 4.06 33.75
N ARG F 263 25.37 4.78 34.87
CA ARG F 263 24.29 5.66 35.33
C ARG F 263 24.82 7.01 35.83
N ASN F 264 23.94 8.03 35.85
CA ASN F 264 24.27 9.37 36.34
C ASN F 264 23.09 9.93 37.13
N CYS F 265 23.25 11.16 37.66
CA CYS F 265 22.22 11.79 38.50
C CYS F 265 21.85 13.19 38.03
N TYR F 266 20.56 13.51 38.15
CA TYR F 266 19.97 14.82 37.86
C TYR F 266 19.63 15.55 39.16
N TYR F 267 19.92 16.85 39.25
CA TYR F 267 19.71 17.60 40.49
C TYR F 267 18.95 18.90 40.24
N LEU F 268 17.99 19.21 41.11
CA LEU F 268 17.11 20.38 40.97
C LEU F 268 17.00 21.16 42.28
N ASN F 269 17.05 22.50 42.20
CA ASN F 269 17.02 23.34 43.39
C ASN F 269 16.49 24.73 43.05
N TRP F 270 16.25 25.53 44.10
CA TRP F 270 15.86 26.93 43.93
C TRP F 270 17.05 27.86 43.75
N ASN F 271 16.84 28.88 42.91
CA ASN F 271 17.75 29.98 42.70
C ASN F 271 16.82 31.20 42.77
N GLY F 272 16.63 31.72 43.98
CA GLY F 272 15.62 32.76 44.14
C GLY F 272 14.25 32.18 43.82
N ALA F 273 13.57 32.81 42.88
CA ALA F 273 12.26 32.33 42.43
C ALA F 273 12.35 31.32 41.30
N ASN F 274 13.53 31.03 40.78
CA ASN F 274 13.67 30.16 39.63
C ASN F 274 13.97 28.73 40.06
N TRP F 275 13.42 27.78 39.32
CA TRP F 275 13.67 26.35 39.52
C TRP F 275 14.77 25.94 38.54
N VAL F 276 15.93 25.56 39.04
CA VAL F 276 17.04 25.30 38.14
C VAL F 276 17.54 23.88 38.38
N GLY F 277 18.23 23.32 37.36
CA GLY F 277 18.79 22.00 37.49
C GLY F 277 20.15 21.87 36.85
N GLN F 278 20.75 20.70 37.07
CA GLN F 278 22.08 20.39 36.58
C GLN F 278 22.22 18.88 36.46
N VAL F 279 23.12 18.45 35.59
CA VAL F 279 23.47 17.04 35.44
C VAL F 279 24.96 16.87 35.69
N TYR F 280 25.32 15.91 36.53
CA TYR F 280 26.72 15.63 36.80
C TYR F 280 27.15 14.31 36.19
N ASN F 289 28.43 5.45 39.42
CA ASN F 289 29.32 4.30 39.38
C ASN F 289 29.06 3.49 38.13
N VAL F 290 29.74 2.35 38.02
CA VAL F 290 29.61 1.43 36.89
C VAL F 290 29.45 0.02 37.43
N ASP F 291 28.38 -0.67 37.03
CA ASP F 291 28.17 -2.04 37.45
C ASP F 291 28.59 -2.99 36.33
N SER F 292 29.16 -4.13 36.68
CA SER F 292 29.55 -5.09 35.67
C SER F 292 29.59 -6.50 36.24
N HIS F 293 29.49 -7.48 35.35
CA HIS F 293 29.62 -8.87 35.77
C HIS F 293 29.97 -9.73 34.55
N ILE F 294 30.74 -10.80 34.81
CA ILE F 294 31.11 -11.77 33.79
C ILE F 294 30.49 -13.13 34.07
N PHE F 295 29.80 -13.67 33.06
CA PHE F 295 29.14 -14.98 33.08
C PHE F 295 29.95 -15.96 32.24
N THR F 296 29.95 -17.23 32.64
CA THR F 296 30.70 -18.25 31.92
C THR F 296 29.80 -19.42 31.55
N PHE F 297 29.98 -19.93 30.33
CA PHE F 297 29.23 -21.09 29.86
C PHE F 297 30.18 -22.09 29.23
N LYS F 298 29.84 -23.38 29.33
CA LYS F 298 30.62 -24.45 28.73
C LYS F 298 29.81 -25.16 27.66
N ILE F 299 30.44 -25.44 26.53
CA ILE F 299 29.81 -26.08 25.39
C ILE F 299 30.46 -27.43 25.19
N ASN F 300 29.64 -28.44 24.89
CA ASN F 300 30.06 -29.78 24.50
C ASN F 300 29.55 -30.05 23.10
N TRP F 301 30.48 -30.12 22.16
CA TRP F 301 30.12 -30.32 20.76
C TRP F 301 29.68 -31.75 20.48
N LEU F 302 30.40 -32.72 21.04
CA LEU F 302 30.11 -34.12 20.73
C LEU F 302 28.76 -34.56 21.28
N THR F 303 28.43 -34.15 22.49
CA THR F 303 27.17 -34.53 23.10
C THR F 303 26.05 -33.52 22.86
N HIS F 304 26.32 -32.44 22.14
CA HIS F 304 25.32 -31.41 21.85
C HIS F 304 24.72 -30.85 23.13
N LYS F 305 25.58 -30.38 24.04
CA LYS F 305 25.10 -29.90 25.33
C LYS F 305 25.68 -28.53 25.66
N VAL F 306 24.89 -27.71 26.34
CA VAL F 306 25.32 -26.41 26.86
C VAL F 306 25.02 -26.40 28.35
N THR F 307 25.99 -25.99 29.16
CA THR F 307 25.73 -25.89 30.59
C THR F 307 26.35 -24.63 31.16
N ALA F 308 25.84 -24.25 32.33
CA ALA F 308 26.46 -23.19 33.11
C ALA F 308 27.75 -23.71 33.74
N ILE F 309 28.60 -22.78 34.15
CA ILE F 309 29.84 -23.16 34.79
C ILE F 309 30.25 -22.11 35.81
N THR G 8 9.69 -42.58 7.67
CA THR G 8 9.42 -42.44 9.09
C THR G 8 8.06 -43.04 9.41
N ILE G 9 7.74 -44.17 8.76
CA ILE G 9 6.47 -44.85 8.93
C ILE G 9 6.72 -46.26 9.43
N THR G 10 5.86 -46.74 10.32
CA THR G 10 5.90 -48.10 10.82
C THR G 10 4.61 -48.79 10.38
N ARG G 11 4.73 -49.91 9.68
CA ARG G 11 3.58 -50.60 9.13
C ARG G 11 3.53 -52.03 9.64
N ASN G 12 2.31 -52.57 9.70
CA ASN G 12 2.10 -53.94 10.15
C ASN G 12 0.92 -54.55 9.42
N LYS G 13 1.06 -55.82 9.06
CA LYS G 13 0.03 -56.60 8.41
C LYS G 13 -0.52 -57.63 9.40
N THR G 14 -1.72 -58.13 9.10
CA THR G 14 -2.37 -59.13 9.94
C THR G 14 -2.94 -60.24 9.07
N SER G 15 -3.10 -61.42 9.66
CA SER G 15 -3.64 -62.57 8.93
C SER G 15 -5.13 -62.43 8.68
N ASP G 16 -5.88 -61.92 9.65
CA ASP G 16 -7.34 -61.94 9.59
C ASP G 16 -7.82 -60.77 8.73
N GLY G 17 -8.22 -61.08 7.49
CA GLY G 17 -8.71 -60.05 6.60
C GLY G 17 -7.61 -59.21 5.98
N TYR G 18 -6.35 -59.58 6.19
CA TYR G 18 -5.21 -58.82 5.70
C TYR G 18 -5.26 -57.36 6.15
N THR G 19 -5.63 -57.15 7.41
CA THR G 19 -5.73 -55.82 7.97
C THR G 19 -4.35 -55.19 8.07
N ILE G 20 -4.22 -53.94 7.60
CA ILE G 20 -2.96 -53.20 7.62
C ILE G 20 -3.11 -51.98 8.51
N ILE G 21 -2.17 -51.79 9.43
CA ILE G 21 -2.22 -50.67 10.39
C ILE G 21 -0.91 -49.89 10.26
N THR G 22 -0.94 -48.76 9.57
CA THR G 22 0.22 -47.90 9.42
C THR G 22 0.19 -46.75 10.43
N GLN G 23 1.37 -46.42 10.97
CA GLN G 23 1.51 -45.30 11.89
C GLN G 23 2.67 -44.41 11.44
N ASN G 24 2.56 -43.11 11.73
CA ASN G 24 3.58 -42.13 11.36
C ASN G 24 4.38 -41.70 12.59
N ASP G 25 5.70 -41.67 12.44
CA ASP G 25 6.60 -41.22 13.50
C ASP G 25 6.96 -39.76 13.25
N LYS G 26 6.46 -38.87 14.12
CA LYS G 26 6.63 -37.43 13.99
C LYS G 26 7.70 -36.91 14.95
N GLN G 27 8.25 -35.74 14.63
CA GLN G 27 9.32 -35.17 15.44
C GLN G 27 8.82 -34.40 16.64
N ILE G 28 7.84 -33.53 16.46
CA ILE G 28 7.38 -32.61 17.51
C ILE G 28 5.97 -32.98 17.89
N ILE G 29 5.73 -33.25 19.16
CA ILE G 29 4.39 -33.54 19.66
C ILE G 29 4.05 -32.61 20.81
N SER G 30 2.91 -31.95 20.75
CA SER G 30 2.51 -31.04 21.81
C SER G 30 1.23 -31.53 22.49
N TYR G 31 1.10 -31.17 23.77
CA TYR G 31 -0.10 -31.47 24.56
C TYR G 31 -0.59 -30.17 25.19
N GLN G 32 -1.91 -30.02 25.31
CA GLN G 32 -2.46 -28.78 25.86
C GLN G 32 -3.49 -29.08 26.93
N SER G 33 -3.40 -28.32 28.04
CA SER G 33 -4.36 -28.40 29.13
C SER G 33 -4.61 -26.99 29.64
N VAL G 34 -5.84 -26.73 30.09
CA VAL G 34 -6.18 -25.41 30.62
C VAL G 34 -6.86 -25.50 31.97
N ASP G 35 -6.70 -24.45 32.77
CA ASP G 35 -7.28 -24.38 34.10
C ASP G 35 -7.64 -22.93 34.41
N SER G 36 -8.72 -22.74 35.17
CA SER G 36 -9.20 -21.41 35.51
C SER G 36 -9.59 -21.33 36.98
N SER G 37 -9.60 -20.10 37.50
CA SER G 37 -10.00 -19.87 38.88
C SER G 37 -10.41 -18.42 39.03
N SER G 38 -11.22 -18.14 40.05
CA SER G 38 -11.73 -16.80 40.24
C SER G 38 -11.98 -16.48 41.71
N LYS G 39 -12.00 -15.19 42.02
CA LYS G 39 -12.35 -14.62 43.32
C LYS G 39 -13.38 -13.53 43.06
N ASN G 40 -14.66 -13.92 43.14
CA ASN G 40 -15.77 -13.04 42.76
C ASN G 40 -15.86 -11.79 43.63
N GLU G 41 -15.45 -11.89 44.89
CA GLU G 41 -15.54 -10.73 45.78
C GLU G 41 -14.69 -9.56 45.29
N ASP G 42 -13.56 -9.85 44.66
CA ASP G 42 -12.66 -8.82 44.16
C ASP G 42 -12.76 -8.64 42.66
N GLY G 43 -13.60 -9.44 41.99
CA GLY G 43 -13.66 -9.39 40.55
C GLY G 43 -12.36 -9.79 39.88
N PHE G 44 -11.69 -10.82 40.41
CA PHE G 44 -10.42 -11.26 39.86
C PHE G 44 -10.59 -12.64 39.25
N THR G 45 -10.19 -12.80 37.99
CA THR G 45 -10.25 -14.11 37.38
C THR G 45 -8.95 -14.37 36.64
N ALA G 46 -8.47 -15.61 36.69
CA ALA G 46 -7.22 -15.96 36.05
C ALA G 46 -7.34 -17.33 35.40
N SER G 47 -6.69 -17.47 34.25
CA SER G 47 -6.66 -18.73 33.53
C SER G 47 -5.23 -18.98 33.08
N ILE G 48 -4.83 -20.25 33.15
CA ILE G 48 -3.53 -20.69 32.70
C ILE G 48 -3.71 -21.75 31.62
N ASP G 49 -3.07 -21.53 30.47
CA ASP G 49 -3.05 -22.50 29.39
C ASP G 49 -1.64 -23.05 29.32
N ALA G 50 -1.48 -24.35 29.45
CA ALA G 50 -0.17 -24.97 29.46
C ALA G 50 -0.02 -25.89 28.26
N ARG G 51 1.13 -25.79 27.60
CA ARG G 51 1.47 -26.64 26.48
C ARG G 51 2.78 -27.34 26.78
N PHE G 52 2.82 -28.65 26.59
CA PHE G 52 3.98 -29.49 26.85
C PHE G 52 4.55 -29.94 25.53
N ILE G 53 5.86 -29.75 25.31
CA ILE G 53 6.45 -30.08 24.02
C ILE G 53 7.44 -31.23 24.14
N ASP G 54 7.18 -32.30 23.37
CA ASP G 54 8.04 -33.47 23.25
C ASP G 54 8.80 -33.39 21.93
N ASP G 55 10.10 -33.11 21.99
CA ASP G 55 10.95 -33.00 20.82
C ASP G 55 12.08 -34.01 20.90
N LYS G 56 12.28 -34.77 19.83
CA LYS G 56 13.29 -35.82 19.82
C LYS G 56 14.71 -35.28 19.79
N TYR G 57 14.91 -34.04 19.38
CA TYR G 57 16.25 -33.48 19.26
C TYR G 57 16.59 -32.50 20.38
N SER G 58 15.71 -32.33 21.37
CA SER G 58 15.97 -31.39 22.46
C SER G 58 16.51 -32.13 23.68
N SER G 59 17.39 -31.46 24.43
CA SER G 59 18.03 -32.08 25.57
C SER G 59 17.19 -32.02 26.85
N GLU G 60 16.13 -31.22 26.90
CA GLU G 60 15.39 -31.05 28.14
C GLU G 60 13.93 -30.76 27.84
N MET G 61 13.09 -30.93 28.86
CA MET G 61 11.67 -30.73 28.66
C MET G 61 11.32 -29.25 28.67
N THR G 62 10.34 -28.88 27.84
CA THR G 62 9.85 -27.50 27.74
C THR G 62 8.34 -27.43 27.93
N THR G 63 7.91 -26.47 28.74
CA THR G 63 6.50 -26.16 28.96
C THR G 63 6.26 -24.68 28.72
N LEU G 64 5.23 -24.35 27.97
CA LEU G 64 4.83 -22.97 27.71
C LEU G 64 3.62 -22.66 28.57
N ILE G 65 3.68 -21.56 29.31
CA ILE G 65 2.63 -21.20 30.27
C ILE G 65 2.03 -19.87 29.85
N ASN G 66 0.97 -19.90 29.06
CA ASN G 66 0.26 -18.69 28.75
C ASN G 66 -0.65 -18.32 29.91
N LEU G 67 -0.90 -17.02 30.08
CA LEU G 67 -1.77 -16.50 31.12
C LEU G 67 -2.77 -15.53 30.52
N THR G 68 -4.01 -15.60 31.03
CA THR G 68 -5.10 -14.73 30.62
C THR G 68 -5.95 -14.50 31.86
N GLY G 69 -6.89 -13.57 31.77
CA GLY G 69 -7.79 -13.35 32.88
C GLY G 69 -8.52 -12.03 32.75
N PHE G 70 -9.32 -11.73 33.78
CA PHE G 70 -10.02 -10.47 33.86
C PHE G 70 -9.88 -9.78 35.21
N MET G 71 -9.47 -8.52 35.20
CA MET G 71 -9.40 -7.68 36.39
C MET G 71 -10.42 -6.56 36.24
N SER G 72 -11.54 -6.65 36.94
CA SER G 72 -12.57 -5.65 36.76
C SER G 72 -12.15 -4.34 37.40
N SER G 73 -12.65 -3.24 36.84
CA SER G 73 -12.36 -1.90 37.35
C SER G 73 -13.61 -1.35 38.01
N LYS G 74 -13.46 -0.88 39.24
CA LYS G 74 -14.58 -0.40 40.01
C LYS G 74 -14.86 1.07 39.73
N LYS G 75 -16.10 1.47 39.94
CA LYS G 75 -16.53 2.83 39.61
C LYS G 75 -17.64 3.32 40.54
N THR G 91 -19.17 16.07 44.20
CA THR G 91 -19.16 14.64 44.43
C THR G 91 -17.75 14.07 44.38
N ALA G 92 -17.64 12.75 44.46
CA ALA G 92 -16.36 12.09 44.31
C ALA G 92 -16.56 10.77 43.60
N ILE G 93 -15.66 10.44 42.67
CA ILE G 93 -15.73 9.20 41.91
C ILE G 93 -14.42 8.45 42.07
N ASN G 94 -14.51 7.17 42.43
CA ASN G 94 -13.34 6.30 42.48
C ASN G 94 -13.02 5.76 41.08
N PHE G 95 -11.75 5.80 40.71
CA PHE G 95 -11.33 5.41 39.39
C PHE G 95 -9.93 4.82 39.44
N PRO G 96 -9.71 3.63 38.86
CA PRO G 96 -8.40 2.99 38.97
C PRO G 96 -7.30 3.81 38.32
N VAL G 97 -6.06 3.49 38.69
CA VAL G 97 -4.91 4.24 38.22
C VAL G 97 -3.73 3.32 37.89
N ARG G 98 -3.71 2.12 38.47
CA ARG G 98 -2.63 1.22 38.14
C ARG G 98 -2.98 -0.25 38.32
N TYR G 99 -2.49 -1.09 37.41
CA TYR G 99 -2.64 -2.53 37.52
C TYR G 99 -1.26 -3.16 37.59
N SER G 100 -1.15 -4.33 38.22
CA SER G 100 0.13 -5.00 38.27
C SER G 100 -0.05 -6.52 38.33
N ILE G 101 0.75 -7.24 37.55
CA ILE G 101 0.71 -8.69 37.45
C ILE G 101 2.10 -9.28 37.67
N SER G 102 2.20 -10.33 38.46
CA SER G 102 3.50 -10.97 38.69
C SER G 102 3.37 -12.49 38.67
N ILE G 103 4.31 -13.15 38.00
CA ILE G 103 4.35 -14.61 37.92
C ILE G 103 5.57 -15.09 38.69
N LEU G 104 5.35 -16.00 39.64
CA LEU G 104 6.39 -16.53 40.51
C LEU G 104 6.58 -18.04 40.34
N ASN G 105 7.84 -18.43 40.12
CA ASN G 105 8.26 -19.83 40.03
C ASN G 105 8.71 -20.27 41.41
N GLU G 106 8.02 -21.24 41.99
CA GLU G 106 8.28 -21.64 43.38
C GLU G 106 9.01 -22.95 43.53
N SER G 107 9.56 -23.52 42.46
CA SER G 107 10.28 -24.79 42.55
C SER G 107 11.72 -24.62 42.10
N ILE G 108 12.37 -23.56 42.58
CA ILE G 108 13.72 -23.24 42.16
C ILE G 108 14.69 -24.33 42.58
N ASN G 109 14.49 -24.92 43.75
CA ASN G 109 15.42 -25.94 44.23
C ASN G 109 15.31 -27.25 43.47
N GLU G 110 14.38 -27.37 42.53
CA GLU G 110 14.23 -28.56 41.72
C GLU G 110 14.79 -28.35 40.31
N ASN G 111 15.46 -27.23 40.07
CA ASN G 111 16.04 -26.89 38.77
C ASN G 111 14.97 -26.66 37.70
N VAL G 112 13.86 -26.04 38.09
CA VAL G 112 12.87 -25.55 37.13
C VAL G 112 13.09 -24.04 36.95
N LYS G 113 13.26 -23.60 35.71
CA LYS G 113 13.78 -22.26 35.44
C LYS G 113 12.93 -21.52 34.42
N ILE G 114 12.89 -20.20 34.55
CA ILE G 114 12.17 -19.31 33.63
C ILE G 114 13.17 -18.80 32.61
N VAL G 115 13.12 -19.33 31.40
CA VAL G 115 14.08 -18.88 30.40
C VAL G 115 13.60 -17.69 29.57
N ASP G 116 12.29 -17.51 29.40
CA ASP G 116 11.83 -16.41 28.56
C ASP G 116 10.46 -15.89 28.95
N SER G 117 10.21 -14.62 28.62
CA SER G 117 8.96 -13.91 28.84
C SER G 117 8.63 -13.10 27.60
N ILE G 118 7.38 -13.16 27.13
CA ILE G 118 7.08 -12.65 25.79
C ILE G 118 7.02 -11.12 25.69
N PRO G 119 6.24 -10.39 26.49
CA PRO G 119 6.23 -8.93 26.32
C PRO G 119 7.57 -8.33 26.71
N LYS G 120 8.01 -7.34 25.93
CA LYS G 120 9.33 -6.78 26.10
C LYS G 120 9.30 -5.27 25.92
N ASN G 121 10.43 -4.63 26.21
CA ASN G 121 10.58 -3.19 26.07
C ASN G 121 11.04 -2.84 24.66
N THR G 122 10.50 -1.75 24.12
CA THR G 122 10.76 -1.35 22.75
C THR G 122 11.18 0.12 22.72
N ILE G 123 11.73 0.54 21.58
CA ILE G 123 12.26 1.89 21.40
C ILE G 123 11.36 2.63 20.42
N SER G 124 10.92 3.84 20.80
CA SER G 124 10.00 4.63 20.00
C SER G 124 10.73 5.38 18.88
N GLN G 125 9.95 5.99 17.99
CA GLN G 125 10.46 6.78 16.87
C GLN G 125 9.79 8.13 16.84
N LYS G 126 10.55 9.15 16.45
CA LYS G 126 10.10 10.52 16.33
C LYS G 126 10.34 11.01 14.90
N THR G 127 9.46 11.87 14.39
CA THR G 127 9.67 12.48 13.09
C THR G 127 10.03 13.96 13.25
N VAL G 128 11.13 14.38 12.63
CA VAL G 128 11.68 15.73 12.79
C VAL G 128 11.80 16.40 11.43
N SER G 129 11.36 17.65 11.34
CA SER G 129 11.55 18.44 10.13
C SER G 129 12.02 19.84 10.47
N ASN G 130 12.83 20.41 9.58
CA ASN G 130 13.35 21.77 9.72
C ASN G 130 13.26 22.47 8.38
N THR G 131 12.89 23.75 8.41
CA THR G 131 12.86 24.57 7.20
C THR G 131 13.39 25.96 7.48
N MET G 132 14.04 26.54 6.46
CA MET G 132 14.58 27.88 6.51
C MET G 132 14.27 28.57 5.19
N GLY G 133 13.84 29.83 5.25
CA GLY G 133 13.47 30.54 4.04
C GLY G 133 13.86 32.00 4.09
N TYR G 134 14.01 32.56 2.89
CA TYR G 134 14.37 33.96 2.65
C TYR G 134 13.41 34.62 1.68
N LYS G 135 13.01 35.85 1.97
CA LYS G 135 12.17 36.61 1.06
C LYS G 135 12.74 38.00 0.87
N ILE G 136 12.55 38.57 -0.32
CA ILE G 136 13.01 39.91 -0.63
C ILE G 136 11.99 40.59 -1.52
N GLY G 137 11.73 41.87 -1.28
CA GLY G 137 10.71 42.56 -2.05
C GLY G 137 11.03 44.00 -2.35
N GLY G 138 10.86 44.42 -3.61
CA GLY G 138 11.10 45.80 -3.98
C GLY G 138 9.85 46.46 -4.53
N SER G 139 9.48 47.62 -4.01
CA SER G 139 8.27 48.29 -4.47
C SER G 139 8.60 49.70 -4.95
N ILE G 140 8.10 50.03 -6.14
CA ILE G 140 8.22 51.36 -6.73
C ILE G 140 6.84 51.96 -6.80
N GLU G 141 6.67 53.17 -6.28
CA GLU G 141 5.36 53.82 -6.22
C GLU G 141 5.46 55.21 -6.83
N ILE G 142 4.97 55.36 -8.05
CA ILE G 142 4.97 56.64 -8.75
C ILE G 142 3.62 57.30 -8.52
N GLU G 143 3.61 58.36 -7.74
CA GLU G 143 2.42 59.16 -7.53
C GLU G 143 2.44 60.29 -8.56
N GLU G 144 1.63 61.33 -8.37
CA GLU G 144 1.68 62.47 -9.28
C GLU G 144 3.00 63.19 -9.02
N ASN G 145 4.01 62.88 -9.85
CA ASN G 145 5.34 63.50 -9.76
C ASN G 145 5.96 63.31 -8.38
N LYS G 146 5.71 62.15 -7.76
CA LYS G 146 6.26 61.87 -6.45
C LYS G 146 6.73 60.42 -6.36
N PRO G 147 8.01 60.18 -6.08
CA PRO G 147 8.49 58.80 -5.94
C PRO G 147 8.57 58.32 -4.51
N LYS G 148 8.22 57.05 -4.27
CA LYS G 148 8.30 56.45 -2.94
C LYS G 148 8.85 55.03 -3.10
N ALA G 149 10.18 54.92 -3.05
CA ALA G 149 10.84 53.62 -3.20
C ALA G 149 10.98 52.94 -1.85
N SER G 150 10.49 51.70 -1.75
CA SER G 150 10.55 50.92 -0.52
C SER G 150 11.12 49.54 -0.84
N ILE G 151 12.05 49.07 -0.01
CA ILE G 151 12.58 47.72 -0.11
C ILE G 151 12.44 47.00 1.23
N GLU G 152 11.97 45.76 1.18
CA GLU G 152 11.68 44.96 2.38
C GLU G 152 12.41 43.63 2.27
N SER G 153 12.72 43.04 3.42
CA SER G 153 13.48 41.80 3.49
C SER G 153 12.98 40.97 4.66
N GLU G 154 12.84 39.65 4.46
CA GLU G 154 12.37 38.77 5.51
C GLU G 154 13.21 37.50 5.56
N TYR G 155 13.27 36.90 6.74
CA TYR G 155 14.00 35.67 6.99
C TYR G 155 13.26 34.84 8.02
N ALA G 156 13.08 33.54 7.79
CA ALA G 156 12.32 32.76 8.75
C ALA G 156 12.88 31.35 8.85
N GLU G 157 12.65 30.73 10.02
CA GLU G 157 13.08 29.38 10.31
C GLU G 157 11.98 28.70 11.14
N SER G 158 11.78 27.41 10.95
CA SER G 158 10.82 26.68 11.79
C SER G 158 11.15 25.20 11.79
N SER G 159 10.53 24.46 12.72
CA SER G 159 10.69 23.01 12.81
C SER G 159 9.42 22.36 13.36
N THR G 160 9.25 21.07 13.02
CA THR G 160 8.09 20.28 13.44
C THR G 160 8.50 18.93 14.00
N ILE G 161 7.86 18.51 15.09
CA ILE G 161 8.07 17.22 15.73
C ILE G 161 6.76 16.43 15.75
N GLU G 162 6.80 15.16 15.34
CA GLU G 162 5.62 14.28 15.37
C GLU G 162 5.92 12.98 16.11
N TYR G 163 4.91 12.50 16.85
CA TYR G 163 4.98 11.20 17.52
C TYR G 163 3.57 10.73 17.85
N VAL G 164 3.46 9.50 18.34
CA VAL G 164 2.17 8.85 18.61
C VAL G 164 2.07 8.48 20.08
N GLN G 165 0.89 8.66 20.66
CA GLN G 165 0.67 8.51 22.11
C GLN G 165 -0.42 7.52 22.48
N PRO G 166 -0.10 6.39 23.10
CA PRO G 166 -1.15 5.49 23.62
C PRO G 166 -1.90 6.11 24.79
N ASP G 167 -3.02 5.48 25.14
CA ASP G 167 -3.80 5.88 26.32
C ASP G 167 -3.37 5.19 27.60
N PHE G 168 -2.76 4.01 27.49
CA PHE G 168 -2.20 3.28 28.62
C PHE G 168 -0.84 2.76 28.19
N SER G 169 0.02 2.52 29.17
CA SER G 169 1.39 2.11 28.89
C SER G 169 1.78 0.92 29.75
N THR G 170 2.39 -0.08 29.13
CA THR G 170 2.76 -1.32 29.80
C THR G 170 4.28 -1.45 29.76
N ILE G 171 4.89 -1.61 30.93
CA ILE G 171 6.34 -1.66 31.05
C ILE G 171 6.71 -2.94 31.77
N GLN G 172 7.65 -3.69 31.22
CA GLN G 172 8.13 -4.84 31.96
C GLN G 172 9.11 -4.33 33.00
N THR G 173 8.94 -4.76 34.25
CA THR G 173 9.77 -4.22 35.32
C THR G 173 10.71 -5.24 35.88
N ASP G 174 10.42 -6.53 35.78
CA ASP G 174 11.40 -7.46 36.31
C ASP G 174 11.32 -8.77 35.54
N HIS G 175 12.49 -9.41 35.44
CA HIS G 175 12.66 -10.71 34.82
C HIS G 175 13.87 -11.37 35.47
N SER G 176 13.66 -12.58 35.99
CA SER G 176 14.73 -13.31 36.64
C SER G 176 14.41 -14.79 36.56
N THR G 177 15.25 -15.59 37.21
CA THR G 177 15.06 -17.03 37.21
C THR G 177 13.75 -17.43 37.87
N SER G 178 13.24 -16.61 38.79
CA SER G 178 12.05 -16.97 39.54
C SER G 178 10.84 -16.07 39.32
N LYS G 179 11.05 -14.79 39.03
CA LYS G 179 9.95 -13.82 39.05
C LYS G 179 9.92 -12.96 37.79
N ALA G 180 8.74 -12.84 37.19
CA ALA G 180 8.56 -11.90 36.08
C ALA G 180 7.41 -11.00 36.46
N SER G 181 7.64 -9.68 36.43
CA SER G 181 6.64 -8.74 36.89
C SER G 181 6.42 -7.61 35.90
N TRP G 182 5.15 -7.37 35.58
CA TRP G 182 4.65 -6.38 34.62
C TRP G 182 3.66 -5.46 35.31
N ASP G 183 3.43 -4.29 34.74
CA ASP G 183 2.40 -3.40 35.27
C ASP G 183 2.01 -2.35 34.24
N THR G 184 0.88 -1.70 34.50
CA THR G 184 0.30 -0.72 33.60
C THR G 184 -0.19 0.47 34.43
N LYS G 185 -0.20 1.66 33.84
CA LYS G 185 -0.52 2.86 34.57
C LYS G 185 -1.31 3.83 33.71
N PHE G 186 -2.04 4.73 34.37
CA PHE G 186 -2.82 5.74 33.66
C PHE G 186 -1.89 6.77 33.01
N THR G 187 -2.27 7.24 31.81
CA THR G 187 -1.38 8.12 31.05
C THR G 187 -1.94 9.52 30.86
N GLU G 188 -3.05 9.69 30.15
CA GLU G 188 -3.56 11.02 29.82
C GLU G 188 -4.92 10.88 29.17
N THR G 189 -5.64 11.98 29.09
CA THR G 189 -6.95 12.00 28.43
C THR G 189 -6.79 12.30 26.95
N THR G 190 -7.71 11.73 26.17
CA THR G 190 -7.69 11.96 24.73
C THR G 190 -8.10 13.39 24.37
N ARG G 191 -9.03 13.95 25.12
CA ARG G 191 -9.47 15.32 24.91
C ARG G 191 -8.98 16.18 26.07
N GLY G 192 -8.21 17.21 25.77
CA GLY G 192 -7.69 18.12 26.77
C GLY G 192 -6.29 17.83 27.25
N ASN G 193 -5.77 16.62 27.05
CA ASN G 193 -4.40 16.27 27.39
C ASN G 193 -4.06 16.59 28.84
N TYR G 194 -4.98 16.28 29.75
CA TYR G 194 -4.69 16.43 31.16
C TYR G 194 -4.05 15.17 31.73
N ASN G 195 -3.44 15.31 32.90
CA ASN G 195 -2.79 14.19 33.58
C ASN G 195 -2.93 14.38 35.08
N LEU G 196 -2.36 13.46 35.84
CA LEU G 196 -2.57 13.45 37.28
C LEU G 196 -1.86 14.58 38.02
N LYS G 197 -0.95 15.30 37.37
CA LYS G 197 -0.18 16.34 38.04
C LYS G 197 -0.52 17.75 37.59
N SER G 198 -1.52 17.91 36.73
CA SER G 198 -1.84 19.24 36.24
C SER G 198 -2.46 20.08 37.36
N ASN G 199 -2.32 21.40 37.24
CA ASN G 199 -2.83 22.29 38.28
C ASN G 199 -3.05 23.68 37.68
N ASN G 200 -4.31 24.00 37.40
CA ASN G 200 -4.70 25.35 36.98
C ASN G 200 -4.95 26.21 38.21
N PRO G 201 -4.39 27.42 38.29
CA PRO G 201 -4.51 28.23 39.51
C PRO G 201 -5.91 28.43 40.05
N VAL G 202 -6.90 28.60 39.18
CA VAL G 202 -8.26 28.93 39.63
C VAL G 202 -9.26 27.81 39.38
N TYR G 203 -8.94 26.83 38.55
CA TYR G 203 -9.85 25.73 38.27
C TYR G 203 -9.34 24.41 38.80
N GLY G 204 -8.15 24.37 39.40
CA GLY G 204 -7.61 23.12 39.87
C GLY G 204 -7.41 22.14 38.73
N ASN G 205 -7.83 20.90 38.94
CA ASN G 205 -7.69 19.85 37.94
C ASN G 205 -8.99 19.73 37.15
N GLU G 206 -8.90 19.85 35.83
CA GLU G 206 -10.09 19.85 34.99
C GLU G 206 -10.33 18.51 34.34
N MET G 207 -9.69 17.46 34.82
CA MET G 207 -9.99 16.11 34.38
C MET G 207 -11.42 15.73 34.77
N PHE G 208 -12.12 15.05 33.86
CA PHE G 208 -13.50 14.61 34.10
C PHE G 208 -14.40 15.76 34.55
N MET G 209 -14.31 16.91 33.88
CA MET G 209 -15.21 18.02 34.16
C MET G 209 -15.85 18.49 32.86
N TYR G 210 -17.17 18.48 32.80
CA TYR G 210 -17.88 18.90 31.59
C TYR G 210 -17.86 20.40 31.39
N GLY G 211 -18.52 21.13 32.27
CA GLY G 211 -18.65 22.57 32.11
C GLY G 211 -18.31 23.34 33.37
N ARG G 212 -17.56 24.42 33.22
CA ARG G 212 -17.16 25.21 34.37
C ARG G 212 -18.35 25.92 35.02
N TYR G 213 -19.34 26.32 34.23
CA TYR G 213 -20.42 27.15 34.74
C TYR G 213 -21.81 26.57 34.48
N THR G 214 -21.92 25.25 34.26
CA THR G 214 -23.19 24.67 33.86
C THR G 214 -24.32 24.88 34.88
N ASN G 215 -23.99 25.09 36.15
CA ASN G 215 -24.98 25.34 37.20
C ASN G 215 -26.03 24.23 37.26
N VAL G 216 -25.56 23.00 37.37
CA VAL G 216 -26.43 21.84 37.56
C VAL G 216 -25.86 21.05 38.74
N PRO G 217 -26.63 20.12 39.30
CA PRO G 217 -26.12 19.34 40.44
C PRO G 217 -24.83 18.60 40.09
N ALA G 218 -23.95 18.51 41.10
CA ALA G 218 -22.62 17.90 40.95
C ALA G 218 -22.65 16.61 40.12
N THR G 219 -23.59 15.72 40.44
CA THR G 219 -23.68 14.45 39.72
C THR G 219 -23.82 14.66 38.22
N GLU G 220 -24.59 15.68 37.84
CA GLU G 220 -24.84 15.98 36.44
C GLU G 220 -23.65 16.63 35.73
N ASN G 221 -22.72 17.25 36.45
CA ASN G 221 -21.57 17.89 35.80
C ASN G 221 -20.47 16.93 35.39
N ILE G 222 -20.55 15.64 35.73
CA ILE G 222 -19.48 14.74 35.32
C ILE G 222 -19.47 14.59 33.80
N ILE G 223 -18.36 14.06 33.29
CA ILE G 223 -18.11 13.96 31.85
C ILE G 223 -18.79 12.72 31.30
N PRO G 224 -19.28 12.73 30.05
CA PRO G 224 -19.90 11.53 29.49
C PRO G 224 -18.93 10.37 29.48
N ASP G 225 -19.47 9.17 29.72
CA ASP G 225 -18.62 8.01 29.93
C ASP G 225 -17.80 7.65 28.69
N TYR G 226 -18.33 7.85 27.49
CA TYR G 226 -17.65 7.33 26.30
C TYR G 226 -16.28 7.97 26.12
N GLN G 227 -16.12 9.22 26.53
CA GLN G 227 -14.82 9.87 26.39
C GLN G 227 -13.77 9.22 27.27
N MET G 228 -14.17 8.60 28.38
CA MET G 228 -13.21 7.89 29.20
C MET G 228 -12.70 6.64 28.49
N SER G 229 -11.48 6.24 28.85
CA SER G 229 -10.89 5.06 28.24
C SER G 229 -11.67 3.80 28.61
N LYS G 230 -11.64 2.82 27.71
CA LYS G 230 -12.30 1.55 27.97
C LYS G 230 -11.73 0.86 29.20
N LEU G 231 -10.42 0.99 29.42
CA LEU G 231 -9.81 0.32 30.56
C LEU G 231 -10.20 0.93 31.90
N ILE G 232 -10.80 2.12 31.93
CA ILE G 232 -11.25 2.64 33.22
C ILE G 232 -12.68 2.22 33.48
N THR G 233 -13.52 2.28 32.45
CA THR G 233 -14.90 1.83 32.58
C THR G 233 -14.96 0.31 32.77
N GLY G 234 -14.17 -0.42 31.98
CA GLY G 234 -14.15 -1.86 32.03
C GLY G 234 -12.75 -2.38 32.30
N GLY G 235 -12.70 -3.64 32.70
CA GLY G 235 -11.46 -4.19 33.21
C GLY G 235 -10.42 -4.44 32.14
N LEU G 236 -9.17 -4.58 32.59
CA LEU G 236 -8.06 -4.96 31.72
C LEU G 236 -8.12 -6.45 31.43
N ASN G 237 -7.66 -6.84 30.23
CA ASN G 237 -7.58 -8.23 29.81
C ASN G 237 -6.14 -8.64 29.57
N PRO G 238 -5.47 -9.24 30.57
CA PRO G 238 -4.04 -9.52 30.42
C PRO G 238 -3.75 -10.60 29.40
N ASN G 239 -2.57 -10.51 28.79
CA ASN G 239 -2.02 -11.60 27.99
C ASN G 239 -0.53 -11.66 28.30
N MET G 240 -0.09 -12.75 28.96
CA MET G 240 1.33 -12.86 29.32
C MET G 240 1.79 -14.29 29.06
N SER G 241 3.03 -14.48 28.62
CA SER G 241 3.51 -15.84 28.41
C SER G 241 4.89 -16.04 29.03
N VAL G 242 5.11 -17.22 29.61
CA VAL G 242 6.39 -17.56 30.23
C VAL G 242 6.82 -18.97 29.81
N VAL G 243 8.10 -19.14 29.49
CA VAL G 243 8.65 -20.42 29.07
C VAL G 243 9.43 -21.06 30.22
N LEU G 244 9.13 -22.31 30.53
CA LEU G 244 9.81 -23.06 31.58
C LEU G 244 10.51 -24.26 30.97
N THR G 245 11.67 -24.62 31.50
CA THR G 245 12.36 -25.84 31.10
C THR G 245 12.77 -26.63 32.33
N ALA G 246 13.03 -27.93 32.12
CA ALA G 246 13.41 -28.78 33.23
C ALA G 246 14.20 -29.97 32.72
N PRO G 247 15.07 -30.56 33.55
CA PRO G 247 15.78 -31.77 33.14
C PRO G 247 14.84 -32.98 33.13
N ASN G 248 15.33 -34.05 32.51
CA ASN G 248 14.54 -35.25 32.31
C ASN G 248 14.07 -35.83 33.65
N GLY G 249 12.81 -36.26 33.70
CA GLY G 249 12.26 -36.94 34.86
C GLY G 249 11.43 -36.08 35.79
N THR G 250 11.44 -34.77 35.63
CA THR G 250 10.69 -33.89 36.53
C THR G 250 9.20 -34.19 36.49
N GLU G 251 8.56 -34.21 37.67
CA GLU G 251 7.16 -34.62 37.74
C GLU G 251 6.19 -33.56 38.26
N GLU G 252 6.63 -32.54 38.99
CA GLU G 252 5.70 -31.62 39.63
C GLU G 252 6.26 -30.21 39.66
N SER G 253 5.36 -29.21 39.71
CA SER G 253 5.79 -27.82 39.78
C SER G 253 4.66 -26.95 40.31
N ILE G 254 4.99 -25.94 41.13
CA ILE G 254 4.00 -24.99 41.66
C ILE G 254 4.20 -23.63 41.01
N ILE G 255 3.10 -23.04 40.52
CA ILE G 255 3.12 -21.70 39.92
C ILE G 255 2.24 -20.75 40.74
N LYS G 256 2.80 -19.62 41.17
CA LYS G 256 2.03 -18.60 41.89
C LYS G 256 1.81 -17.36 41.04
N VAL G 257 0.58 -16.87 40.98
CA VAL G 257 0.24 -15.67 40.22
C VAL G 257 -0.31 -14.61 41.17
N LYS G 258 0.34 -13.45 41.21
CA LYS G 258 -0.05 -12.34 42.09
C LYS G 258 -0.65 -11.21 41.28
N MET G 259 -1.80 -10.69 41.74
CA MET G 259 -2.49 -9.61 41.04
C MET G 259 -2.80 -8.47 41.99
N GLU G 260 -2.42 -7.24 41.61
CA GLU G 260 -2.68 -6.05 42.42
C GLU G 260 -3.36 -4.97 41.58
N ARG G 261 -4.22 -4.19 42.22
CA ARG G 261 -4.91 -3.04 41.61
C ARG G 261 -4.90 -1.83 42.53
N GLU G 262 -4.52 -0.66 42.01
CA GLU G 262 -4.53 0.60 42.74
C GLU G 262 -5.51 1.58 42.11
N ARG G 263 -6.26 2.31 42.97
CA ARG G 263 -7.28 3.28 42.60
C ARG G 263 -7.17 4.57 43.43
N ASN G 264 -7.74 5.66 42.89
CA ASN G 264 -7.77 6.96 43.57
C ASN G 264 -9.13 7.62 43.34
N CYS G 265 -9.31 8.83 43.91
CA CYS G 265 -10.58 9.55 43.83
C CYS G 265 -10.43 10.99 43.33
N TYR G 266 -11.41 11.43 42.54
CA TYR G 266 -11.54 12.78 42.02
C TYR G 266 -12.66 13.53 42.75
N TYR G 267 -12.42 14.79 43.12
CA TYR G 267 -13.41 15.56 43.89
C TYR G 267 -13.68 16.93 43.28
N LEU G 268 -14.96 17.32 43.24
CA LEU G 268 -15.41 18.57 42.62
C LEU G 268 -16.35 19.35 43.52
N ASN G 269 -16.17 20.67 43.60
CA ASN G 269 -16.99 21.50 44.48
C ASN G 269 -17.04 22.95 43.97
N TRP G 270 -17.90 23.76 44.60
CA TRP G 270 -17.97 25.19 44.31
C TRP G 270 -16.94 26.01 45.07
N ASN G 271 -16.44 27.03 44.40
CA ASN G 271 -15.57 28.06 44.97
C ASN G 271 -16.21 29.34 44.46
N GLY G 272 -17.16 29.89 45.22
CA GLY G 272 -17.92 31.01 44.71
C GLY G 272 -18.71 30.58 43.48
N ALA G 273 -18.48 31.26 42.36
CA ALA G 273 -19.12 30.91 41.11
C ALA G 273 -18.33 29.90 40.29
N ASN G 274 -17.13 29.51 40.72
CA ASN G 274 -16.28 28.63 39.94
C ASN G 274 -16.47 27.18 40.36
N TRP G 275 -16.39 26.29 39.38
CA TRP G 275 -16.45 24.85 39.59
C TRP G 275 -15.01 24.34 39.64
N VAL G 276 -14.56 23.85 40.79
CA VAL G 276 -13.15 23.49 40.90
C VAL G 276 -13.06 22.02 41.32
N GLY G 277 -11.89 21.42 41.05
CA GLY G 277 -11.67 20.04 41.44
C GLY G 277 -10.26 19.78 41.92
N GLN G 278 -10.07 18.56 42.41
CA GLN G 278 -8.80 18.13 42.98
C GLN G 278 -8.71 16.62 42.88
N VAL G 279 -7.49 16.11 42.87
CA VAL G 279 -7.22 14.68 42.90
C VAL G 279 -6.35 14.37 44.11
N TYR G 280 -6.76 13.38 44.90
CA TYR G 280 -5.97 12.97 46.06
C TYR G 280 -5.31 11.61 45.82
N ASN G 289 -7.24 2.66 48.40
CA ASN G 289 -6.65 1.43 48.90
C ASN G 289 -6.00 0.64 47.78
N VAL G 290 -5.52 -0.55 48.10
CA VAL G 290 -4.88 -1.44 47.12
C VAL G 290 -5.45 -2.84 47.31
N ASP G 291 -5.98 -3.42 46.24
CA ASP G 291 -6.51 -4.77 46.29
C ASP G 291 -5.48 -5.74 45.71
N SER G 292 -5.40 -6.94 46.28
CA SER G 292 -4.47 -7.93 45.77
C SER G 292 -4.93 -9.33 46.11
N HIS G 293 -4.44 -10.30 45.33
CA HIS G 293 -4.72 -11.69 45.62
C HIS G 293 -3.68 -12.57 44.95
N ILE G 294 -3.37 -13.71 45.58
CA ILE G 294 -2.45 -14.72 45.06
C ILE G 294 -3.18 -16.01 44.72
N PHE G 295 -2.99 -16.48 43.49
CA PHE G 295 -3.54 -17.72 42.95
C PHE G 295 -2.45 -18.77 42.85
N THR G 296 -2.81 -20.03 43.04
CA THR G 296 -1.84 -21.12 42.98
C THR G 296 -2.29 -22.19 42.00
N PHE G 297 -1.34 -22.70 41.22
CA PHE G 297 -1.60 -23.79 40.30
C PHE G 297 -0.55 -24.87 40.44
N LYS G 298 -0.95 -26.12 40.18
CA LYS G 298 -0.03 -27.26 40.22
C LYS G 298 0.10 -27.89 38.85
N ILE G 299 1.33 -28.22 38.47
CA ILE G 299 1.64 -28.78 37.17
C ILE G 299 2.15 -30.19 37.38
N ASN G 300 1.72 -31.11 36.52
CA ASN G 300 2.20 -32.49 36.46
C ASN G 300 2.81 -32.71 35.08
N TRP G 301 4.14 -32.86 35.06
CA TRP G 301 4.85 -33.00 33.80
C TRP G 301 4.65 -34.38 33.19
N LEU G 302 4.70 -35.43 34.02
CA LEU G 302 4.64 -36.78 33.50
C LEU G 302 3.27 -37.11 32.92
N THR G 303 2.20 -36.67 33.58
CA THR G 303 0.85 -36.94 33.10
C THR G 303 0.30 -35.83 32.23
N HIS G 304 1.06 -34.76 31.97
CA HIS G 304 0.62 -33.65 31.14
C HIS G 304 -0.67 -33.04 31.67
N LYS G 305 -0.67 -32.65 32.95
CA LYS G 305 -1.89 -32.14 33.56
C LYS G 305 -1.63 -30.84 34.30
N VAL G 306 -2.63 -29.95 34.29
CA VAL G 306 -2.59 -28.71 35.05
C VAL G 306 -3.85 -28.67 35.90
N THR G 307 -3.71 -28.36 37.18
CA THR G 307 -4.89 -28.24 38.02
C THR G 307 -4.79 -27.06 38.95
N ALA G 308 -5.93 -26.63 39.45
CA ALA G 308 -5.98 -25.64 40.51
C ALA G 308 -5.55 -26.29 41.82
N ILE G 309 -5.17 -25.44 42.78
CA ILE G 309 -4.77 -25.94 44.07
C ILE G 309 -5.13 -24.94 45.16
N THR H 8 -1.33 -43.31 9.18
CA THR H 8 -2.51 -43.15 10.01
C THR H 8 -3.74 -43.62 9.25
N ILE H 9 -3.58 -44.71 8.49
CA ILE H 9 -4.65 -45.27 7.68
C ILE H 9 -4.91 -46.70 8.11
N THR H 10 -6.18 -47.10 8.11
CA THR H 10 -6.58 -48.47 8.41
C THR H 10 -7.22 -49.03 7.15
N ARG H 11 -6.72 -50.16 6.66
CA ARG H 11 -7.21 -50.72 5.41
C ARG H 11 -7.70 -52.16 5.64
N ASN H 12 -8.63 -52.58 4.80
CA ASN H 12 -9.19 -53.92 4.88
C ASN H 12 -9.56 -54.42 3.50
N LYS H 13 -9.28 -55.69 3.26
CA LYS H 13 -9.61 -56.37 2.02
C LYS H 13 -10.76 -57.34 2.26
N THR H 14 -11.44 -57.73 1.18
CA THR H 14 -12.55 -58.67 1.26
C THR H 14 -12.41 -59.72 0.17
N SER H 15 -13.03 -60.88 0.41
CA SER H 15 -12.97 -61.97 -0.57
C SER H 15 -13.83 -61.69 -1.78
N ASP H 16 -15.02 -61.11 -1.59
CA ASP H 16 -16.02 -60.99 -2.64
C ASP H 16 -15.69 -59.79 -3.51
N GLY H 17 -15.13 -60.05 -4.69
CA GLY H 17 -14.77 -58.98 -5.60
C GLY H 17 -13.52 -58.23 -5.22
N TYR H 18 -12.79 -58.73 -4.22
CA TYR H 18 -11.58 -58.08 -3.72
C TYR H 18 -11.84 -56.63 -3.34
N THR H 19 -12.97 -56.39 -2.67
CA THR H 19 -13.35 -55.05 -2.26
C THR H 19 -12.39 -54.55 -1.18
N ILE H 20 -11.91 -53.32 -1.34
CA ILE H 20 -10.97 -52.71 -0.40
C ILE H 20 -11.62 -51.48 0.21
N ILE H 21 -11.58 -51.38 1.55
CA ILE H 21 -12.21 -50.27 2.27
C ILE H 21 -11.15 -49.61 3.15
N THR H 22 -10.62 -48.48 2.70
CA THR H 22 -9.62 -47.72 3.47
C THR H 22 -10.28 -46.59 4.25
N GLN H 23 -9.81 -46.37 5.47
CA GLN H 23 -10.27 -45.26 6.31
C GLN H 23 -9.08 -44.49 6.86
N ASN H 24 -9.27 -43.19 7.07
CA ASN H 24 -8.24 -42.30 7.58
C ASN H 24 -8.49 -41.96 9.05
N ASP H 25 -7.44 -42.05 9.87
CA ASP H 25 -7.51 -41.68 11.28
C ASP H 25 -7.01 -40.27 11.45
N LYS H 26 -7.90 -39.34 11.78
CA LYS H 26 -7.60 -37.92 11.90
C LYS H 26 -7.49 -37.51 13.37
N GLN H 27 -6.79 -36.40 13.61
CA GLN H 27 -6.55 -35.94 14.97
C GLN H 27 -7.70 -35.12 15.54
N ILE H 28 -8.23 -34.16 14.78
CA ILE H 28 -9.21 -33.21 15.28
C ILE H 28 -10.51 -33.44 14.52
N ILE H 29 -11.60 -33.70 15.26
CA ILE H 29 -12.91 -33.86 14.65
C ILE H 29 -13.89 -32.90 15.32
N SER H 30 -14.63 -32.14 14.51
CA SER H 30 -15.60 -31.21 15.07
C SER H 30 -17.01 -31.57 14.62
N TYR H 31 -17.98 -31.21 15.46
CA TYR H 31 -19.40 -31.40 15.17
C TYR H 31 -20.11 -30.07 15.37
N GLN H 32 -21.13 -29.80 14.56
CA GLN H 32 -21.82 -28.52 14.63
C GLN H 32 -23.33 -28.71 14.67
N SER H 33 -23.98 -27.98 15.57
CA SER H 33 -25.44 -27.98 15.69
C SER H 33 -25.89 -26.55 15.96
N VAL H 34 -27.05 -26.16 15.45
CA VAL H 34 -27.58 -24.83 15.68
C VAL H 34 -29.02 -24.86 16.15
N ASP H 35 -29.40 -23.83 16.92
CA ASP H 35 -30.74 -23.71 17.47
C ASP H 35 -31.12 -22.24 17.55
N SER H 36 -32.40 -21.95 17.34
CA SER H 36 -32.90 -20.59 17.34
C SER H 36 -34.21 -20.48 18.13
N SER H 37 -34.50 -19.26 18.58
CA SER H 37 -35.73 -18.99 19.30
C SER H 37 -36.04 -17.50 19.22
N SER H 38 -37.31 -17.16 19.40
CA SER H 38 -37.72 -15.77 19.27
C SER H 38 -38.91 -15.45 20.18
N LYS H 39 -39.05 -14.16 20.46
CA LYS H 39 -40.18 -13.56 21.19
C LYS H 39 -40.66 -12.38 20.35
N ASN H 40 -41.65 -12.65 19.49
CA ASN H 40 -42.12 -11.67 18.51
C ASN H 40 -42.70 -10.42 19.16
N GLU H 41 -43.31 -10.55 20.34
CA GLU H 41 -43.92 -9.40 20.99
C GLU H 41 -42.90 -8.31 21.31
N ASP H 42 -41.67 -8.70 21.63
CA ASP H 42 -40.62 -7.76 21.97
C ASP H 42 -39.63 -7.56 20.83
N GLY H 43 -39.81 -8.28 19.73
CA GLY H 43 -38.83 -8.22 18.65
C GLY H 43 -37.47 -8.75 19.06
N PHE H 44 -37.43 -9.82 19.83
CA PHE H 44 -36.17 -10.38 20.29
C PHE H 44 -35.94 -11.73 19.65
N THR H 45 -34.79 -11.92 19.02
CA THR H 45 -34.49 -13.23 18.44
C THR H 45 -33.06 -13.60 18.80
N ALA H 46 -32.84 -14.88 19.08
CA ALA H 46 -31.52 -15.35 19.48
C ALA H 46 -31.24 -16.70 18.85
N SER H 47 -29.99 -16.89 18.46
CA SER H 47 -29.54 -18.15 17.88
C SER H 47 -28.23 -18.53 18.53
N ILE H 48 -28.06 -19.82 18.78
CA ILE H 48 -26.84 -20.39 19.33
C ILE H 48 -26.29 -21.41 18.36
N ASP H 49 -25.02 -21.25 18.01
CA ASP H 49 -24.31 -22.21 17.18
C ASP H 49 -23.29 -22.89 18.07
N ALA H 50 -23.36 -24.21 18.19
CA ALA H 50 -22.47 -24.95 19.07
C ALA H 50 -21.58 -25.87 18.25
N ARG H 51 -20.29 -25.87 18.59
CA ARG H 51 -19.33 -26.75 17.97
C ARG H 51 -18.64 -27.57 19.05
N PHE H 52 -18.57 -28.88 18.84
CA PHE H 52 -17.99 -29.82 19.79
C PHE H 52 -16.67 -30.32 19.21
N ILE H 53 -15.58 -30.25 19.99
CA ILE H 53 -14.28 -30.63 19.44
C ILE H 53 -13.73 -31.87 20.14
N ASP H 54 -13.45 -32.90 19.35
CA ASP H 54 -12.82 -34.15 19.77
C ASP H 54 -11.35 -34.13 19.36
N ASP H 55 -10.46 -33.98 20.33
CA ASP H 55 -9.02 -33.94 20.10
C ASP H 55 -8.36 -35.06 20.87
N LYS H 56 -7.50 -35.82 20.19
CA LYS H 56 -6.84 -36.96 20.81
C LYS H 56 -5.78 -36.56 21.83
N TYR H 57 -5.27 -35.34 21.76
CA TYR H 57 -4.20 -34.91 22.65
C TYR H 57 -4.67 -33.97 23.75
N SER H 58 -5.98 -33.72 23.85
CA SER H 58 -6.50 -32.82 24.88
C SER H 58 -7.02 -33.61 26.07
N SER H 59 -6.87 -33.03 27.25
CA SER H 59 -7.26 -33.70 28.48
C SER H 59 -8.74 -33.58 28.82
N GLU H 60 -9.48 -32.68 28.17
CA GLU H 60 -10.87 -32.44 28.56
C GLU H 60 -11.68 -32.02 27.34
N MET H 61 -13.00 -32.12 27.47
CA MET H 61 -13.86 -31.78 26.34
C MET H 61 -14.01 -30.27 26.21
N THR H 62 -14.11 -29.81 24.97
CA THR H 62 -14.30 -28.40 24.65
C THR H 62 -15.50 -28.18 23.73
N THR H 63 -16.31 -27.18 24.07
CA THR H 63 -17.45 -26.76 23.27
C THR H 63 -17.36 -25.25 23.04
N LEU H 64 -17.55 -24.82 21.80
CA LEU H 64 -17.55 -23.42 21.44
C LEU H 64 -19.00 -23.00 21.23
N ILE H 65 -19.41 -21.91 21.88
CA ILE H 65 -20.80 -21.46 21.86
C ILE H 65 -20.85 -20.07 21.24
N ASN H 66 -21.06 -20.01 19.93
CA ASN H 66 -21.27 -18.72 19.29
C ASN H 66 -22.70 -18.28 19.51
N LEU H 67 -22.92 -16.97 19.54
CA LEU H 67 -24.23 -16.37 19.71
C LEU H 67 -24.46 -15.31 18.66
N THR H 68 -25.69 -15.27 18.16
CA THR H 68 -26.13 -14.30 17.17
C THR H 68 -27.60 -13.99 17.46
N GLY H 69 -28.14 -12.98 16.81
CA GLY H 69 -29.55 -12.68 16.99
C GLY H 69 -29.89 -11.30 16.49
N PHE H 70 -31.16 -10.93 16.68
CA PHE H 70 -31.64 -9.60 16.34
C PHE H 70 -32.43 -8.94 17.45
N MET H 71 -32.05 -7.72 17.82
CA MET H 71 -32.79 -6.89 18.77
C MET H 71 -33.33 -5.68 18.03
N SER H 72 -34.62 -5.67 17.74
CA SER H 72 -35.17 -4.58 16.95
C SER H 72 -35.23 -3.31 17.79
N SER H 73 -35.12 -2.18 17.13
CA SER H 73 -35.19 -0.87 17.78
C SER H 73 -36.51 -0.21 17.43
N LYS H 74 -37.23 0.24 18.44
CA LYS H 74 -38.55 0.82 18.24
C LYS H 74 -38.45 2.31 17.94
N LYS H 75 -39.45 2.83 17.25
CA LYS H 75 -39.44 4.21 16.82
C LYS H 75 -40.85 4.80 16.74
N THR H 91 -43.69 17.63 19.16
CA THR H 91 -43.93 16.19 19.23
C THR H 91 -42.93 15.51 20.15
N ALA H 92 -42.99 14.18 20.18
CA ALA H 92 -42.01 13.40 20.92
C ALA H 92 -41.75 12.11 20.18
N ILE H 93 -40.48 11.70 20.13
CA ILE H 93 -40.08 10.47 19.45
C ILE H 93 -39.30 9.60 20.43
N ASN H 94 -39.70 8.34 20.54
CA ASN H 94 -38.95 7.37 21.32
C ASN H 94 -37.79 6.80 20.52
N PHE H 95 -36.62 6.73 21.13
CA PHE H 95 -35.41 6.30 20.46
C PHE H 95 -34.48 5.58 21.43
N PRO H 96 -34.01 4.38 21.09
CA PRO H 96 -33.18 3.61 22.02
C PRO H 96 -31.91 4.34 22.39
N VAL H 97 -31.31 3.91 23.50
CA VAL H 97 -30.11 4.54 24.02
C VAL H 97 -29.10 3.52 24.54
N ARG H 98 -29.57 2.32 24.88
CA ARG H 98 -28.62 1.32 25.34
C ARG H 98 -29.10 -0.11 25.12
N TYR H 99 -28.16 -0.99 24.76
CA TYR H 99 -28.44 -2.41 24.63
C TYR H 99 -27.55 -3.16 25.60
N SER H 100 -27.99 -4.34 26.04
CA SER H 100 -27.15 -5.14 26.93
C SER H 100 -27.42 -6.62 26.75
N ILE H 101 -26.34 -7.41 26.69
CA ILE H 101 -26.40 -8.86 26.50
C ILE H 101 -25.59 -9.56 27.58
N SER H 102 -26.15 -10.63 28.15
CA SER H 102 -25.42 -11.39 29.16
C SER H 102 -25.60 -12.89 28.96
N ILE H 103 -24.51 -13.63 29.09
CA ILE H 103 -24.52 -15.09 28.96
C ILE H 103 -24.21 -15.68 30.34
N LEU H 104 -25.10 -16.57 30.80
CA LEU H 104 -24.99 -17.20 32.11
C LEU H 104 -24.84 -18.71 32.01
N ASN H 105 -23.83 -19.23 32.71
CA ASN H 105 -23.54 -20.66 32.84
C ASN H 105 -24.21 -21.14 34.12
N GLU H 106 -25.18 -22.05 33.98
CA GLU H 106 -25.98 -22.46 35.12
C GLU H 106 -25.66 -23.85 35.65
N SER H 107 -24.56 -24.46 35.23
CA SER H 107 -24.19 -25.80 35.71
C SER H 107 -22.84 -25.76 36.41
N ILE H 108 -22.65 -24.76 37.27
CA ILE H 108 -21.37 -24.58 37.94
C ILE H 108 -21.04 -25.75 38.84
N ASN H 109 -22.04 -26.33 39.49
CA ASN H 109 -21.78 -27.42 40.41
C ASN H 109 -21.40 -28.72 39.70
N GLU H 110 -21.42 -28.75 38.38
CA GLU H 110 -21.03 -29.91 37.60
C GLU H 110 -19.64 -29.76 37.00
N ASN H 111 -18.93 -28.70 37.38
CA ASN H 111 -17.58 -28.41 36.88
C ASN H 111 -17.57 -28.07 35.39
N VAL H 112 -18.59 -27.35 34.93
CA VAL H 112 -18.60 -26.76 33.59
C VAL H 112 -18.22 -25.29 33.72
N LYS H 113 -17.21 -24.86 32.98
CA LYS H 113 -16.57 -23.58 33.25
C LYS H 113 -16.40 -22.75 31.97
N ILE H 114 -16.44 -21.43 32.13
CA ILE H 114 -16.26 -20.49 31.03
C ILE H 114 -14.80 -20.06 31.03
N VAL H 115 -14.00 -20.58 30.10
CA VAL H 115 -12.60 -20.22 30.08
C VAL H 115 -12.29 -18.98 29.23
N ASP H 116 -13.09 -18.68 28.21
CA ASP H 116 -12.75 -17.54 27.38
C ASP H 116 -13.97 -16.90 26.72
N SER H 117 -13.83 -15.61 26.40
CA SER H 117 -14.84 -14.79 25.74
C SER H 117 -14.15 -13.94 24.69
N ILE H 118 -14.71 -13.88 23.48
CA ILE H 118 -13.96 -13.33 22.34
C ILE H 118 -13.84 -11.81 22.33
N PRO H 119 -14.90 -11.02 22.40
CA PRO H 119 -14.70 -9.56 22.38
C PRO H 119 -13.98 -9.08 23.63
N LYS H 120 -13.05 -8.15 23.45
CA LYS H 120 -12.19 -7.71 24.53
C LYS H 120 -12.01 -6.20 24.48
N ASN H 121 -11.37 -5.67 25.51
CA ASN H 121 -11.06 -4.25 25.62
C ASN H 121 -9.72 -3.93 24.96
N THR H 122 -9.66 -2.80 24.27
CA THR H 122 -8.49 -2.41 23.49
C THR H 122 -8.08 -1.00 23.88
N ILE H 123 -6.87 -0.62 23.47
CA ILE H 123 -6.27 0.66 23.81
C ILE H 123 -6.18 1.50 22.53
N SER H 124 -6.68 2.74 22.58
CA SER H 124 -6.73 3.62 21.42
C SER H 124 -5.37 4.31 21.19
N GLN H 125 -5.27 4.98 20.04
CA GLN H 125 -4.07 5.71 19.65
C GLN H 125 -4.43 7.14 19.25
N LYS H 126 -3.55 8.07 19.57
CA LYS H 126 -3.70 9.49 19.27
C LYS H 126 -2.51 9.96 18.45
N THR H 127 -2.73 10.90 17.53
CA THR H 127 -1.62 11.49 16.79
C THR H 127 -1.38 12.92 17.24
N VAL H 128 -0.14 13.25 17.61
CA VAL H 128 0.22 14.54 18.19
C VAL H 128 1.30 15.20 17.36
N SER H 129 1.13 16.49 17.07
CA SER H 129 2.16 17.25 16.39
C SER H 129 2.35 18.61 17.06
N ASN H 130 3.60 19.11 17.01
CA ASN H 130 3.94 20.40 17.57
C ASN H 130 4.86 21.12 16.60
N THR H 131 4.67 22.43 16.45
CA THR H 131 5.53 23.26 15.62
C THR H 131 5.81 24.59 16.29
N MET H 132 7.02 25.10 16.05
CA MET H 132 7.46 26.40 16.56
C MET H 132 8.21 27.11 15.45
N GLY H 133 7.94 28.41 15.28
CA GLY H 133 8.56 29.15 14.21
C GLY H 133 8.90 30.58 14.61
N TYR H 134 9.89 31.12 13.90
CA TYR H 134 10.40 32.47 14.07
C TYR H 134 10.44 33.23 12.76
N LYS H 135 10.03 34.50 12.77
CA LYS H 135 10.12 35.33 11.58
C LYS H 135 10.74 36.67 11.94
N ILE H 136 11.47 37.25 11.00
CA ILE H 136 12.11 38.55 11.19
C ILE H 136 12.05 39.32 9.88
N GLY H 137 11.78 40.62 9.97
CA GLY H 137 11.63 41.39 8.75
C GLY H 137 12.17 42.81 8.87
N GLY H 138 12.95 43.24 7.87
CA GLY H 138 13.46 44.60 7.87
C GLY H 138 13.01 45.37 6.65
N SER H 139 12.45 46.56 6.83
CA SER H 139 11.96 47.35 5.71
C SER H 139 12.62 48.71 5.69
N ILE H 140 13.12 49.10 4.52
CA ILE H 140 13.71 50.41 4.28
C ILE H 140 12.80 51.14 3.30
N GLU H 141 12.40 52.36 3.65
CA GLU H 141 11.47 53.13 2.82
C GLU H 141 12.05 54.50 2.55
N ILE H 142 12.57 54.71 1.34
CA ILE H 142 13.13 55.98 0.94
C ILE H 142 12.06 56.76 0.20
N GLU H 143 11.56 57.82 0.83
CA GLU H 143 10.62 58.74 0.19
C GLU H 143 11.44 59.86 -0.46
N GLU H 144 10.80 60.96 -0.81
CA GLU H 144 11.55 62.09 -1.34
C GLU H 144 12.35 62.69 -0.19
N ASN H 145 13.62 62.29 -0.10
CA ASN H 145 14.54 62.79 0.93
C ASN H 145 14.01 62.54 2.34
N LYS H 146 13.32 61.40 2.53
CA LYS H 146 12.77 61.06 3.84
C LYS H 146 12.96 59.57 4.12
N PRO H 147 13.65 59.22 5.19
CA PRO H 147 13.83 57.79 5.53
C PRO H 147 12.83 57.31 6.58
N LYS H 148 12.34 56.07 6.42
CA LYS H 148 11.42 55.46 7.38
C LYS H 148 11.84 54.00 7.56
N ALA H 149 12.75 53.76 8.51
CA ALA H 149 13.23 52.41 8.77
C ALA H 149 12.34 51.70 9.79
N SER H 150 11.86 50.52 9.43
CA SER H 150 10.99 49.73 10.30
C SER H 150 11.52 48.30 10.38
N ILE H 151 11.56 47.75 11.59
CA ILE H 151 11.94 46.36 11.79
C ILE H 151 10.85 45.65 12.60
N GLU H 152 10.47 44.46 12.16
CA GLU H 152 9.39 43.69 12.75
C GLU H 152 9.89 42.29 13.09
N SER H 153 9.27 41.68 14.09
CA SER H 153 9.67 40.37 14.58
C SER H 153 8.45 39.58 15.02
N GLU H 154 8.41 38.29 14.69
CA GLU H 154 7.28 37.44 15.04
C GLU H 154 7.76 36.10 15.58
N TYR H 155 6.94 35.49 16.42
CA TYR H 155 7.21 34.19 17.03
C TYR H 155 5.90 33.44 17.19
N ALA H 156 5.86 32.16 16.81
CA ALA H 156 4.60 31.45 16.91
C ALA H 156 4.82 29.99 17.29
N GLU H 157 3.81 29.39 17.91
CA GLU H 157 3.82 28.00 18.33
C GLU H 157 2.42 27.43 18.12
N SER H 158 2.32 26.16 17.74
CA SER H 158 1.01 25.53 17.62
C SER H 158 1.16 24.01 17.76
N SER H 159 0.02 23.34 17.93
CA SER H 159 -0.03 21.88 18.01
C SER H 159 -1.35 21.35 17.48
N THR H 160 -1.33 20.09 17.03
CA THR H 160 -2.50 19.40 16.47
C THR H 160 -2.68 18.01 17.06
N ILE H 161 -3.92 17.66 17.37
CA ILE H 161 -4.31 16.33 17.88
C ILE H 161 -5.30 15.68 16.93
N GLU H 162 -5.07 14.41 16.58
CA GLU H 162 -5.98 13.66 15.72
C GLU H 162 -6.37 12.33 16.36
N TYR H 163 -7.64 11.93 16.16
CA TYR H 163 -8.14 10.64 16.60
C TYR H 163 -9.40 10.30 15.82
N VAL H 164 -9.91 9.08 16.01
CA VAL H 164 -11.05 8.54 15.26
C VAL H 164 -12.17 8.18 16.22
N GLN H 165 -13.41 8.48 15.82
CA GLN H 165 -14.58 8.34 16.69
C GLN H 165 -15.70 7.46 16.12
N PRO H 166 -15.97 6.29 16.71
CA PRO H 166 -17.13 5.50 16.29
C PRO H 166 -18.45 6.18 16.65
N ASP H 167 -19.53 5.66 16.07
CA ASP H 167 -20.88 6.12 16.39
C ASP H 167 -21.51 5.39 17.57
N PHE H 168 -21.08 4.15 17.83
CA PHE H 168 -21.52 3.38 18.99
C PHE H 168 -20.29 2.73 19.59
N SER H 169 -20.38 2.40 20.87
CA SER H 169 -19.24 1.87 21.60
C SER H 169 -19.64 0.65 22.40
N THR H 170 -18.83 -0.40 22.32
CA THR H 170 -19.11 -1.67 22.97
C THR H 170 -18.01 -1.94 23.98
N ILE H 171 -18.41 -2.17 25.24
CA ILE H 171 -17.47 -2.35 26.33
C ILE H 171 -17.79 -3.66 27.01
N GLN H 172 -16.79 -4.49 27.23
CA GLN H 172 -17.03 -5.70 28.02
C GLN H 172 -17.03 -5.27 29.47
N THR H 173 -18.05 -5.69 30.21
CA THR H 173 -18.18 -5.24 31.58
C THR H 173 -17.97 -6.35 32.59
N ASP H 174 -18.18 -7.60 32.21
CA ASP H 174 -17.91 -8.61 33.22
C ASP H 174 -17.52 -9.91 32.53
N HIS H 175 -16.66 -10.66 33.22
CA HIS H 175 -16.18 -11.97 32.81
C HIS H 175 -15.83 -12.74 34.06
N SER H 176 -16.41 -13.92 34.21
CA SER H 176 -16.15 -14.75 35.37
C SER H 176 -16.42 -16.20 34.99
N THR H 177 -16.33 -17.07 35.99
CA THR H 177 -16.55 -18.49 35.76
C THR H 177 -17.98 -18.77 35.29
N SER H 178 -18.92 -17.91 35.64
CA SER H 178 -20.32 -18.17 35.33
C SER H 178 -20.96 -17.15 34.39
N LYS H 179 -20.54 -15.89 34.41
CA LYS H 179 -21.27 -14.83 33.73
C LYS H 179 -20.36 -13.97 32.87
N ALA H 180 -20.76 -13.73 31.62
CA ALA H 180 -20.05 -12.78 30.77
C ALA H 180 -21.09 -11.77 30.31
N SER H 181 -20.82 -10.48 30.53
CA SER H 181 -21.80 -9.45 30.22
C SER H 181 -21.18 -8.30 29.44
N TRP H 182 -21.85 -7.94 28.34
CA TRP H 182 -21.47 -6.92 27.38
C TRP H 182 -22.60 -5.90 27.25
N ASP H 183 -22.28 -4.71 26.74
CA ASP H 183 -23.34 -3.74 26.47
C ASP H 183 -22.82 -2.65 25.54
N THR H 184 -23.76 -1.90 24.99
CA THR H 184 -23.49 -0.85 24.01
C THR H 184 -24.34 0.36 24.35
N LYS H 185 -23.86 1.55 23.99
CA LYS H 185 -24.53 2.78 24.37
C LYS H 185 -24.41 3.82 23.27
N PHE H 186 -25.34 4.77 23.29
CA PHE H 186 -25.34 5.86 22.32
C PHE H 186 -24.15 6.80 22.56
N THR H 187 -23.55 7.31 21.48
CA THR H 187 -22.33 8.10 21.61
C THR H 187 -22.51 9.56 21.19
N GLU H 188 -22.79 9.83 19.91
CA GLU H 188 -22.84 11.20 19.43
C GLU H 188 -23.35 11.19 17.99
N THR H 189 -23.75 12.37 17.51
CA THR H 189 -24.21 12.50 16.14
C THR H 189 -23.05 12.79 15.21
N THR H 190 -23.19 12.32 13.96
CA THR H 190 -22.14 12.55 12.97
C THR H 190 -22.11 14.00 12.53
N ARG H 191 -23.25 14.66 12.45
CA ARG H 191 -23.33 16.07 12.08
C ARG H 191 -23.74 16.86 13.32
N GLY H 192 -22.90 17.82 13.72
CA GLY H 192 -23.18 18.67 14.85
C GLY H 192 -22.55 18.25 16.16
N ASN H 193 -22.12 17.00 16.28
CA ASN H 193 -21.39 16.52 17.46
C ASN H 193 -22.15 16.79 18.75
N TYR H 194 -23.46 16.57 18.74
CA TYR H 194 -24.23 16.69 19.96
C TYR H 194 -24.25 15.37 20.72
N ASN H 195 -24.64 15.44 21.99
CA ASN H 195 -24.71 14.28 22.86
C ASN H 195 -25.86 14.47 23.84
N LEU H 196 -26.05 13.49 24.72
CA LEU H 196 -27.20 13.51 25.60
C LEU H 196 -27.13 14.55 26.70
N LYS H 197 -25.99 15.19 26.93
CA LYS H 197 -25.85 16.14 28.01
C LYS H 197 -25.68 17.58 27.54
N SER H 198 -25.78 17.84 26.24
CA SER H 198 -25.58 19.20 25.76
C SER H 198 -26.74 20.09 26.19
N ASN H 199 -26.48 21.39 26.28
CA ASN H 199 -27.52 22.32 26.73
C ASN H 199 -27.17 23.73 26.25
N ASN H 200 -27.85 24.16 25.19
CA ASN H 200 -27.74 25.54 24.71
C ASN H 200 -28.73 26.42 25.48
N PRO H 201 -28.31 27.58 26.00
CA PRO H 201 -29.19 28.38 26.85
C PRO H 201 -30.56 28.72 26.28
N VAL H 202 -30.65 28.98 24.97
CA VAL H 202 -31.91 29.43 24.37
C VAL H 202 -32.51 28.42 23.42
N TYR H 203 -31.75 27.42 22.98
CA TYR H 203 -32.29 26.40 22.08
C TYR H 203 -32.39 25.03 22.72
N GLY H 204 -31.95 24.88 23.97
CA GLY H 204 -31.98 23.58 24.61
C GLY H 204 -31.10 22.60 23.85
N ASN H 205 -31.63 21.40 23.64
CA ASN H 205 -30.90 20.35 22.95
C ASN H 205 -31.28 20.35 21.47
N GLU H 206 -30.28 20.46 20.60
CA GLU H 206 -30.53 20.59 19.17
C GLU H 206 -30.34 19.27 18.43
N MET H 207 -30.29 18.16 19.15
CA MET H 207 -30.28 16.84 18.53
C MET H 207 -31.58 16.60 17.80
N PHE H 208 -31.50 16.00 16.62
CA PHE H 208 -32.67 15.69 15.79
C PHE H 208 -33.56 16.91 15.57
N MET H 209 -32.95 18.04 15.23
CA MET H 209 -33.71 19.24 14.88
C MET H 209 -33.23 19.77 13.54
N TYR H 210 -34.13 19.89 12.58
CA TYR H 210 -33.76 20.37 11.25
C TYR H 210 -33.51 21.87 11.21
N GLY H 211 -34.55 22.66 11.44
CA GLY H 211 -34.43 24.10 11.33
C GLY H 211 -35.02 24.82 12.52
N ARG H 212 -34.31 25.84 13.01
CA ARG H 212 -34.79 26.58 14.17
C ARG H 212 -36.04 27.40 13.85
N TYR H 213 -36.17 27.89 12.61
CA TYR H 213 -37.26 28.82 12.29
C TYR H 213 -38.09 28.36 11.09
N THR H 214 -38.10 27.07 10.78
CA THR H 214 -38.76 26.60 9.56
C THR H 214 -40.25 26.92 9.52
N ASN H 215 -40.90 27.09 10.67
CA ASN H 215 -42.33 27.43 10.74
C ASN H 215 -43.19 26.42 9.98
N VAL H 216 -43.01 25.15 10.30
CA VAL H 216 -43.84 24.08 9.76
C VAL H 216 -44.30 23.23 10.94
N PRO H 217 -45.31 22.37 10.74
CA PRO H 217 -45.79 21.54 11.85
C PRO H 217 -44.68 20.69 12.46
N ALA H 218 -44.75 20.51 13.78
CA ALA H 218 -43.75 19.78 14.54
C ALA H 218 -43.28 18.51 13.86
N THR H 219 -44.22 17.70 13.37
CA THR H 219 -43.86 16.46 12.71
C THR H 219 -42.90 16.69 11.55
N GLU H 220 -43.11 17.78 10.82
CA GLU H 220 -42.28 18.10 9.66
C GLU H 220 -40.91 18.65 10.02
N ASN H 221 -40.70 19.16 11.23
CA ASN H 221 -39.40 19.69 11.60
C ASN H 221 -38.38 18.64 12.02
N ILE H 222 -38.75 17.37 12.11
CA ILE H 222 -37.77 16.37 12.51
C ILE H 222 -36.71 16.22 11.42
N ILE H 223 -35.60 15.58 11.79
CA ILE H 223 -34.42 15.48 10.94
C ILE H 223 -34.59 14.30 9.98
N PRO H 224 -34.07 14.38 8.76
CA PRO H 224 -34.19 13.25 7.84
C PRO H 224 -33.57 11.99 8.42
N ASP H 225 -34.20 10.86 8.14
CA ASP H 225 -33.81 9.61 8.80
C ASP H 225 -32.39 9.18 8.47
N TYR H 226 -31.92 9.44 7.25
CA TYR H 226 -30.64 8.87 6.84
C TYR H 226 -29.49 9.37 7.70
N GLN H 227 -29.59 10.60 8.20
CA GLN H 227 -28.51 11.12 9.04
C GLN H 227 -28.42 10.37 10.36
N MET H 228 -29.52 9.80 10.83
CA MET H 228 -29.47 8.99 12.04
C MET H 228 -28.69 7.70 11.81
N SER H 229 -28.10 7.19 12.87
CA SER H 229 -27.32 5.96 12.78
C SER H 229 -28.22 4.78 12.42
N LYS H 230 -27.62 3.80 11.72
CA LYS H 230 -28.35 2.59 11.36
C LYS H 230 -28.86 1.85 12.59
N LEU H 231 -28.07 1.85 13.67
CA LEU H 231 -28.48 1.14 14.87
C LEU H 231 -29.66 1.77 15.59
N ILE H 232 -30.04 3.00 15.27
CA ILE H 232 -31.22 3.56 15.92
C ILE H 232 -32.45 3.28 15.07
N THR H 233 -32.32 3.41 13.76
CA THR H 233 -33.42 3.10 12.87
C THR H 233 -33.69 1.59 12.86
N GLY H 234 -32.62 0.80 12.79
CA GLY H 234 -32.74 -0.64 12.74
C GLY H 234 -31.96 -1.29 13.87
N GLY H 235 -32.30 -2.55 14.11
CA GLY H 235 -31.79 -3.22 15.30
C GLY H 235 -30.32 -3.56 15.24
N LEU H 236 -29.77 -3.81 16.42
CA LEU H 236 -28.40 -4.30 16.55
C LEU H 236 -28.32 -5.77 16.20
N ASN H 237 -27.18 -6.20 15.64
CA ASN H 237 -26.92 -7.59 15.29
C ASN H 237 -25.75 -8.14 16.11
N PRO H 238 -26.01 -8.79 17.23
CA PRO H 238 -24.91 -9.20 18.11
C PRO H 238 -24.06 -10.31 17.51
N ASN H 239 -22.79 -10.33 17.91
CA ASN H 239 -21.90 -11.45 17.64
C ASN H 239 -21.07 -11.66 18.90
N MET H 240 -21.27 -12.77 19.59
CA MET H 240 -20.54 -13.03 20.84
C MET H 240 -20.11 -14.48 20.88
N SER H 241 -18.94 -14.79 21.41
CA SER H 241 -18.53 -16.19 21.50
C SER H 241 -18.00 -16.52 22.89
N VAL H 242 -18.33 -17.72 23.38
CA VAL H 242 -17.87 -18.19 24.69
C VAL H 242 -17.36 -19.62 24.59
N VAL H 243 -16.24 -19.90 25.25
CA VAL H 243 -15.64 -21.24 25.24
C VAL H 243 -15.92 -21.94 26.57
N LEU H 244 -16.43 -23.17 26.50
CA LEU H 244 -16.73 -23.98 27.67
C LEU H 244 -15.88 -25.24 27.63
N THR H 245 -15.45 -25.70 28.80
CA THR H 245 -14.77 -26.99 28.91
C THR H 245 -15.37 -27.83 30.02
N ALA H 246 -15.14 -29.13 29.96
CA ALA H 246 -15.70 -30.03 30.96
C ALA H 246 -14.84 -31.27 31.06
N PRO H 247 -14.85 -31.94 32.22
CA PRO H 247 -14.14 -33.23 32.34
C PRO H 247 -14.86 -34.33 31.60
N ASN H 248 -14.16 -35.45 31.43
CA ASN H 248 -14.67 -36.57 30.65
C ASN H 248 -15.96 -37.10 31.24
N GLY H 249 -16.93 -37.41 30.37
CA GLY H 249 -18.17 -38.04 30.76
C GLY H 249 -19.37 -37.12 30.91
N THR H 250 -19.16 -35.81 30.90
CA THR H 250 -20.26 -34.86 31.08
C THR H 250 -21.31 -35.03 29.98
N GLU H 251 -22.59 -35.00 30.37
CA GLU H 251 -23.67 -35.26 29.43
C GLU H 251 -24.66 -34.12 29.19
N GLU H 252 -24.79 -33.16 30.10
CA GLU H 252 -25.84 -32.15 29.96
C GLU H 252 -25.38 -30.79 30.48
N SER H 253 -25.99 -29.73 29.96
CA SER H 253 -25.64 -28.38 30.40
C SER H 253 -26.76 -27.41 30.04
N ILE H 254 -27.03 -26.45 30.93
CA ILE H 254 -28.03 -25.41 30.68
C ILE H 254 -27.36 -24.06 30.45
N ILE H 255 -27.76 -23.37 29.38
CA ILE H 255 -27.24 -22.04 29.05
C ILE H 255 -28.38 -21.02 29.10
N LYS H 256 -28.21 -19.94 29.87
CA LYS H 256 -29.20 -18.86 29.92
C LYS H 256 -28.68 -17.59 29.24
N VAL H 257 -29.50 -17.00 28.37
CA VAL H 257 -29.12 -15.76 27.67
C VAL H 257 -30.10 -14.66 28.03
N LYS H 258 -29.59 -13.56 28.59
CA LYS H 258 -30.42 -12.44 29.04
C LYS H 258 -30.21 -11.25 28.12
N MET H 259 -31.32 -10.63 27.68
CA MET H 259 -31.24 -9.49 26.76
C MET H 259 -32.06 -8.32 27.31
N GLU H 260 -31.44 -7.14 27.39
CA GLU H 260 -32.12 -5.92 27.86
C GLU H 260 -31.95 -4.79 26.86
N ARG H 261 -32.97 -3.93 26.77
CA ARG H 261 -32.95 -2.72 25.95
C ARG H 261 -33.51 -1.52 26.68
N GLU H 262 -32.79 -0.39 26.66
CA GLU H 262 -33.24 0.87 27.26
C GLU H 262 -33.42 1.94 26.19
N ARG H 263 -34.52 2.72 26.34
CA ARG H 263 -34.92 3.79 25.42
C ARG H 263 -35.34 5.05 26.18
N ASN H 264 -35.30 6.20 25.47
CA ASN H 264 -35.71 7.50 26.02
C ASN H 264 -36.47 8.29 24.96
N CYS H 265 -36.93 9.50 25.33
CA CYS H 265 -37.74 10.33 24.43
C CYS H 265 -37.19 11.76 24.28
N TYR H 266 -37.30 12.29 23.06
CA TYR H 266 -36.94 13.65 22.69
C TYR H 266 -38.20 14.50 22.48
N TYR H 267 -38.21 15.74 23.00
CA TYR H 267 -39.40 16.58 22.92
C TYR H 267 -39.08 17.97 22.38
N LEU H 268 -39.94 18.48 21.49
CA LEU H 268 -39.74 19.77 20.82
C LEU H 268 -41.00 20.63 20.86
N ASN H 269 -40.84 21.93 21.13
CA ASN H 269 -41.98 22.84 21.25
C ASN H 269 -41.56 24.28 20.94
N TRP H 270 -42.57 25.16 20.86
CA TRP H 270 -42.32 26.60 20.69
C TRP H 270 -42.08 27.31 22.01
N ASN H 271 -41.18 28.29 21.95
CA ASN H 271 -40.90 29.23 23.04
C ASN H 271 -40.91 30.58 22.31
N GLY H 272 -42.08 31.19 22.23
CA GLY H 272 -42.20 32.38 21.40
C GLY H 272 -41.92 32.03 19.95
N ALA H 273 -40.93 32.69 19.37
CA ALA H 273 -40.54 32.42 18.00
C ALA H 273 -39.47 31.33 17.89
N ASN H 274 -38.95 30.83 19.00
CA ASN H 274 -37.85 29.88 18.98
C ASN H 274 -38.35 28.45 19.06
N TRP H 275 -37.68 27.57 18.35
CA TRP H 275 -37.97 26.13 18.36
C TRP H 275 -37.01 25.50 19.37
N VAL H 276 -37.52 24.95 20.46
CA VAL H 276 -36.62 24.47 21.50
C VAL H 276 -36.94 23.00 21.77
N GLY H 277 -35.96 22.28 22.34
CA GLY H 277 -36.16 20.90 22.68
C GLY H 277 -35.52 20.51 24.00
N GLN H 278 -35.80 19.27 24.40
CA GLN H 278 -35.32 18.72 25.65
C GLN H 278 -35.29 17.20 25.54
N VAL H 279 -34.44 16.59 26.35
CA VAL H 279 -34.36 15.14 26.47
C VAL H 279 -34.61 14.74 27.91
N TYR H 280 -35.51 13.79 28.12
CA TYR H 280 -35.80 13.30 29.47
C TYR H 280 -35.25 11.88 29.67
N ASN H 289 -38.99 3.15 29.54
CA ASN H 289 -39.01 1.86 30.23
C ASN H 289 -37.80 1.03 29.84
N VAL H 290 -37.76 -0.21 30.31
CA VAL H 290 -36.68 -1.15 30.02
C VAL H 290 -37.31 -2.49 29.64
N ASP H 291 -36.96 -3.01 28.47
CA ASP H 291 -37.47 -4.32 28.05
C ASP H 291 -36.40 -5.37 28.28
N SER H 292 -36.82 -6.57 28.67
CA SER H 292 -35.85 -7.64 28.89
C SER H 292 -36.51 -9.00 28.71
N HIS H 293 -35.67 -10.00 28.43
CA HIS H 293 -36.17 -11.37 28.34
C HIS H 293 -35.01 -12.34 28.53
N ILE H 294 -35.32 -13.50 29.11
CA ILE H 294 -34.36 -14.58 29.32
C ILE H 294 -34.72 -15.80 28.49
N PHE H 295 -33.75 -16.29 27.69
CA PHE H 295 -33.85 -17.46 26.85
C PHE H 295 -33.07 -18.60 27.47
N THR H 296 -33.54 -19.84 27.27
CA THR H 296 -32.87 -21.01 27.83
C THR H 296 -32.58 -22.03 26.74
N PHE H 297 -31.39 -22.63 26.81
CA PHE H 297 -30.99 -23.68 25.89
C PHE H 297 -30.42 -24.86 26.66
N LYS H 298 -30.59 -26.06 26.11
CA LYS H 298 -30.05 -27.27 26.69
C LYS H 298 -29.03 -27.91 25.76
N ILE H 299 -27.92 -28.35 26.33
CA ILE H 299 -26.82 -28.93 25.58
C ILE H 299 -26.70 -30.39 25.99
N ASN H 300 -26.46 -31.26 25.01
CA ASN H 300 -26.16 -32.68 25.20
C ASN H 300 -24.78 -32.94 24.64
N TRP H 301 -23.83 -33.22 25.53
CA TRP H 301 -22.44 -33.43 25.12
C TRP H 301 -22.26 -34.78 24.45
N LEU H 302 -22.87 -35.83 25.01
CA LEU H 302 -22.64 -37.18 24.50
C LEU H 302 -23.23 -37.36 23.11
N THR H 303 -24.41 -36.83 22.87
CA THR H 303 -25.06 -36.97 21.57
C THR H 303 -24.76 -35.81 20.63
N HIS H 304 -23.97 -34.82 21.06
CA HIS H 304 -23.63 -33.67 20.23
C HIS H 304 -24.89 -32.95 19.74
N LYS H 305 -25.76 -32.57 20.68
CA LYS H 305 -27.03 -31.94 20.31
C LYS H 305 -27.27 -30.67 21.11
N VAL H 306 -27.91 -29.70 20.47
CA VAL H 306 -28.34 -28.46 21.12
C VAL H 306 -29.83 -28.31 20.85
N THR H 307 -30.60 -28.01 21.89
CA THR H 307 -32.03 -27.79 21.66
C THR H 307 -32.52 -26.63 22.49
N ALA H 308 -33.68 -26.10 22.07
CA ALA H 308 -34.38 -25.12 22.86
C ALA H 308 -35.03 -25.80 24.06
N ILE H 309 -35.38 -25.00 25.05
CA ILE H 309 -36.04 -25.55 26.24
C ILE H 309 -36.98 -24.51 26.83
#